data_5N9D
#
_entry.id   5N9D
#
_cell.length_a   305.436
_cell.length_b   51.339
_cell.length_c   164.947
_cell.angle_alpha   90.00
_cell.angle_beta   114.80
_cell.angle_gamma   90.00
#
_symmetry.space_group_name_H-M   'C 1 2 1'
#
loop_
_entity.id
_entity.type
_entity.pdbx_description
1 polymer 'CG9323, isoform A'
2 polymer "DNA (5'-D(P*GP*GP*GP*TP*TP*AP*GP*GP*GP*T)-3')"
3 water water
#
loop_
_entity_poly.entity_id
_entity_poly.type
_entity_poly.pdbx_seq_one_letter_code
_entity_poly.pdbx_strand_id
1 'polypeptide(L)'
;MQRDRDSSGSNARKGNRPPGLRGKDIGLYYRNLARQQKKDRGENAESKEPQIRLGCNVSAPSGVLERVKELMEDYSRAPS
RQNVDDKNVDAKFQQQFRHLLSVNFEEFVAETKERNADLDWVNPKLDERLQLELGQRQLEENAKKRLEARKKLPTMKYAD
DIIQAVRENQVILIVGSTGCGKTTQVPQILLDDAISRGCASSCRIICTQPRRISAIAIAEWVSYERCESLGNSVGYQIRL
ESRKARERASITYCTTGVLLQQLQSDPLMHNLSVLILDEIHERSVETDLLMGLLKVILPHRPDLKVILMSATVREQDFCD
YFNNCPMFRIEGVMFPVKMLYLEDVLSKTNYEFQKFRDRRPKRDPPERRMKHEAMIEPYLRRIRNSYDSRVLDKLRLPES
EGCEDIDFIADLVYYICENEPEGAILVFLPGYDKISQLYNILDKPKTSKGQRWRDHMAVFPLHSLMQSGEQQAVFRRPPA
GQRKVIISTIIAETSVTIDDVVYVINSGRTKATNYDIETNIQSLDEVWVTKANTQQRRGRAGRVRPGICYNLFSRAREDR
MDDIPTPEILRSKLESIILSLKLLHIDDPYRFLQTLINAPNPEAIKMGVELLKRIEALDQTGTLTPLGMHLAKLPIDPQM
GKMILMSALFCCLDPITSAAAALSFKSPFYSPLGKESRVDEIKRRMARNMRSDHLMVHNTIIAYRDSRYSHAERDFCYKN
FLSSMTLQQLERMKNQFSELLYNYKFLASSNCKDAASNKNSEKIPLLRAIIGAGLYPNMAHLRKSRQIKNRVRAIHTMAT
DDGRRVNFHPSSVNSGESGFDSAYFVYFQRQKSTDLFLLDSTMVFPMALIIFGDGVEAGVTQNTPYLCVAKTYYFKCNRE
TADVVIQLRSNLEKLLLKKALYPAPIEENGYEKQLIKAIELLLSLDERLGEDYISSDEIDDIVD
;
A,B
2 'polydeoxyribonucleotide' (DG)(DG)(DG)(DT)(DT)(DA)(DG)(DG)(DG)(DT) C,D
#
loop_
_chem_comp.id
_chem_comp.type
_chem_comp.name
_chem_comp.formula
DA DNA linking 2'-DEOXYADENOSINE-5'-MONOPHOSPHATE 'C10 H14 N5 O6 P'
DG DNA linking 2'-DEOXYGUANOSINE-5'-MONOPHOSPHATE 'C10 H14 N5 O7 P'
DT DNA linking THYMIDINE-5'-MONOPHOSPHATE 'C10 H15 N2 O8 P'
#
# COMPACT_ATOMS: atom_id res chain seq x y z
N ILE A 52 49.56 -24.28 -32.35
CA ILE A 52 48.28 -23.64 -32.60
C ILE A 52 47.67 -24.09 -33.95
N ARG A 53 46.46 -24.65 -33.89
CA ARG A 53 45.69 -25.14 -35.04
C ARG A 53 44.71 -24.07 -35.52
N LEU A 54 43.95 -24.38 -36.56
CA LEU A 54 42.98 -23.41 -37.08
C LEU A 54 41.67 -24.10 -37.45
N GLY A 55 40.56 -23.52 -37.01
CA GLY A 55 39.26 -24.11 -37.21
C GLY A 55 38.53 -23.49 -38.39
N CYS A 56 37.23 -23.81 -38.47
CA CYS A 56 36.44 -23.47 -39.65
C CYS A 56 36.31 -21.96 -39.80
N ASN A 57 36.01 -21.54 -41.02
CA ASN A 57 35.91 -20.12 -41.34
C ASN A 57 34.60 -19.52 -40.85
N VAL A 58 34.68 -18.38 -40.16
CA VAL A 58 33.50 -17.74 -39.63
C VAL A 58 33.29 -16.35 -40.25
N SER A 59 33.96 -16.06 -41.36
CA SER A 59 33.74 -14.79 -42.03
C SER A 59 32.30 -14.69 -42.50
N ALA A 60 31.81 -13.48 -42.57
CA ALA A 60 30.42 -13.26 -42.93
C ALA A 60 30.30 -12.60 -44.30
N PRO A 61 29.23 -12.91 -45.05
CA PRO A 61 28.99 -12.22 -46.32
C PRO A 61 28.93 -10.71 -46.16
N SER A 62 29.38 -10.01 -47.23
CA SER A 62 29.49 -8.57 -47.19
C SER A 62 28.16 -7.90 -46.89
N GLY A 63 27.09 -8.40 -47.52
CA GLY A 63 25.79 -7.78 -47.34
C GLY A 63 25.32 -7.87 -45.90
N VAL A 64 25.61 -8.98 -45.24
CA VAL A 64 25.31 -9.09 -43.83
C VAL A 64 26.18 -8.13 -43.02
N LEU A 65 27.48 -8.09 -43.30
CA LEU A 65 28.37 -7.16 -42.60
C LEU A 65 27.89 -5.71 -42.74
N GLU A 66 27.40 -5.33 -43.90
CA GLU A 66 27.00 -3.94 -44.06
C GLU A 66 25.73 -3.65 -43.25
N ARG A 67 24.82 -4.61 -43.15
CA ARG A 67 23.59 -4.38 -42.41
C ARG A 67 23.86 -4.36 -40.91
N VAL A 68 24.81 -5.18 -40.43
CA VAL A 68 25.21 -5.11 -39.04
C VAL A 68 25.78 -3.73 -38.75
N LYS A 69 26.65 -3.25 -39.65
CA LYS A 69 27.24 -1.93 -39.45
C LYS A 69 26.17 -0.85 -39.34
N GLU A 70 25.19 -0.88 -40.26
CA GLU A 70 24.09 0.08 -40.20
C GLU A 70 23.40 0.01 -38.85
N LEU A 71 23.19 -1.20 -38.33
CA LEU A 71 22.39 -1.34 -37.13
C LEU A 71 23.19 -0.96 -35.89
N MET A 72 24.49 -1.28 -35.87
CA MET A 72 25.30 -0.79 -34.75
C MET A 72 25.44 0.71 -34.80
N GLU A 73 25.41 1.31 -35.99
CA GLU A 73 25.47 2.76 -36.06
C GLU A 73 24.15 3.37 -35.63
N ASP A 74 23.03 2.72 -35.95
CA ASP A 74 21.74 3.15 -35.41
C ASP A 74 21.73 3.02 -33.87
N TYR A 75 22.17 1.88 -33.34
CA TYR A 75 22.27 1.75 -31.88
C TYR A 75 23.09 2.88 -31.27
N SER A 76 24.12 3.37 -31.96
CA SER A 76 25.07 4.30 -31.35
C SER A 76 24.63 5.75 -31.38
N ARG A 77 23.41 6.07 -31.77
CA ARG A 77 23.02 7.47 -31.76
C ARG A 77 21.74 7.65 -30.95
N ALA A 78 21.66 6.94 -29.91
CA ALA A 78 20.76 7.02 -28.76
C ALA A 78 21.42 7.85 -27.66
N PRO A 79 20.67 8.75 -27.02
CA PRO A 79 21.17 9.56 -25.91
C PRO A 79 21.20 8.79 -24.59
N ASP A 90 13.81 6.45 -15.32
CA ASP A 90 13.50 6.21 -13.91
C ASP A 90 14.26 5.00 -13.35
N ALA A 91 15.31 5.27 -12.56
CA ALA A 91 16.05 4.20 -11.89
C ALA A 91 15.98 4.34 -10.37
N LYS A 92 14.93 3.79 -9.76
CA LYS A 92 15.03 3.47 -8.35
C LYS A 92 16.11 2.42 -8.11
N PHE A 93 16.29 1.49 -9.06
CA PHE A 93 17.24 0.40 -8.83
C PHE A 93 18.65 0.94 -8.65
N GLN A 94 19.02 1.95 -9.43
CA GLN A 94 20.35 2.50 -9.34
C GLN A 94 20.61 3.09 -7.97
N GLN A 95 19.63 3.83 -7.43
CA GLN A 95 19.79 4.44 -6.11
C GLN A 95 19.92 3.36 -5.04
N GLN A 96 19.08 2.34 -5.12
CA GLN A 96 19.21 1.16 -4.26
C GLN A 96 20.63 0.59 -4.32
N PHE A 97 21.18 0.46 -5.54
CA PHE A 97 22.45 -0.24 -5.68
C PHE A 97 23.59 0.56 -5.07
N ARG A 98 23.69 1.85 -5.42
CA ARG A 98 24.70 2.68 -4.76
C ARG A 98 24.47 2.78 -3.26
N HIS A 99 23.21 2.71 -2.81
CA HIS A 99 22.94 2.84 -1.37
C HIS A 99 23.50 1.64 -0.63
N LEU A 100 23.25 0.43 -1.13
CA LEU A 100 23.89 -0.76 -0.59
C LEU A 100 25.41 -0.59 -0.55
N LEU A 101 26.00 0.01 -1.59
CA LEU A 101 27.45 0.10 -1.62
C LEU A 101 28.02 1.18 -0.70
N SER A 102 27.20 2.13 -0.25
CA SER A 102 27.67 3.27 0.51
C SER A 102 27.73 2.99 2.02
N VAL A 103 26.73 2.28 2.55
CA VAL A 103 26.62 2.06 3.98
C VAL A 103 27.67 1.05 4.45
N ASN A 104 28.28 1.33 5.61
CA ASN A 104 29.06 0.31 6.29
C ASN A 104 28.14 -0.54 7.17
N PHE A 105 28.71 -1.55 7.82
CA PHE A 105 27.87 -2.55 8.48
C PHE A 105 27.07 -1.96 9.63
N GLU A 106 27.61 -0.98 10.34
CA GLU A 106 26.85 -0.41 11.44
C GLU A 106 25.63 0.32 10.94
N GLU A 107 25.76 1.06 9.84
CA GLU A 107 24.60 1.75 9.29
C GLU A 107 23.62 0.74 8.73
N PHE A 108 24.12 -0.33 8.12
CA PHE A 108 23.27 -1.39 7.59
C PHE A 108 22.31 -1.93 8.65
N VAL A 109 22.86 -2.31 9.82
CA VAL A 109 22.03 -2.82 10.93
C VAL A 109 21.02 -1.79 11.38
N ALA A 110 21.47 -0.57 11.63
CA ALA A 110 20.56 0.48 12.04
C ALA A 110 19.40 0.58 11.06
N GLU A 111 19.69 0.67 9.76
CA GLU A 111 18.62 0.83 8.79
C GLU A 111 17.66 -0.36 8.79
N THR A 112 18.19 -1.58 8.96
CA THR A 112 17.28 -2.72 8.91
C THR A 112 16.45 -2.84 10.18
N LYS A 113 16.97 -2.37 11.33
CA LYS A 113 16.17 -2.39 12.55
C LYS A 113 14.92 -1.52 12.40
N GLU A 114 15.10 -0.30 11.88
CA GLU A 114 13.96 0.59 11.69
C GLU A 114 13.03 0.13 10.58
N ARG A 115 13.57 -0.53 9.54
CA ARG A 115 12.73 -0.93 8.40
C ARG A 115 11.85 -2.13 8.74
N ASN A 116 12.32 -3.06 9.59
CA ASN A 116 11.58 -4.26 9.94
C ASN A 116 11.19 -4.15 11.42
N ALA A 117 10.03 -3.53 11.66
CA ALA A 117 9.62 -3.17 13.02
C ALA A 117 8.26 -3.75 13.43
N ASP A 118 7.66 -4.62 12.59
CA ASP A 118 6.30 -5.12 12.81
C ASP A 118 6.12 -5.72 14.21
N LEU A 119 7.10 -6.48 14.70
CA LEU A 119 6.95 -7.15 15.99
C LEU A 119 7.22 -6.23 17.18
N ASP A 120 7.58 -4.95 16.96
CA ASP A 120 7.50 -3.99 18.05
C ASP A 120 6.05 -3.75 18.47
N TRP A 121 5.06 -4.31 17.78
CA TRP A 121 3.65 -4.03 18.02
C TRP A 121 2.94 -5.30 18.46
N VAL A 122 2.08 -5.15 19.46
CA VAL A 122 1.33 -6.27 20.04
C VAL A 122 -0.14 -5.89 20.09
N ASN A 123 -0.99 -6.91 20.24
CA ASN A 123 -2.44 -6.75 20.20
C ASN A 123 -3.07 -7.22 21.51
N PRO A 124 -3.19 -6.35 22.51
CA PRO A 124 -3.65 -6.80 23.84
C PRO A 124 -5.03 -7.41 23.83
N LYS A 125 -5.96 -6.93 22.98
CA LYS A 125 -7.26 -7.60 22.89
C LYS A 125 -7.11 -8.98 22.24
N LEU A 126 -6.08 -9.18 21.42
CA LEU A 126 -5.88 -10.51 20.84
C LEU A 126 -5.15 -11.44 21.82
N ASP A 127 -4.10 -10.93 22.46
CA ASP A 127 -3.48 -11.63 23.58
C ASP A 127 -4.55 -12.23 24.48
N GLU A 128 -5.50 -11.41 24.89
CA GLU A 128 -6.48 -11.85 25.87
C GLU A 128 -7.44 -12.87 25.28
N ARG A 129 -7.86 -12.68 24.04
CA ARG A 129 -8.80 -13.63 23.43
C ARG A 129 -8.19 -15.01 23.34
N LEU A 130 -6.93 -15.10 22.88
CA LEU A 130 -6.32 -16.40 22.66
C LEU A 130 -6.03 -17.10 23.99
N GLN A 131 -5.57 -16.34 24.98
CA GLN A 131 -5.37 -16.91 26.30
C GLN A 131 -6.65 -17.53 26.81
N LEU A 132 -7.79 -16.92 26.50
CA LEU A 132 -9.07 -17.42 27.01
C LEU A 132 -9.51 -18.68 26.28
N GLU A 133 -9.54 -18.64 24.93
CA GLU A 133 -10.00 -19.79 24.17
C GLU A 133 -9.07 -21.00 24.35
N LEU A 134 -7.80 -20.78 24.65
CA LEU A 134 -6.91 -21.91 24.91
C LEU A 134 -7.27 -22.57 26.23
N GLY A 135 -7.41 -21.79 27.30
CA GLY A 135 -7.92 -22.34 28.55
C GLY A 135 -9.20 -23.13 28.36
N GLN A 136 -10.11 -22.63 27.53
CA GLN A 136 -11.38 -23.29 27.31
C GLN A 136 -11.21 -24.59 26.54
N ARG A 137 -10.43 -24.56 25.46
CA ARG A 137 -10.34 -25.72 24.61
C ARG A 137 -9.55 -26.86 25.24
N GLN A 138 -8.91 -26.63 26.39
CA GLN A 138 -8.26 -27.73 27.11
C GLN A 138 -9.14 -28.28 28.21
N LEU A 139 -10.40 -27.85 28.27
CA LEU A 139 -11.40 -28.53 29.08
C LEU A 139 -12.38 -29.32 28.23
N GLU A 140 -12.20 -29.29 26.90
CA GLU A 140 -13.06 -30.02 25.98
C GLU A 140 -12.33 -31.28 25.52
N GLU A 141 -13.08 -32.19 24.88
CA GLU A 141 -12.67 -33.59 24.83
C GLU A 141 -12.43 -34.10 23.41
N ASN A 142 -11.95 -33.25 22.52
CA ASN A 142 -11.14 -33.67 21.39
C ASN A 142 -9.71 -33.17 21.52
N ALA A 143 -9.53 -32.08 22.27
CA ALA A 143 -8.32 -31.87 23.04
C ALA A 143 -8.47 -32.60 24.37
N LYS A 144 -7.38 -32.66 25.11
CA LYS A 144 -7.35 -33.21 26.47
C LYS A 144 -7.48 -34.72 26.36
N LYS A 145 -7.74 -35.22 25.15
CA LYS A 145 -7.33 -36.52 24.61
C LYS A 145 -6.15 -36.33 23.67
N ARG A 146 -6.22 -35.34 22.78
CA ARG A 146 -5.01 -35.06 22.02
C ARG A 146 -3.87 -34.66 22.96
N LEU A 147 -4.17 -34.25 24.20
CA LEU A 147 -3.09 -33.90 25.11
C LEU A 147 -2.51 -35.10 25.86
N GLU A 148 -3.33 -36.10 26.18
CA GLU A 148 -2.77 -37.30 26.81
C GLU A 148 -1.71 -37.92 25.89
N ALA A 149 -2.02 -38.07 24.60
CA ALA A 149 -1.06 -38.73 23.72
C ALA A 149 0.17 -37.88 23.44
N ARG A 150 0.08 -36.56 23.59
CA ARG A 150 1.28 -35.73 23.56
C ARG A 150 2.15 -36.00 24.78
N LYS A 151 1.53 -36.13 25.96
CA LYS A 151 2.28 -36.37 27.19
C LYS A 151 2.90 -37.76 27.25
N LYS A 152 2.53 -38.66 26.34
CA LYS A 152 3.31 -39.88 26.14
C LYS A 152 4.64 -39.62 25.44
N LEU A 153 4.89 -38.34 24.94
CA LEU A 153 6.16 -38.18 24.24
C LEU A 153 7.26 -37.74 25.20
N PRO A 154 8.47 -38.28 25.04
CA PRO A 154 9.56 -37.96 25.97
C PRO A 154 9.80 -36.48 26.15
N THR A 155 9.64 -35.69 25.09
CA THR A 155 9.97 -34.26 25.15
C THR A 155 9.08 -33.54 26.14
N MET A 156 7.79 -33.89 26.17
CA MET A 156 6.83 -33.24 27.06
C MET A 156 7.19 -33.37 28.54
N LYS A 157 8.02 -34.34 28.91
CA LYS A 157 8.47 -34.46 30.29
C LYS A 157 9.47 -33.37 30.64
N TYR A 158 10.23 -32.88 29.66
CA TYR A 158 11.16 -31.77 29.86
C TYR A 158 10.56 -30.42 29.56
N ALA A 159 9.25 -30.33 29.34
CA ALA A 159 8.64 -29.08 28.89
C ALA A 159 9.05 -27.89 29.76
N ASP A 160 8.74 -27.95 31.06
CA ASP A 160 8.95 -26.79 31.94
C ASP A 160 10.42 -26.39 32.02
N ASP A 161 11.34 -27.34 31.98
CA ASP A 161 12.76 -26.99 31.94
C ASP A 161 13.10 -26.24 30.66
N ILE A 162 12.49 -26.65 29.56
CA ILE A 162 12.80 -26.04 28.27
C ILE A 162 12.32 -24.59 28.27
N ILE A 163 11.09 -24.37 28.73
CA ILE A 163 10.56 -23.01 28.82
C ILE A 163 11.52 -22.12 29.60
N GLN A 164 12.08 -22.64 30.70
CA GLN A 164 12.93 -21.83 31.57
C GLN A 164 14.32 -21.68 30.99
N ALA A 165 14.84 -22.76 30.41
CA ALA A 165 16.14 -22.69 29.77
C ALA A 165 16.14 -21.68 28.62
N VAL A 166 15.03 -21.60 27.85
CA VAL A 166 14.96 -20.60 26.80
C VAL A 166 14.89 -19.20 27.40
N ARG A 167 14.12 -19.05 28.47
CA ARG A 167 14.01 -17.75 29.13
C ARG A 167 15.37 -17.23 29.62
N GLU A 168 16.27 -18.11 30.07
CA GLU A 168 17.53 -17.66 30.65
C GLU A 168 18.67 -17.56 29.65
N ASN A 169 18.56 -18.20 28.49
CA ASN A 169 19.64 -18.25 27.51
C ASN A 169 19.15 -17.91 26.13
N GLN A 170 19.99 -17.21 25.38
CA GLN A 170 19.66 -16.82 24.00
C GLN A 170 19.70 -18.01 23.07
N VAL A 171 20.68 -18.89 23.28
CA VAL A 171 20.88 -20.11 22.50
C VAL A 171 20.82 -21.30 23.46
N ILE A 172 19.99 -22.29 23.13
CA ILE A 172 20.04 -23.62 23.74
C ILE A 172 20.09 -24.66 22.63
N LEU A 173 20.35 -25.91 23.02
CA LEU A 173 20.44 -27.03 22.09
C LEU A 173 19.65 -28.20 22.66
N ILE A 174 18.78 -28.78 21.85
CA ILE A 174 18.04 -29.95 22.24
C ILE A 174 18.52 -31.10 21.38
N VAL A 175 19.06 -32.14 22.02
CA VAL A 175 19.56 -33.34 21.37
C VAL A 175 18.62 -34.48 21.70
N GLY A 176 18.24 -35.25 20.69
CA GLY A 176 17.30 -36.33 20.88
C GLY A 176 17.19 -37.28 19.69
N SER A 177 16.86 -38.54 19.97
CA SER A 177 16.85 -39.59 18.96
C SER A 177 15.48 -39.69 18.30
N THR A 178 15.39 -40.53 17.28
CA THR A 178 14.12 -40.73 16.59
C THR A 178 13.04 -41.19 17.57
N GLY A 179 11.88 -40.52 17.52
CA GLY A 179 10.79 -40.86 18.42
C GLY A 179 10.60 -39.90 19.59
N CYS A 180 11.54 -38.98 19.82
CA CYS A 180 11.52 -38.08 20.96
C CYS A 180 10.54 -36.91 20.84
N GLY A 181 9.88 -36.72 19.71
CA GLY A 181 8.92 -35.65 19.58
C GLY A 181 9.44 -34.21 19.66
N LYS A 182 10.77 -34.00 19.64
CA LYS A 182 11.28 -32.64 19.78
C LYS A 182 10.73 -31.71 18.69
N THR A 183 10.58 -32.22 17.48
CA THR A 183 10.18 -31.37 16.37
C THR A 183 8.72 -30.96 16.47
N THR A 184 7.86 -31.86 16.91
CA THR A 184 6.45 -31.53 17.08
C THR A 184 6.18 -30.77 18.38
N GLN A 185 6.95 -31.04 19.43
CA GLN A 185 6.53 -30.59 20.75
C GLN A 185 7.11 -29.24 21.14
N VAL A 186 8.41 -29.04 20.90
CA VAL A 186 9.06 -27.81 21.38
C VAL A 186 8.38 -26.56 20.85
N PRO A 187 7.99 -26.46 19.57
CA PRO A 187 7.29 -25.24 19.13
C PRO A 187 5.96 -25.04 19.84
N GLN A 188 5.17 -26.11 19.96
CA GLN A 188 3.94 -26.04 20.73
C GLN A 188 4.22 -25.64 22.19
N ILE A 189 5.26 -26.21 22.81
CA ILE A 189 5.53 -25.88 24.21
C ILE A 189 5.74 -24.38 24.37
N LEU A 190 6.62 -23.80 23.55
CA LEU A 190 6.90 -22.37 23.65
C LEU A 190 5.71 -21.52 23.26
N LEU A 191 4.88 -21.99 22.33
CA LEU A 191 3.75 -21.18 21.89
C LEU A 191 2.67 -21.14 22.96
N ASP A 192 2.17 -22.31 23.33
CA ASP A 192 1.12 -22.39 24.33
C ASP A 192 1.57 -21.71 25.63
N ASP A 193 2.84 -21.83 25.99
CA ASP A 193 3.35 -21.08 27.13
C ASP A 193 3.15 -19.59 26.95
N ALA A 194 3.63 -19.04 25.83
CA ALA A 194 3.47 -17.61 25.61
C ALA A 194 1.99 -17.21 25.57
N ILE A 195 1.11 -18.07 25.03
CA ILE A 195 -0.30 -17.72 25.00
C ILE A 195 -0.86 -17.68 26.40
N SER A 196 -0.57 -18.71 27.19
CA SER A 196 -1.11 -18.80 28.54
C SER A 196 -0.63 -17.65 29.43
N ARG A 197 0.58 -17.15 29.21
CA ARG A 197 1.07 -15.99 29.96
C ARG A 197 0.53 -14.67 29.42
N GLY A 198 -0.45 -14.69 28.52
CA GLY A 198 -0.94 -13.47 27.92
C GLY A 198 0.04 -12.74 27.01
N CYS A 199 0.84 -13.48 26.25
CA CYS A 199 1.83 -12.90 25.34
C CYS A 199 1.66 -13.38 23.90
N ALA A 200 0.45 -13.80 23.53
CA ALA A 200 0.24 -14.47 22.24
C ALA A 200 0.79 -13.66 21.07
N SER A 201 0.42 -12.39 20.97
CA SER A 201 0.72 -11.69 19.74
C SER A 201 2.20 -11.42 19.56
N SER A 202 3.00 -11.49 20.63
CA SER A 202 4.42 -11.22 20.50
C SER A 202 5.21 -12.44 20.03
N CYS A 203 4.56 -13.58 19.82
CA CYS A 203 5.25 -14.84 19.58
C CYS A 203 5.06 -15.25 18.11
N ARG A 204 6.17 -15.36 17.39
CA ARG A 204 6.17 -15.90 16.03
C ARG A 204 7.35 -16.86 15.93
N ILE A 205 7.03 -18.15 15.82
CA ILE A 205 8.04 -19.19 15.83
C ILE A 205 8.28 -19.68 14.41
N ILE A 206 9.55 -19.81 14.05
CA ILE A 206 9.94 -20.39 12.77
C ILE A 206 10.82 -21.61 13.05
N CYS A 207 10.46 -22.75 12.45
CA CYS A 207 11.25 -23.98 12.62
C CYS A 207 11.66 -24.53 11.26
N THR A 208 12.98 -24.61 11.02
CA THR A 208 13.50 -25.01 9.72
C THR A 208 13.57 -26.52 9.58
N GLN A 209 13.44 -26.98 8.34
CA GLN A 209 13.55 -28.39 8.00
C GLN A 209 14.48 -28.51 6.81
N PRO A 210 15.24 -29.59 6.72
CA PRO A 210 16.10 -29.75 5.53
C PRO A 210 15.32 -30.11 4.28
N ARG A 211 14.21 -30.85 4.40
CA ARG A 211 13.51 -31.40 3.25
C ARG A 211 12.08 -30.85 3.17
N ARG A 212 11.57 -30.64 1.95
CA ARG A 212 10.24 -30.05 1.78
C ARG A 212 9.15 -30.96 2.36
N ILE A 213 9.21 -32.27 2.07
CA ILE A 213 8.17 -33.19 2.53
C ILE A 213 8.08 -33.19 4.05
N SER A 214 9.21 -33.01 4.74
CA SER A 214 9.18 -32.90 6.18
C SER A 214 8.39 -31.68 6.59
N ALA A 215 8.68 -30.52 5.99
CA ALA A 215 8.01 -29.31 6.42
C ALA A 215 6.50 -29.42 6.27
N ILE A 216 6.03 -30.17 5.28
CA ILE A 216 4.59 -30.29 5.10
C ILE A 216 4.00 -31.24 6.12
N ALA A 217 4.53 -32.46 6.17
CA ALA A 217 3.96 -33.49 7.04
C ALA A 217 4.02 -33.07 8.50
N ILE A 218 5.13 -32.47 8.94
CA ILE A 218 5.21 -32.05 10.33
C ILE A 218 4.12 -31.01 10.61
N ALA A 219 3.99 -30.03 9.71
CA ALA A 219 2.98 -28.99 9.91
C ALA A 219 1.58 -29.57 9.95
N GLU A 220 1.29 -30.49 9.04
CA GLU A 220 -0.03 -31.11 9.06
C GLU A 220 -0.27 -31.84 10.37
N TRP A 221 0.74 -32.55 10.87
CA TRP A 221 0.54 -33.32 12.09
C TRP A 221 0.34 -32.42 13.29
N VAL A 222 1.18 -31.39 13.43
CA VAL A 222 1.04 -30.46 14.55
C VAL A 222 -0.31 -29.77 14.51
N SER A 223 -0.81 -29.47 13.30
CA SER A 223 -2.11 -28.83 13.17
C SER A 223 -3.21 -29.77 13.64
N TYR A 224 -3.14 -31.04 13.20
CA TYR A 224 -4.06 -32.03 13.72
C TYR A 224 -3.97 -32.13 15.25
N GLU A 225 -2.75 -32.09 15.81
CA GLU A 225 -2.54 -32.19 17.26
C GLU A 225 -3.21 -31.05 18.03
N ARG A 226 -3.69 -30.01 17.34
CA ARG A 226 -4.35 -28.87 17.97
C ARG A 226 -5.77 -28.70 17.47
N CYS A 227 -6.31 -29.70 16.79
CA CYS A 227 -7.69 -29.71 16.28
C CYS A 227 -7.95 -28.45 15.46
N GLU A 228 -7.02 -28.18 14.54
CA GLU A 228 -7.10 -27.08 13.60
C GLU A 228 -6.81 -27.58 12.19
N SER A 229 -7.49 -26.97 11.22
CA SER A 229 -7.05 -27.15 9.83
C SER A 229 -5.76 -26.37 9.61
N LEU A 230 -5.05 -26.73 8.57
CA LEU A 230 -3.77 -26.09 8.28
C LEU A 230 -3.99 -24.62 7.94
N GLY A 231 -3.07 -23.78 8.41
CA GLY A 231 -3.16 -22.37 8.13
C GLY A 231 -3.68 -21.49 9.24
N ASN A 232 -4.07 -22.05 10.41
CA ASN A 232 -4.43 -21.16 11.52
C ASN A 232 -3.32 -20.88 12.54
N SER A 233 -2.81 -21.90 13.23
CA SER A 233 -1.78 -21.61 14.21
C SER A 233 -0.45 -22.22 13.82
N VAL A 234 -0.47 -23.22 12.98
CA VAL A 234 0.71 -23.79 12.35
C VAL A 234 0.52 -23.73 10.84
N GLY A 235 1.60 -23.40 10.14
CA GLY A 235 1.59 -23.36 8.70
C GLY A 235 2.96 -23.77 8.22
N TYR A 236 3.09 -23.83 6.89
CA TYR A 236 4.39 -24.12 6.32
C TYR A 236 4.63 -23.22 5.12
N GLN A 237 5.91 -23.10 4.80
CA GLN A 237 6.35 -22.34 3.64
C GLN A 237 7.56 -23.06 3.06
N ILE A 238 7.45 -23.44 1.79
CA ILE A 238 8.53 -24.03 1.04
C ILE A 238 8.55 -23.30 -0.30
N ARG A 239 9.48 -23.70 -1.18
CA ARG A 239 9.56 -22.98 -2.44
C ARG A 239 8.26 -23.21 -3.22
N LEU A 240 7.59 -22.11 -3.56
CA LEU A 240 6.46 -22.11 -4.49
C LEU A 240 5.23 -22.78 -3.92
N GLU A 241 5.15 -22.94 -2.60
CA GLU A 241 3.98 -23.60 -2.04
C GLU A 241 3.96 -23.26 -0.57
N SER A 242 2.84 -22.73 -0.10
CA SER A 242 2.75 -22.34 1.30
C SER A 242 1.31 -22.36 1.73
N ARG A 243 1.04 -22.99 2.87
CA ARG A 243 -0.21 -22.81 3.60
C ARG A 243 0.19 -22.01 4.84
N LYS A 244 0.13 -20.69 4.72
CA LYS A 244 0.72 -19.80 5.73
C LYS A 244 -0.12 -19.70 7.00
N ALA A 245 0.57 -19.63 8.13
CA ALA A 245 -0.12 -19.53 9.40
C ALA A 245 -0.62 -18.10 9.59
N ARG A 246 -1.42 -17.89 10.63
CA ARG A 246 -1.81 -16.52 10.96
C ARG A 246 -0.55 -15.74 11.31
N GLU A 247 -0.69 -14.43 11.31
CA GLU A 247 0.51 -13.58 11.40
C GLU A 247 1.24 -13.84 12.71
N ARG A 248 0.50 -13.79 13.84
CA ARG A 248 1.06 -13.79 15.18
C ARG A 248 0.60 -15.02 15.95
N ALA A 249 1.28 -15.29 17.07
CA ALA A 249 0.99 -16.45 17.92
C ALA A 249 0.91 -17.71 17.08
N SER A 250 1.95 -17.94 16.28
CA SER A 250 1.90 -18.94 15.23
C SER A 250 3.23 -19.67 15.12
N ILE A 251 3.14 -20.88 14.58
CA ILE A 251 4.30 -21.72 14.29
C ILE A 251 4.32 -21.93 12.80
N THR A 252 5.48 -21.70 12.18
CA THR A 252 5.68 -21.93 10.75
C THR A 252 6.88 -22.87 10.54
N TYR A 253 6.64 -23.94 9.79
CA TYR A 253 7.71 -24.84 9.36
C TYR A 253 8.11 -24.47 7.95
N CYS A 254 9.42 -24.27 7.73
CA CYS A 254 9.90 -23.94 6.40
C CYS A 254 11.24 -24.63 6.17
N THR A 255 11.55 -24.84 4.89
CA THR A 255 12.86 -25.35 4.50
C THR A 255 13.89 -24.26 4.70
N THR A 256 15.10 -24.67 5.08
CA THR A 256 16.11 -23.70 5.48
C THR A 256 16.37 -22.64 4.40
N GLY A 257 16.38 -23.05 3.14
CA GLY A 257 16.60 -22.11 2.05
C GLY A 257 15.65 -20.92 2.05
N VAL A 258 14.36 -21.19 2.28
CA VAL A 258 13.38 -20.11 2.40
C VAL A 258 13.86 -19.07 3.41
N LEU A 259 14.29 -19.51 4.59
CA LEU A 259 14.71 -18.54 5.59
C LEU A 259 15.97 -17.81 5.14
N LEU A 260 16.88 -18.53 4.49
CA LEU A 260 18.08 -17.89 3.94
C LEU A 260 17.72 -16.80 2.95
N GLN A 261 16.80 -17.09 2.02
CA GLN A 261 16.39 -16.08 1.05
C GLN A 261 15.68 -14.90 1.73
N GLN A 262 14.90 -15.15 2.76
CA GLN A 262 14.22 -14.04 3.42
C GLN A 262 15.17 -13.13 4.17
N LEU A 263 16.43 -13.54 4.39
CA LEU A 263 17.38 -12.65 5.04
C LEU A 263 17.63 -11.41 4.19
N GLN A 264 17.42 -11.49 2.87
CA GLN A 264 17.71 -10.36 2.01
C GLN A 264 16.95 -9.12 2.45
N SER A 265 15.74 -9.29 2.94
CA SER A 265 14.93 -8.19 3.45
C SER A 265 15.03 -8.01 4.94
N ASP A 266 15.32 -9.06 5.69
CA ASP A 266 15.29 -9.07 7.15
C ASP A 266 16.61 -9.66 7.62
N PRO A 267 17.72 -8.97 7.37
CA PRO A 267 19.04 -9.61 7.54
C PRO A 267 19.42 -9.84 8.98
N LEU A 268 18.63 -9.36 9.95
CA LEU A 268 18.88 -9.62 11.37
C LEU A 268 17.65 -10.14 12.10
N MET A 269 16.66 -10.68 11.36
CA MET A 269 15.61 -11.53 11.90
C MET A 269 14.76 -10.80 12.94
N HIS A 270 14.24 -9.63 12.56
CA HIS A 270 13.28 -8.90 13.38
C HIS A 270 11.84 -9.40 13.22
N ASN A 271 11.57 -10.21 12.20
CA ASN A 271 10.20 -10.60 11.92
C ASN A 271 9.87 -11.98 12.46
N LEU A 272 10.66 -12.50 13.41
CA LEU A 272 10.36 -13.73 14.15
C LEU A 272 10.85 -13.57 15.58
N SER A 273 10.15 -14.19 16.53
CA SER A 273 10.57 -14.15 17.93
C SER A 273 11.41 -15.35 18.37
N VAL A 274 11.21 -16.51 17.74
CA VAL A 274 11.94 -17.74 18.06
C VAL A 274 12.34 -18.38 16.75
N LEU A 275 13.59 -18.81 16.65
CA LEU A 275 14.08 -19.58 15.53
C LEU A 275 14.47 -20.97 16.02
N ILE A 276 13.85 -21.99 15.46
CA ILE A 276 14.23 -23.39 15.73
C ILE A 276 14.92 -23.93 14.48
N LEU A 277 16.17 -24.38 14.63
CA LEU A 277 16.91 -25.06 13.56
C LEU A 277 16.90 -26.55 13.83
N ASP A 278 16.31 -27.30 12.94
CA ASP A 278 16.23 -28.73 13.13
C ASP A 278 17.23 -29.44 12.23
N GLU A 279 17.58 -30.66 12.62
CA GLU A 279 18.39 -31.57 11.82
C GLU A 279 19.73 -30.97 11.46
N ILE A 280 20.30 -30.20 12.40
CA ILE A 280 21.58 -29.59 12.15
C ILE A 280 22.69 -30.63 12.07
N HIS A 281 22.51 -31.79 12.68
CA HIS A 281 23.55 -32.81 12.63
C HIS A 281 23.82 -33.28 11.20
N GLU A 282 22.86 -33.08 10.31
CA GLU A 282 23.05 -33.48 8.93
C GLU A 282 24.03 -32.55 8.19
N ARG A 283 24.36 -31.39 8.76
CA ARG A 283 25.39 -30.52 8.20
C ARG A 283 25.12 -30.16 6.74
N SER A 284 23.85 -29.93 6.39
CA SER A 284 23.58 -29.33 5.10
C SER A 284 24.27 -27.96 5.00
N VAL A 285 24.57 -27.56 3.78
CA VAL A 285 25.14 -26.22 3.53
C VAL A 285 24.31 -25.14 4.22
N GLU A 286 22.98 -25.25 4.19
CA GLU A 286 22.17 -24.14 4.67
C GLU A 286 22.21 -24.03 6.19
N THR A 287 22.16 -25.16 6.90
CA THR A 287 22.24 -25.04 8.35
C THR A 287 23.65 -24.61 8.75
N ASP A 288 24.66 -25.09 8.03
CA ASP A 288 26.02 -24.67 8.37
C ASP A 288 26.19 -23.19 8.10
N LEU A 289 25.57 -22.70 7.02
CA LEU A 289 25.58 -21.28 6.72
C LEU A 289 24.85 -20.47 7.77
N LEU A 290 23.67 -20.94 8.18
CA LEU A 290 22.81 -20.16 9.05
C LEU A 290 23.40 -19.98 10.45
N MET A 291 24.03 -21.00 10.99
CA MET A 291 24.70 -20.86 12.27
C MET A 291 25.83 -19.86 12.18
N GLY A 292 26.63 -19.91 11.12
CA GLY A 292 27.63 -18.87 10.91
C GLY A 292 27.01 -17.49 10.90
N LEU A 293 25.91 -17.32 10.16
CA LEU A 293 25.22 -16.02 10.16
C LEU A 293 24.63 -15.70 11.54
N LEU A 294 24.29 -16.71 12.34
CA LEU A 294 23.78 -16.45 13.68
C LEU A 294 24.84 -15.81 14.56
N LYS A 295 26.10 -16.18 14.39
CA LYS A 295 27.14 -15.52 15.17
C LYS A 295 27.26 -14.05 14.83
N VAL A 296 26.93 -13.67 13.59
CA VAL A 296 26.92 -12.25 13.21
C VAL A 296 25.65 -11.56 13.71
N ILE A 297 24.53 -12.27 13.70
CA ILE A 297 23.22 -11.65 13.93
C ILE A 297 22.95 -11.48 15.42
N LEU A 298 23.30 -12.46 16.22
CA LEU A 298 22.87 -12.55 17.61
C LEU A 298 23.43 -11.46 18.52
N PRO A 299 24.62 -10.92 18.28
CA PRO A 299 25.04 -9.77 19.10
C PRO A 299 24.13 -8.56 19.00
N HIS A 300 23.41 -8.39 17.88
CA HIS A 300 22.51 -7.25 17.72
C HIS A 300 21.05 -7.61 17.95
N ARG A 301 20.76 -8.80 18.49
CA ARG A 301 19.39 -9.29 18.63
C ARG A 301 19.23 -9.91 20.00
N PRO A 302 19.37 -9.13 21.06
CA PRO A 302 19.42 -9.73 22.41
C PRO A 302 18.13 -10.45 22.76
N ASP A 303 17.01 -10.02 22.17
CA ASP A 303 15.71 -10.61 22.47
C ASP A 303 15.43 -11.86 21.66
N LEU A 304 16.18 -12.11 20.59
CA LEU A 304 15.88 -13.28 19.80
C LEU A 304 16.25 -14.54 20.59
N LYS A 305 15.46 -15.60 20.38
CA LYS A 305 15.69 -16.89 21.01
C LYS A 305 15.93 -17.92 19.89
N VAL A 306 17.04 -18.64 19.96
CA VAL A 306 17.30 -19.68 18.96
C VAL A 306 17.43 -21.00 19.69
N ILE A 307 16.82 -22.02 19.11
CA ILE A 307 16.87 -23.36 19.63
C ILE A 307 17.47 -24.25 18.54
N LEU A 308 18.71 -24.68 18.74
CA LEU A 308 19.33 -25.67 17.89
C LEU A 308 18.77 -27.03 18.23
N MET A 309 18.59 -27.88 17.22
CA MET A 309 18.10 -29.23 17.46
C MET A 309 18.83 -30.23 16.59
N SER A 310 19.09 -31.40 17.16
CA SER A 310 20.03 -32.32 16.54
C SER A 310 19.77 -33.76 16.97
N ALA A 311 20.25 -34.67 16.14
CA ALA A 311 20.31 -36.07 16.53
C ALA A 311 21.56 -36.33 17.36
N THR A 312 21.77 -37.58 17.71
CA THR A 312 22.91 -37.89 18.56
C THR A 312 24.14 -38.24 17.71
N VAL A 313 24.51 -37.35 16.80
CA VAL A 313 25.71 -37.53 15.98
C VAL A 313 26.57 -36.25 16.10
N ARG A 314 27.71 -36.39 16.77
CA ARG A 314 28.63 -35.30 17.11
C ARG A 314 27.89 -34.07 17.61
N GLU A 315 26.90 -34.31 18.47
CA GLU A 315 26.14 -33.23 19.10
C GLU A 315 27.06 -32.21 19.76
N GLN A 316 28.25 -32.63 20.20
CA GLN A 316 29.10 -31.72 20.98
C GLN A 316 29.65 -30.57 20.15
N ASP A 317 29.81 -30.77 18.83
CA ASP A 317 30.39 -29.71 17.99
C ASP A 317 29.50 -28.48 17.96
N PHE A 318 28.18 -28.67 17.89
CA PHE A 318 27.27 -27.53 17.90
C PHE A 318 27.29 -26.87 19.25
N CYS A 319 27.27 -27.67 20.31
CA CYS A 319 27.42 -27.13 21.65
C CYS A 319 28.72 -26.34 21.79
N ASP A 320 29.86 -26.93 21.40
CA ASP A 320 31.13 -26.21 21.45
C ASP A 320 31.07 -24.92 20.63
N TYR A 321 30.50 -25.00 19.43
CA TYR A 321 30.40 -23.88 18.52
C TYR A 321 29.58 -22.71 19.08
N PHE A 322 28.67 -22.94 20.03
CA PHE A 322 27.87 -21.86 20.61
C PHE A 322 28.17 -21.63 22.10
N ASN A 323 29.40 -21.97 22.43
CA ASN A 323 30.43 -21.56 23.38
C ASN A 323 30.40 -21.83 24.89
N ASN A 324 29.43 -22.42 25.59
CA ASN A 324 29.14 -23.85 25.73
C ASN A 324 27.65 -24.18 25.76
N CYS A 325 26.77 -23.63 24.96
CA CYS A 325 25.41 -23.41 25.48
C CYS A 325 24.70 -24.61 26.11
N PRO A 326 23.73 -24.39 27.01
CA PRO A 326 23.03 -25.51 27.67
C PRO A 326 22.43 -26.52 26.70
N MET A 327 22.53 -27.80 27.07
CA MET A 327 22.16 -28.90 26.19
C MET A 327 21.22 -29.86 26.90
N PHE A 328 20.01 -30.04 26.38
CA PHE A 328 19.10 -31.10 26.80
C PHE A 328 19.33 -32.36 25.98
N ARG A 329 19.34 -33.51 26.65
CA ARG A 329 19.34 -34.80 25.98
C ARG A 329 18.03 -35.51 26.26
N ILE A 330 17.25 -35.75 25.21
CA ILE A 330 15.90 -36.28 25.33
C ILE A 330 15.87 -37.72 24.80
N GLU A 331 15.37 -38.65 25.62
CA GLU A 331 15.33 -40.05 25.23
C GLU A 331 14.38 -40.26 24.05
N GLY A 332 14.56 -41.40 23.37
CA GLY A 332 13.76 -41.72 22.21
C GLY A 332 12.61 -42.69 22.52
N VAL A 333 11.89 -43.04 21.46
CA VAL A 333 10.90 -44.10 21.49
C VAL A 333 11.21 -44.95 20.26
N MET A 334 11.97 -46.02 20.42
CA MET A 334 12.14 -46.97 19.34
C MET A 334 12.22 -48.37 19.90
N PHE A 335 11.74 -49.33 19.12
CA PHE A 335 11.85 -50.73 19.49
C PHE A 335 13.26 -51.23 19.22
N PRO A 336 13.74 -52.22 19.97
CA PRO A 336 15.14 -52.61 19.85
C PRO A 336 15.43 -53.23 18.50
N VAL A 337 16.49 -52.73 17.87
CA VAL A 337 17.08 -53.33 16.66
C VAL A 337 18.51 -53.66 17.02
N LYS A 338 18.85 -54.95 16.99
CA LYS A 338 20.21 -55.32 17.34
C LYS A 338 21.04 -55.52 16.08
N MET A 339 22.32 -55.15 16.16
CA MET A 339 23.24 -55.17 15.04
C MET A 339 23.99 -56.50 14.96
N LEU A 340 24.00 -57.07 13.77
CA LEU A 340 24.95 -58.12 13.42
C LEU A 340 25.98 -57.55 12.46
N TYR A 341 27.07 -58.29 12.31
CA TYR A 341 28.09 -57.92 11.34
C TYR A 341 28.45 -59.13 10.49
N LEU A 342 29.45 -58.98 9.62
CA LEU A 342 29.72 -60.00 8.59
C LEU A 342 30.01 -61.37 9.22
N GLU A 343 30.77 -61.39 10.32
CA GLU A 343 31.00 -62.67 10.99
C GLU A 343 29.68 -63.31 11.39
N ASP A 344 28.80 -62.54 12.01
CA ASP A 344 27.55 -63.11 12.53
C ASP A 344 26.60 -63.55 11.43
N VAL A 345 26.51 -62.80 10.32
CA VAL A 345 25.59 -63.20 9.25
C VAL A 345 26.06 -64.49 8.59
N LEU A 346 27.36 -64.60 8.31
CA LEU A 346 27.90 -65.82 7.73
C LEU A 346 27.63 -67.03 8.62
N SER A 347 27.64 -66.85 9.94
CA SER A 347 27.44 -67.99 10.84
C SER A 347 26.02 -68.52 10.75
N LYS A 348 25.03 -67.64 10.53
CA LYS A 348 23.65 -68.10 10.42
C LYS A 348 23.32 -68.57 9.01
N THR A 349 24.00 -68.06 7.99
CA THR A 349 23.68 -68.39 6.60
C THR A 349 24.61 -69.43 5.98
N ASN A 350 25.90 -69.41 6.34
CA ASN A 350 26.99 -70.21 5.75
C ASN A 350 26.86 -70.34 4.22
N TYR A 351 26.65 -69.19 3.58
CA TYR A 351 26.85 -69.06 2.15
C TYR A 351 28.33 -69.26 1.82
N GLU A 352 28.62 -69.80 0.64
CA GLU A 352 30.01 -69.97 0.21
C GLU A 352 30.22 -69.30 -1.14
N PHE A 353 31.38 -68.65 -1.27
CA PHE A 353 31.68 -67.69 -2.34
C PHE A 353 32.51 -68.39 -3.41
N GLN A 354 31.89 -68.67 -4.56
CA GLN A 354 32.60 -69.32 -5.65
C GLN A 354 31.77 -69.21 -6.92
N LYS A 355 32.43 -68.95 -8.04
CA LYS A 355 31.76 -68.93 -9.34
C LYS A 355 32.64 -69.46 -10.48
N ARG A 369 43.77 -53.94 -3.67
CA ARG A 369 45.01 -54.19 -2.93
C ARG A 369 44.71 -54.88 -1.63
N MET A 370 45.71 -55.54 -1.06
CA MET A 370 45.63 -56.05 0.31
C MET A 370 46.87 -55.66 1.10
N LYS A 371 46.72 -54.92 2.21
CA LYS A 371 45.79 -53.81 2.50
C LYS A 371 44.31 -54.14 2.76
N HIS A 372 43.92 -55.39 2.58
CA HIS A 372 42.68 -55.93 3.11
C HIS A 372 42.96 -56.74 4.37
N GLU A 373 43.87 -57.72 4.23
CA GLU A 373 44.20 -58.59 5.34
C GLU A 373 45.09 -57.89 6.34
N ALA A 374 45.77 -56.83 5.93
CA ALA A 374 46.37 -55.90 6.89
C ALA A 374 45.33 -55.40 7.89
N MET A 375 44.09 -55.19 7.42
CA MET A 375 43.03 -54.75 8.32
C MET A 375 42.38 -55.91 9.06
N ILE A 376 42.17 -57.04 8.38
CA ILE A 376 41.22 -58.01 8.89
C ILE A 376 41.91 -59.11 9.69
N GLU A 377 43.20 -59.37 9.43
CA GLU A 377 43.87 -60.46 10.17
C GLU A 377 44.08 -60.12 11.64
N PRO A 378 44.58 -58.93 12.03
CA PRO A 378 44.64 -58.62 13.47
C PRO A 378 43.30 -58.79 14.15
N TYR A 379 42.21 -58.44 13.44
CA TYR A 379 40.87 -58.61 14.01
C TYR A 379 40.49 -60.08 14.11
N LEU A 380 40.73 -60.84 13.03
CA LEU A 380 40.35 -62.24 12.98
C LEU A 380 40.77 -63.02 14.21
N ARG A 381 41.89 -62.66 14.85
CA ARG A 381 42.44 -63.55 15.86
C ARG A 381 41.98 -63.27 17.28
N ARG A 382 41.50 -62.06 17.58
CA ARG A 382 40.91 -61.86 18.91
C ARG A 382 39.46 -62.29 18.97
N ILE A 383 38.90 -62.77 17.86
CA ILE A 383 37.62 -63.44 17.80
C ILE A 383 37.79 -64.89 17.38
N ARG A 384 39.03 -65.39 17.41
CA ARG A 384 39.40 -66.77 17.08
C ARG A 384 38.43 -67.80 17.68
N ASN A 385 38.18 -67.71 18.99
CA ASN A 385 37.40 -68.73 19.66
C ASN A 385 35.93 -68.37 19.83
N SER A 386 35.48 -67.27 19.23
CA SER A 386 34.08 -66.88 19.33
C SER A 386 33.27 -67.30 18.11
N TYR A 387 33.90 -67.44 16.95
CA TYR A 387 33.23 -67.91 15.75
C TYR A 387 34.04 -69.03 15.09
N ASP A 388 33.32 -69.82 14.29
CA ASP A 388 33.79 -71.04 13.66
C ASP A 388 34.98 -70.79 12.73
N SER A 389 35.71 -71.87 12.48
CA SER A 389 36.94 -71.79 11.70
C SER A 389 36.66 -71.55 10.21
N ARG A 390 35.56 -72.12 9.69
CA ARG A 390 35.27 -72.00 8.25
C ARG A 390 34.74 -70.62 7.92
N VAL A 391 34.02 -70.01 8.87
CA VAL A 391 33.46 -68.69 8.67
C VAL A 391 34.56 -67.64 8.57
N LEU A 392 35.49 -67.63 9.52
CA LEU A 392 36.58 -66.66 9.49
C LEU A 392 37.53 -66.87 8.32
N ASP A 393 37.43 -67.99 7.61
CA ASP A 393 38.07 -68.10 6.30
C ASP A 393 37.40 -67.16 5.29
N LYS A 394 36.07 -67.15 5.29
CA LYS A 394 35.40 -66.36 4.28
C LYS A 394 35.62 -64.87 4.48
N LEU A 395 35.92 -64.45 5.72
CA LEU A 395 36.33 -63.07 5.95
C LEU A 395 37.64 -62.74 5.24
N ARG A 396 38.50 -63.74 5.02
CA ARG A 396 39.77 -63.46 4.35
C ARG A 396 39.54 -62.89 2.96
N LEU A 397 38.46 -63.31 2.31
CA LEU A 397 38.15 -62.86 0.98
C LEU A 397 37.79 -61.37 0.98
N PRO A 398 38.49 -60.53 0.21
CA PRO A 398 38.04 -59.15 0.03
C PRO A 398 36.61 -59.04 -0.47
N GLU A 399 36.08 -60.10 -1.07
CA GLU A 399 34.78 -60.10 -1.70
C GLU A 399 33.64 -60.15 -0.68
N SER A 400 33.92 -60.55 0.57
CA SER A 400 32.85 -60.80 1.55
C SER A 400 32.21 -59.50 2.03
N GLU A 401 32.96 -58.42 2.12
CA GLU A 401 32.41 -57.18 2.63
C GLU A 401 31.85 -56.35 1.48
N GLY A 402 30.94 -55.44 1.83
CA GLY A 402 30.32 -54.63 0.80
C GLY A 402 29.23 -55.42 0.09
N CYS A 403 29.07 -55.13 -1.19
CA CYS A 403 28.07 -55.77 -2.03
C CYS A 403 28.70 -56.28 -3.31
N GLU A 404 29.94 -56.75 -3.26
CA GLU A 404 30.58 -57.20 -4.49
C GLU A 404 29.94 -58.49 -5.00
N ASP A 405 29.56 -59.38 -4.10
CA ASP A 405 28.86 -60.60 -4.48
C ASP A 405 27.37 -60.39 -4.22
N ILE A 406 26.61 -60.17 -5.29
CA ILE A 406 25.17 -59.98 -5.16
C ILE A 406 24.46 -61.30 -4.82
N ASP A 407 25.04 -62.43 -5.22
CA ASP A 407 24.35 -63.66 -4.89
C ASP A 407 24.40 -63.93 -3.39
N PHE A 408 25.37 -63.35 -2.67
CA PHE A 408 25.37 -63.49 -1.22
C PHE A 408 24.20 -62.74 -0.59
N ILE A 409 24.02 -61.46 -0.94
CA ILE A 409 22.89 -60.72 -0.38
C ILE A 409 21.59 -61.41 -0.75
N ALA A 410 21.51 -61.90 -1.99
CA ALA A 410 20.35 -62.66 -2.41
C ALA A 410 20.06 -63.80 -1.45
N ASP A 411 21.10 -64.55 -1.08
CA ASP A 411 20.94 -65.66 -0.15
C ASP A 411 20.42 -65.17 1.20
N LEU A 412 20.96 -64.04 1.68
CA LEU A 412 20.53 -63.52 2.97
C LEU A 412 19.08 -63.06 2.96
N VAL A 413 18.58 -62.59 1.80
CA VAL A 413 17.16 -62.32 1.67
C VAL A 413 16.38 -63.62 1.71
N TYR A 414 16.83 -64.63 0.97
CA TYR A 414 16.17 -65.92 1.00
C TYR A 414 16.15 -66.50 2.41
N TYR A 415 17.25 -66.34 3.15
CA TYR A 415 17.29 -66.82 4.54
C TYR A 415 16.26 -66.12 5.43
N ILE A 416 16.16 -64.79 5.33
CA ILE A 416 15.24 -64.07 6.20
C ILE A 416 13.81 -64.51 5.93
N CYS A 417 13.49 -64.87 4.69
CA CYS A 417 12.14 -65.31 4.36
C CYS A 417 11.75 -66.59 5.10
N GLU A 418 12.73 -67.41 5.51
CA GLU A 418 12.48 -68.76 5.99
C GLU A 418 12.22 -68.82 7.51
N ASN A 419 13.21 -68.38 8.27
CA ASN A 419 13.24 -68.13 9.71
C ASN A 419 12.63 -66.76 10.02
N GLU A 420 12.82 -66.27 11.26
CA GLU A 420 12.77 -64.81 11.34
C GLU A 420 11.46 -64.15 10.90
N PRO A 421 10.41 -64.27 11.70
CA PRO A 421 9.02 -64.13 11.24
C PRO A 421 8.65 -62.75 10.73
N GLU A 422 7.40 -62.59 10.28
CA GLU A 422 7.09 -61.81 9.09
C GLU A 422 7.40 -60.33 9.25
N GLY A 423 7.78 -59.72 8.14
CA GLY A 423 8.12 -58.31 8.09
C GLY A 423 8.84 -58.04 6.80
N ALA A 424 8.95 -56.75 6.48
CA ALA A 424 9.56 -56.36 5.21
C ALA A 424 11.08 -56.27 5.32
N ILE A 425 11.75 -56.58 4.21
CA ILE A 425 13.21 -56.51 4.09
C ILE A 425 13.60 -55.26 3.32
N LEU A 426 14.40 -54.40 3.96
CA LEU A 426 14.95 -53.19 3.35
C LEU A 426 16.42 -53.40 3.07
N VAL A 427 16.81 -53.34 1.79
CA VAL A 427 18.18 -53.60 1.35
C VAL A 427 18.80 -52.29 0.90
N PHE A 428 19.90 -51.90 1.52
CA PHE A 428 20.62 -50.69 1.13
C PHE A 428 21.83 -51.08 0.29
N LEU A 429 21.74 -50.86 -1.01
CA LEU A 429 22.79 -51.01 -2.01
C LEU A 429 23.28 -49.66 -2.51
N PRO A 430 24.45 -49.60 -3.17
CA PRO A 430 25.03 -48.28 -3.44
C PRO A 430 24.34 -47.48 -4.53
N GLY A 431 23.82 -48.12 -5.57
CA GLY A 431 23.28 -47.34 -6.66
C GLY A 431 22.46 -48.15 -7.65
N TYR A 432 22.08 -47.46 -8.74
CA TYR A 432 21.14 -47.99 -9.71
C TYR A 432 21.64 -49.29 -10.33
N ASP A 433 22.90 -49.31 -10.78
CA ASP A 433 23.44 -50.51 -11.42
C ASP A 433 23.34 -51.69 -10.48
N LYS A 434 23.70 -51.49 -9.23
CA LYS A 434 23.79 -52.66 -8.38
C LYS A 434 22.42 -53.02 -7.83
N ILE A 435 21.53 -52.04 -7.70
CA ILE A 435 20.14 -52.30 -7.38
C ILE A 435 19.50 -53.18 -8.44
N SER A 436 19.84 -52.92 -9.71
CA SER A 436 19.27 -53.70 -10.80
C SER A 436 19.72 -55.15 -10.76
N GLN A 437 20.99 -55.40 -10.42
CA GLN A 437 21.50 -56.76 -10.38
C GLN A 437 20.73 -57.60 -9.37
N LEU A 438 20.44 -57.05 -8.19
CA LEU A 438 19.73 -57.86 -7.19
C LEU A 438 18.26 -57.97 -7.52
N TYR A 439 17.67 -56.97 -8.19
CA TYR A 439 16.27 -57.06 -8.56
C TYR A 439 16.05 -58.20 -9.55
N ASN A 440 16.98 -58.39 -10.48
CA ASN A 440 16.81 -59.48 -11.44
C ASN A 440 17.08 -60.84 -10.80
N ILE A 441 18.08 -60.95 -9.92
CA ILE A 441 18.30 -62.19 -9.20
C ILE A 441 17.06 -62.55 -8.39
N LEU A 442 16.48 -61.57 -7.70
CA LEU A 442 15.29 -61.85 -6.90
C LEU A 442 14.10 -62.22 -7.78
N ASP A 443 14.09 -61.78 -9.04
CA ASP A 443 12.92 -61.90 -9.91
C ASP A 443 13.03 -63.03 -10.92
N LYS A 444 14.21 -63.22 -11.50
CA LYS A 444 14.45 -64.29 -12.47
C LYS A 444 15.67 -65.08 -12.00
N PRO A 445 15.50 -65.89 -10.96
CA PRO A 445 16.65 -66.55 -10.32
C PRO A 445 17.04 -67.84 -11.01
N LYS A 446 18.35 -68.10 -11.02
CA LYS A 446 18.92 -69.32 -11.58
C LYS A 446 19.16 -70.41 -10.53
N THR A 447 19.12 -70.07 -9.24
CA THR A 447 19.24 -71.07 -8.19
C THR A 447 17.89 -71.74 -7.93
N SER A 448 17.94 -72.99 -7.48
CA SER A 448 16.71 -73.69 -7.12
C SER A 448 16.01 -73.04 -5.93
N LYS A 449 16.77 -72.67 -4.90
CA LYS A 449 16.20 -72.07 -3.71
C LYS A 449 15.45 -70.77 -4.02
N GLY A 450 15.93 -70.00 -5.01
CA GLY A 450 15.31 -68.71 -5.30
C GLY A 450 14.04 -68.80 -6.11
N GLN A 451 13.91 -69.82 -6.96
CA GLN A 451 12.65 -70.02 -7.68
C GLN A 451 11.54 -70.42 -6.72
N ARG A 452 11.89 -71.08 -5.62
CA ARG A 452 10.93 -71.34 -4.56
C ARG A 452 10.30 -70.04 -4.06
N TRP A 453 11.11 -69.00 -3.93
CA TRP A 453 10.69 -67.76 -3.28
C TRP A 453 10.15 -66.71 -4.24
N ARG A 454 10.25 -66.93 -5.55
CA ARG A 454 10.07 -65.84 -6.51
C ARG A 454 8.66 -65.23 -6.41
N ASP A 455 7.60 -66.07 -6.50
CA ASP A 455 6.23 -65.56 -6.42
C ASP A 455 5.82 -65.33 -4.99
N HIS A 456 6.69 -65.46 -4.00
CA HIS A 456 6.24 -65.21 -2.65
C HIS A 456 6.94 -63.99 -2.07
N MET A 457 7.66 -63.24 -2.91
CA MET A 457 8.14 -61.91 -2.62
C MET A 457 7.48 -60.88 -3.54
N ALA A 458 7.22 -59.69 -3.00
CA ALA A 458 6.79 -58.52 -3.75
C ALA A 458 7.90 -57.47 -3.64
N VAL A 459 8.71 -57.35 -4.69
CA VAL A 459 9.99 -56.66 -4.60
C VAL A 459 9.91 -55.30 -5.30
N PHE A 460 10.27 -54.25 -4.56
CA PHE A 460 10.26 -52.89 -5.08
C PHE A 460 11.68 -52.32 -5.08
N PRO A 461 12.13 -51.78 -6.20
CA PRO A 461 13.33 -50.94 -6.19
C PRO A 461 12.99 -49.53 -5.73
N LEU A 462 14.03 -48.79 -5.33
CA LEU A 462 13.82 -47.48 -4.71
C LEU A 462 15.01 -46.58 -5.05
N HIS A 463 14.79 -45.56 -5.86
CA HIS A 463 15.85 -44.74 -6.41
C HIS A 463 15.23 -43.42 -6.90
N SER A 464 15.95 -42.32 -6.69
CA SER A 464 15.43 -41.00 -7.03
C SER A 464 14.96 -40.92 -8.48
N LEU A 465 15.55 -41.72 -9.37
CA LEU A 465 15.21 -41.68 -10.79
C LEU A 465 14.11 -42.67 -11.18
N MET A 466 13.57 -43.43 -10.22
CA MET A 466 12.57 -44.44 -10.51
C MET A 466 11.24 -44.07 -9.88
N GLN A 467 10.18 -44.63 -10.44
CA GLN A 467 8.85 -44.15 -10.11
C GLN A 467 8.32 -44.67 -8.79
N SER A 468 8.83 -45.81 -8.29
CA SER A 468 8.24 -46.49 -7.14
C SER A 468 8.02 -45.57 -5.94
N GLY A 469 8.89 -44.57 -5.76
CA GLY A 469 8.75 -43.67 -4.61
C GLY A 469 7.47 -42.87 -4.64
N GLU A 470 7.08 -42.39 -5.82
CA GLU A 470 5.90 -41.55 -5.99
C GLU A 470 4.62 -42.37 -6.15
N GLN A 471 4.63 -43.64 -5.73
CA GLN A 471 3.51 -44.56 -5.88
C GLN A 471 3.09 -45.12 -4.53
N GLN A 472 1.84 -45.58 -4.47
CA GLN A 472 1.23 -45.97 -3.21
C GLN A 472 1.77 -47.30 -2.67
N ALA A 473 2.28 -48.19 -3.54
CA ALA A 473 2.38 -49.60 -3.16
C ALA A 473 3.50 -49.84 -2.16
N VAL A 474 4.71 -49.37 -2.48
CA VAL A 474 5.89 -49.63 -1.65
C VAL A 474 5.66 -49.24 -0.21
N PHE A 475 4.79 -48.26 0.05
CA PHE A 475 4.51 -47.84 1.41
C PHE A 475 3.44 -48.68 2.10
N ARG A 476 2.75 -49.57 1.37
CA ARG A 476 1.68 -50.34 1.99
C ARG A 476 2.14 -51.77 2.25
N ARG A 477 1.41 -52.45 3.13
CA ARG A 477 1.79 -53.81 3.52
C ARG A 477 1.52 -54.77 2.36
N PRO A 478 2.31 -55.84 2.25
CA PRO A 478 2.28 -56.67 1.05
C PRO A 478 0.99 -57.45 0.93
N PRO A 479 0.72 -58.06 -0.23
CA PRO A 479 -0.42 -58.99 -0.31
C PRO A 479 -0.22 -60.19 0.60
N ALA A 480 -1.34 -60.81 0.97
CA ALA A 480 -1.29 -61.97 1.84
C ALA A 480 -0.41 -63.06 1.21
N GLY A 481 0.40 -63.71 2.04
CA GLY A 481 1.32 -64.71 1.55
C GLY A 481 2.51 -64.17 0.78
N GLN A 482 2.74 -62.87 0.83
CA GLN A 482 3.91 -62.27 0.21
C GLN A 482 4.70 -61.51 1.27
N ARG A 483 6.01 -61.59 1.19
CA ARG A 483 6.89 -60.73 1.96
C ARG A 483 7.42 -59.60 1.07
N LYS A 484 7.42 -58.38 1.60
CA LYS A 484 7.85 -57.20 0.87
C LYS A 484 9.37 -57.03 0.99
N VAL A 485 10.03 -56.88 -0.16
CA VAL A 485 11.47 -56.63 -0.23
C VAL A 485 11.71 -55.32 -0.97
N ILE A 486 12.45 -54.41 -0.34
CA ILE A 486 12.77 -53.10 -0.89
C ILE A 486 14.27 -53.00 -1.13
N ILE A 487 14.65 -52.76 -2.39
CA ILE A 487 16.05 -52.62 -2.77
C ILE A 487 16.30 -51.15 -3.09
N SER A 488 17.10 -50.49 -2.26
CA SER A 488 17.11 -49.04 -2.25
C SER A 488 18.52 -48.48 -2.17
N THR A 489 18.63 -47.22 -2.55
CA THR A 489 19.82 -46.43 -2.30
C THR A 489 19.68 -45.78 -0.93
N ILE A 490 20.58 -44.86 -0.64
CA ILE A 490 20.54 -44.12 0.61
C ILE A 490 19.27 -43.29 0.75
N ILE A 491 18.46 -43.23 -0.31
CA ILE A 491 17.20 -42.49 -0.26
C ILE A 491 16.31 -42.96 0.89
N ALA A 492 16.35 -44.25 1.24
CA ALA A 492 15.51 -44.82 2.30
C ALA A 492 16.10 -44.66 3.69
N GLU A 493 17.24 -43.97 3.81
CA GLU A 493 17.83 -43.71 5.11
C GLU A 493 17.09 -42.59 5.85
N THR A 494 16.92 -41.42 5.21
CA THR A 494 16.19 -40.33 5.86
C THR A 494 15.05 -39.80 5.00
N SER A 495 15.23 -39.78 3.67
CA SER A 495 14.28 -39.08 2.80
C SER A 495 12.97 -39.85 2.65
N VAL A 496 13.05 -41.14 2.30
CA VAL A 496 11.87 -41.97 2.10
C VAL A 496 11.80 -42.94 3.26
N THR A 497 10.59 -43.14 3.78
CA THR A 497 10.39 -43.88 5.01
C THR A 497 9.28 -44.91 4.82
N ILE A 498 9.59 -46.17 5.06
CA ILE A 498 8.64 -47.26 4.97
C ILE A 498 8.45 -47.84 6.36
N ASP A 499 7.21 -48.17 6.71
CA ASP A 499 6.85 -48.37 8.10
C ASP A 499 7.02 -49.81 8.57
N ASP A 500 6.67 -50.80 7.73
CA ASP A 500 6.68 -52.19 8.17
C ASP A 500 8.03 -52.89 7.95
N VAL A 501 9.13 -52.13 7.84
CA VAL A 501 10.45 -52.72 7.87
C VAL A 501 10.71 -53.31 9.23
N VAL A 502 11.17 -54.56 9.28
CA VAL A 502 11.76 -55.09 10.51
C VAL A 502 13.20 -55.57 10.33
N TYR A 503 13.66 -55.87 9.12
CA TYR A 503 15.03 -56.28 8.91
C TYR A 503 15.68 -55.35 7.89
N VAL A 504 16.89 -54.90 8.21
CA VAL A 504 17.67 -54.03 7.35
C VAL A 504 18.94 -54.78 6.97
N ILE A 505 19.22 -54.83 5.68
CA ILE A 505 20.50 -55.34 5.20
C ILE A 505 21.32 -54.13 4.74
N ASN A 506 22.35 -53.82 5.51
CA ASN A 506 23.19 -52.63 5.28
C ASN A 506 24.50 -53.06 4.61
N SER A 507 24.54 -52.93 3.28
CA SER A 507 25.76 -53.32 2.56
C SER A 507 26.95 -52.46 2.95
N GLY A 508 26.73 -51.32 3.60
CA GLY A 508 27.80 -50.42 3.99
C GLY A 508 28.38 -49.62 2.86
N ARG A 509 27.90 -49.81 1.62
CA ARG A 509 28.43 -49.18 0.43
C ARG A 509 27.42 -48.18 -0.17
N THR A 510 27.93 -47.00 -0.54
CA THR A 510 27.11 -45.95 -1.13
C THR A 510 27.95 -45.26 -2.20
N LYS A 511 27.38 -44.27 -2.87
CA LYS A 511 28.12 -43.50 -3.85
C LYS A 511 28.21 -42.04 -3.38
N ALA A 512 29.27 -41.36 -3.79
CA ALA A 512 29.55 -39.99 -3.36
C ALA A 512 30.21 -39.21 -4.49
N THR A 513 30.01 -37.89 -4.47
CA THR A 513 30.70 -36.99 -5.37
C THR A 513 31.78 -36.28 -4.58
N ASN A 514 32.97 -36.24 -5.14
CA ASN A 514 34.08 -35.51 -4.56
C ASN A 514 34.62 -34.55 -5.60
N TYR A 515 35.00 -33.36 -5.16
CA TYR A 515 35.65 -32.40 -6.04
C TYR A 515 37.12 -32.34 -5.65
N ASP A 516 37.98 -32.60 -6.62
CA ASP A 516 39.42 -32.44 -6.48
C ASP A 516 39.74 -31.03 -6.96
N ILE A 517 40.08 -30.15 -6.02
CA ILE A 517 40.20 -28.73 -6.35
C ILE A 517 41.37 -28.50 -7.30
N GLU A 518 42.40 -29.35 -7.24
CA GLU A 518 43.58 -29.11 -8.07
C GLU A 518 43.36 -29.51 -9.52
N THR A 519 42.60 -30.60 -9.79
CA THR A 519 42.44 -31.08 -11.16
C THR A 519 41.12 -30.66 -11.82
N ASN A 520 40.27 -29.89 -11.13
CA ASN A 520 38.90 -29.59 -11.57
C ASN A 520 38.24 -30.83 -12.17
N ILE A 521 38.18 -31.88 -11.35
CA ILE A 521 37.54 -33.11 -11.75
C ILE A 521 36.59 -33.53 -10.63
N GLN A 522 35.30 -33.45 -10.90
CA GLN A 522 34.29 -34.08 -10.08
C GLN A 522 34.20 -35.56 -10.46
N SER A 523 34.21 -36.42 -9.45
CA SER A 523 34.09 -37.86 -9.65
C SER A 523 32.95 -38.42 -8.84
N LEU A 524 32.39 -39.51 -9.34
CA LEU A 524 31.34 -40.27 -8.68
C LEU A 524 31.94 -41.62 -8.33
N ASP A 525 32.20 -41.83 -7.05
CA ASP A 525 32.94 -42.99 -6.61
C ASP A 525 32.12 -43.80 -5.63
N GLU A 526 32.33 -45.11 -5.65
CA GLU A 526 31.76 -46.00 -4.64
C GLU A 526 32.65 -45.98 -3.41
N VAL A 527 32.05 -45.69 -2.25
CA VAL A 527 32.79 -45.52 -1.00
C VAL A 527 32.05 -46.23 0.13
N TRP A 528 32.70 -46.29 1.30
CA TRP A 528 32.00 -46.81 2.47
C TRP A 528 31.19 -45.72 3.15
N VAL A 529 30.09 -46.15 3.76
CA VAL A 529 29.25 -45.30 4.61
C VAL A 529 30.01 -44.98 5.89
N THR A 530 29.49 -44.02 6.65
CA THR A 530 30.07 -43.62 7.93
C THR A 530 29.38 -44.33 9.08
N LYS A 531 29.96 -44.16 10.27
CA LYS A 531 29.34 -44.70 11.48
C LYS A 531 27.92 -44.16 11.67
N ALA A 532 27.74 -42.84 11.46
CA ALA A 532 26.42 -42.23 11.62
C ALA A 532 25.39 -42.80 10.65
N ASN A 533 25.79 -42.98 9.37
CA ASN A 533 24.88 -43.58 8.40
C ASN A 533 24.38 -44.92 8.92
N THR A 534 25.31 -45.81 9.31
CA THR A 534 24.92 -47.15 9.74
C THR A 534 23.97 -47.10 10.92
N GLN A 535 24.24 -46.22 11.90
CA GLN A 535 23.28 -46.02 12.98
C GLN A 535 21.90 -45.64 12.44
N GLN A 536 21.83 -44.72 11.48
CA GLN A 536 20.52 -44.30 11.00
C GLN A 536 19.78 -45.46 10.32
N ARG A 537 20.51 -46.32 9.61
CA ARG A 537 19.87 -47.46 8.99
C ARG A 537 19.36 -48.48 10.01
N ARG A 538 20.08 -48.64 11.12
CA ARG A 538 19.59 -49.52 12.18
C ARG A 538 18.21 -49.09 12.62
N GLY A 539 18.02 -47.79 12.82
CA GLY A 539 16.76 -47.27 13.32
C GLY A 539 15.58 -47.57 12.41
N ARG A 540 15.83 -47.75 11.11
CA ARG A 540 14.72 -47.98 10.19
C ARG A 540 14.06 -49.34 10.38
N ALA A 541 14.66 -50.25 11.16
CA ALA A 541 14.03 -51.53 11.46
C ALA A 541 13.14 -51.49 12.69
N GLY A 542 13.27 -50.48 13.54
CA GLY A 542 12.58 -50.50 14.81
C GLY A 542 11.39 -49.58 14.92
N ARG A 543 10.60 -49.47 13.86
CA ARG A 543 9.42 -48.61 13.90
C ARG A 543 8.19 -49.35 14.42
N VAL A 544 7.96 -50.57 13.95
CA VAL A 544 6.72 -51.30 14.24
C VAL A 544 6.93 -52.29 15.38
N ARG A 545 8.00 -53.07 15.34
CA ARG A 545 8.31 -54.09 16.33
C ARG A 545 9.82 -54.25 16.33
N PRO A 546 10.36 -55.02 17.29
CA PRO A 546 11.81 -55.25 17.29
C PRO A 546 12.28 -55.91 16.00
N GLY A 547 13.44 -55.47 15.53
CA GLY A 547 14.03 -55.96 14.30
C GLY A 547 15.50 -56.31 14.41
N ILE A 548 16.09 -56.62 13.27
CA ILE A 548 17.51 -56.94 13.18
C ILE A 548 18.11 -56.16 12.02
N CYS A 549 19.36 -55.72 12.18
CA CYS A 549 20.10 -55.01 11.15
C CYS A 549 21.34 -55.81 10.77
N TYR A 550 21.40 -56.28 9.53
CA TYR A 550 22.50 -57.08 9.04
C TYR A 550 23.49 -56.17 8.30
N ASN A 551 24.69 -56.00 8.88
CA ASN A 551 25.73 -55.20 8.26
C ASN A 551 26.74 -56.12 7.59
N LEU A 552 26.87 -56.01 6.26
CA LEU A 552 27.78 -56.86 5.51
C LEU A 552 29.21 -56.33 5.50
N PHE A 553 29.76 -56.08 6.68
CA PHE A 553 31.16 -55.76 6.83
C PHE A 553 31.55 -56.14 8.26
N SER A 554 32.83 -56.38 8.46
CA SER A 554 33.29 -56.78 9.77
C SER A 554 33.35 -55.57 10.71
N ARG A 555 33.33 -55.83 12.01
CA ARG A 555 33.54 -54.74 12.94
C ARG A 555 34.94 -54.17 12.81
N ALA A 556 35.84 -54.89 12.17
CA ALA A 556 37.12 -54.30 11.82
C ALA A 556 36.92 -53.15 10.85
N ARG A 557 35.94 -53.28 9.93
CA ARG A 557 35.61 -52.19 9.02
C ARG A 557 35.01 -51.00 9.77
N GLU A 558 34.03 -51.24 10.66
CA GLU A 558 33.40 -50.10 11.34
C GLU A 558 34.43 -49.20 12.01
N ASP A 559 35.52 -49.78 12.49
CA ASP A 559 36.55 -48.93 13.10
C ASP A 559 37.39 -48.22 12.06
N ARG A 560 37.30 -48.61 10.78
CA ARG A 560 37.88 -47.82 9.71
C ARG A 560 37.01 -46.63 9.33
N MET A 561 35.70 -46.71 9.58
CA MET A 561 34.75 -45.74 9.06
C MET A 561 34.84 -44.40 9.77
N ASP A 562 34.46 -43.36 9.05
CA ASP A 562 34.41 -42.01 9.59
C ASP A 562 33.22 -41.85 10.54
N ASP A 563 33.28 -40.79 11.35
CA ASP A 563 32.14 -40.44 12.20
C ASP A 563 30.94 -40.00 11.36
N ILE A 564 31.13 -38.97 10.54
CA ILE A 564 30.05 -38.34 9.79
C ILE A 564 30.46 -38.36 8.33
N PRO A 565 29.56 -38.11 7.40
CA PRO A 565 30.01 -37.80 6.04
C PRO A 565 30.73 -36.46 6.06
N THR A 566 31.55 -36.25 5.06
CA THR A 566 32.15 -34.94 4.87
C THR A 566 31.04 -33.88 4.83
N PRO A 567 31.04 -32.92 5.74
CA PRO A 567 30.08 -31.79 5.65
C PRO A 567 30.11 -31.20 4.25
N GLU A 568 28.92 -30.91 3.73
CA GLU A 568 28.79 -30.66 2.30
C GLU A 568 29.26 -29.27 1.89
N ILE A 569 29.38 -28.33 2.83
CA ILE A 569 30.02 -27.04 2.57
C ILE A 569 31.43 -27.24 2.00
N LEU A 570 32.10 -28.34 2.35
CA LEU A 570 33.47 -28.55 1.88
C LEU A 570 33.53 -29.11 0.47
N ARG A 571 32.44 -29.66 -0.04
CA ARG A 571 32.36 -30.29 -1.36
C ARG A 571 31.74 -29.41 -2.44
N SER A 572 31.26 -28.22 -2.09
CA SER A 572 30.40 -27.45 -2.96
C SER A 572 31.12 -26.30 -3.65
N LYS A 573 30.63 -25.95 -4.83
CA LYS A 573 31.03 -24.70 -5.47
C LYS A 573 30.40 -23.53 -4.71
N LEU A 574 31.13 -22.42 -4.66
CA LEU A 574 30.85 -21.38 -3.69
C LEU A 574 30.35 -20.08 -4.29
N GLU A 575 30.31 -19.98 -5.63
CA GLU A 575 29.92 -18.73 -6.26
C GLU A 575 28.56 -18.26 -5.78
N SER A 576 27.64 -19.20 -5.56
CA SER A 576 26.29 -18.82 -5.14
C SER A 576 26.31 -18.17 -3.76
N ILE A 577 26.97 -18.82 -2.80
CA ILE A 577 27.00 -18.31 -1.43
C ILE A 577 27.73 -16.98 -1.38
N ILE A 578 28.91 -16.89 -1.99
CA ILE A 578 29.67 -15.64 -1.98
C ILE A 578 28.84 -14.49 -2.53
N LEU A 579 28.12 -14.74 -3.63
CA LEU A 579 27.27 -13.68 -4.19
C LEU A 579 26.14 -13.33 -3.23
N SER A 580 25.47 -14.34 -2.68
CA SER A 580 24.39 -14.12 -1.71
C SER A 580 24.86 -13.35 -0.48
N LEU A 581 26.07 -13.64 0.00
CA LEU A 581 26.60 -12.95 1.18
C LEU A 581 26.71 -11.44 0.96
N LYS A 582 26.93 -10.99 -0.30
CA LYS A 582 27.09 -9.57 -0.52
C LYS A 582 25.80 -8.79 -0.24
N LEU A 583 24.64 -9.40 -0.49
CA LEU A 583 23.36 -8.77 -0.19
C LEU A 583 23.05 -8.70 1.29
N LEU A 584 23.82 -9.38 2.13
CA LEU A 584 23.72 -9.25 3.58
C LEU A 584 24.82 -8.37 4.13
N HIS A 585 25.48 -7.60 3.27
CA HIS A 585 26.61 -6.76 3.67
C HIS A 585 27.71 -7.57 4.37
N ILE A 586 27.88 -8.82 3.97
CA ILE A 586 29.08 -9.58 4.33
C ILE A 586 29.98 -9.56 3.10
N ASP A 587 30.87 -8.58 3.07
CA ASP A 587 31.59 -8.30 1.83
C ASP A 587 32.89 -9.07 1.72
N ASP A 588 33.33 -9.72 2.79
CA ASP A 588 34.59 -10.47 2.79
C ASP A 588 34.32 -11.95 2.97
N PRO A 589 34.19 -12.70 1.88
CA PRO A 589 33.83 -14.12 2.01
C PRO A 589 34.94 -14.97 2.64
N TYR A 590 36.20 -14.62 2.45
CA TYR A 590 37.28 -15.29 3.17
C TYR A 590 37.12 -15.17 4.70
N ARG A 591 36.86 -13.96 5.20
CA ARG A 591 36.80 -13.81 6.65
C ARG A 591 35.57 -14.49 7.24
N PHE A 592 34.41 -14.32 6.62
CA PHE A 592 33.18 -14.89 7.17
C PHE A 592 33.15 -16.40 7.07
N LEU A 593 33.51 -16.96 5.92
CA LEU A 593 33.45 -18.40 5.74
C LEU A 593 34.45 -19.12 6.65
N GLN A 594 35.54 -18.45 7.03
CA GLN A 594 36.48 -19.06 7.95
C GLN A 594 35.86 -19.31 9.32
N THR A 595 34.75 -18.64 9.63
CA THR A 595 34.10 -18.81 10.93
C THR A 595 33.05 -19.93 10.96
N LEU A 596 32.90 -20.72 9.92
CA LEU A 596 31.92 -21.81 10.00
C LEU A 596 32.50 -22.98 10.80
N ILE A 597 31.61 -23.92 11.17
CA ILE A 597 32.06 -25.03 12.02
C ILE A 597 33.23 -25.74 11.36
N ASN A 598 33.18 -25.92 10.05
CA ASN A 598 34.32 -26.32 9.24
C ASN A 598 34.53 -25.28 8.15
N ALA A 599 35.70 -24.64 8.13
CA ALA A 599 35.94 -23.62 7.13
C ALA A 599 36.16 -24.27 5.77
N PRO A 600 35.50 -23.80 4.72
CA PRO A 600 35.82 -24.31 3.39
C PRO A 600 37.25 -23.96 3.01
N ASN A 601 37.76 -24.68 2.04
CA ASN A 601 39.11 -24.46 1.54
C ASN A 601 39.20 -23.04 0.97
N PRO A 602 40.11 -22.20 1.48
CA PRO A 602 40.20 -20.83 0.92
C PRO A 602 40.46 -20.81 -0.57
N GLU A 603 41.07 -21.88 -1.11
CA GLU A 603 41.30 -21.97 -2.54
C GLU A 603 40.01 -22.23 -3.32
N ALA A 604 39.00 -22.82 -2.67
CA ALA A 604 37.66 -22.94 -3.25
C ALA A 604 36.88 -21.64 -3.19
N ILE A 605 37.19 -20.79 -2.22
CA ILE A 605 36.61 -19.44 -2.20
C ILE A 605 37.17 -18.62 -3.36
N LYS A 606 38.50 -18.68 -3.57
CA LYS A 606 39.09 -17.95 -4.69
C LYS A 606 38.51 -18.40 -6.02
N MET A 607 38.27 -19.71 -6.19
CA MET A 607 37.64 -20.14 -7.43
C MET A 607 36.24 -19.55 -7.55
N GLY A 608 35.57 -19.37 -6.42
CA GLY A 608 34.24 -18.79 -6.46
C GLY A 608 34.26 -17.35 -6.90
N VAL A 609 35.05 -16.54 -6.21
CA VAL A 609 35.19 -15.13 -6.58
C VAL A 609 35.61 -14.99 -8.04
N GLU A 610 36.53 -15.86 -8.50
CA GLU A 610 37.01 -15.73 -9.87
C GLU A 610 35.90 -15.98 -10.86
N LEU A 611 35.13 -17.05 -10.66
CA LEU A 611 34.01 -17.26 -11.57
C LEU A 611 33.10 -16.06 -11.57
N LEU A 612 32.82 -15.49 -10.40
CA LEU A 612 31.91 -14.35 -10.34
C LEU A 612 32.50 -13.13 -11.02
N LYS A 613 33.82 -12.95 -10.95
CA LYS A 613 34.46 -11.85 -11.66
C LYS A 613 34.35 -12.04 -13.16
N ARG A 614 34.40 -13.28 -13.63
CA ARG A 614 34.40 -13.54 -15.06
C ARG A 614 33.02 -13.30 -15.69
N ILE A 615 31.95 -13.68 -15.01
CA ILE A 615 30.61 -13.40 -15.55
C ILE A 615 30.19 -11.98 -15.23
N GLU A 616 31.08 -11.22 -14.57
CA GLU A 616 30.93 -9.78 -14.31
C GLU A 616 29.84 -9.47 -13.27
N ALA A 617 29.62 -10.40 -12.32
CA ALA A 617 28.82 -10.13 -11.14
C ALA A 617 29.57 -9.38 -10.06
N LEU A 618 30.89 -9.51 -10.02
CA LEU A 618 31.80 -8.69 -9.22
C LEU A 618 32.78 -8.00 -10.15
N ASP A 619 33.23 -6.81 -9.75
CA ASP A 619 34.27 -6.10 -10.50
C ASP A 619 35.66 -6.62 -10.12
N GLN A 620 36.70 -6.02 -10.70
CA GLN A 620 38.04 -6.54 -10.45
C GLN A 620 38.43 -6.40 -8.98
N THR A 621 38.05 -5.27 -8.35
CA THR A 621 38.31 -5.14 -6.91
C THR A 621 37.49 -6.11 -6.06
N GLY A 622 36.43 -6.70 -6.61
CA GLY A 622 35.60 -7.63 -5.88
C GLY A 622 34.30 -7.05 -5.35
N THR A 623 34.00 -5.81 -5.67
CA THR A 623 32.77 -5.18 -5.22
C THR A 623 31.62 -5.63 -6.11
N LEU A 624 30.42 -5.59 -5.55
CA LEU A 624 29.23 -6.02 -6.29
C LEU A 624 28.96 -5.10 -7.49
N THR A 625 28.53 -5.68 -8.61
CA THR A 625 28.12 -4.91 -9.77
C THR A 625 26.61 -4.91 -9.87
N PRO A 626 26.04 -3.97 -10.62
CA PRO A 626 24.57 -3.99 -10.80
C PRO A 626 24.07 -5.31 -11.34
N LEU A 627 24.76 -5.91 -12.30
CA LEU A 627 24.35 -7.23 -12.76
C LEU A 627 24.33 -8.22 -11.60
N GLY A 628 25.42 -8.25 -10.81
CA GLY A 628 25.51 -9.23 -9.73
C GLY A 628 24.41 -9.09 -8.70
N MET A 629 23.97 -7.85 -8.42
CA MET A 629 22.85 -7.69 -7.49
C MET A 629 21.57 -8.34 -8.04
N HIS A 630 21.28 -8.15 -9.33
CA HIS A 630 20.17 -8.88 -9.93
C HIS A 630 20.35 -10.37 -9.78
N LEU A 631 21.53 -10.87 -10.19
CA LEU A 631 21.78 -12.29 -10.10
C LEU A 631 21.57 -12.80 -8.67
N ALA A 632 21.99 -12.01 -7.68
CA ALA A 632 21.84 -12.43 -6.30
C ALA A 632 20.38 -12.54 -5.91
N LYS A 633 19.52 -11.75 -6.56
CA LYS A 633 18.09 -11.75 -6.29
C LYS A 633 17.32 -12.79 -7.13
N LEU A 634 18.02 -13.74 -7.75
CA LEU A 634 17.37 -14.83 -8.47
C LEU A 634 17.63 -16.16 -7.78
N PRO A 635 16.61 -16.94 -7.46
CA PRO A 635 16.83 -18.19 -6.71
C PRO A 635 17.43 -19.29 -7.58
N ILE A 636 18.60 -19.00 -8.14
CA ILE A 636 19.25 -19.91 -9.06
C ILE A 636 20.70 -19.48 -9.17
N ASP A 637 21.59 -20.45 -9.46
CA ASP A 637 23.01 -20.20 -9.67
C ASP A 637 23.26 -19.01 -10.58
N PRO A 638 24.33 -18.26 -10.33
CA PRO A 638 24.49 -16.99 -11.04
C PRO A 638 24.68 -17.15 -12.53
N GLN A 639 25.30 -18.24 -12.98
CA GLN A 639 25.45 -18.43 -14.40
C GLN A 639 24.09 -18.59 -15.06
N MET A 640 23.30 -19.56 -14.61
CA MET A 640 21.98 -19.71 -15.20
C MET A 640 21.11 -18.49 -14.94
N GLY A 641 21.34 -17.77 -13.84
CA GLY A 641 20.66 -16.50 -13.69
C GLY A 641 20.95 -15.58 -14.84
N LYS A 642 22.24 -15.43 -15.18
CA LYS A 642 22.63 -14.57 -16.28
C LYS A 642 22.00 -15.03 -17.60
N MET A 643 21.96 -16.35 -17.82
CA MET A 643 21.32 -16.91 -19.02
C MET A 643 19.81 -16.62 -19.02
N ILE A 644 19.13 -16.77 -17.88
CA ILE A 644 17.73 -16.38 -17.81
C ILE A 644 17.55 -14.91 -18.17
N LEU A 645 18.40 -14.06 -17.59
CA LEU A 645 18.33 -12.63 -17.86
C LEU A 645 18.53 -12.34 -19.35
N MET A 646 19.54 -12.98 -19.96
CA MET A 646 19.81 -12.75 -21.37
C MET A 646 18.61 -13.13 -22.21
N SER A 647 17.88 -14.19 -21.82
CA SER A 647 16.70 -14.62 -22.57
C SER A 647 15.62 -13.56 -22.57
N ALA A 648 15.59 -12.71 -21.54
CA ALA A 648 14.62 -11.62 -21.52
C ALA A 648 14.99 -10.56 -22.55
N LEU A 649 16.24 -10.10 -22.53
CA LEU A 649 16.67 -9.09 -23.50
C LEU A 649 16.63 -9.60 -24.94
N PHE A 650 16.77 -10.92 -25.15
CA PHE A 650 16.82 -11.49 -26.49
C PHE A 650 15.55 -12.22 -26.87
N CYS A 651 14.46 -12.06 -26.10
CA CYS A 651 13.12 -12.49 -26.50
C CYS A 651 13.01 -13.99 -26.76
N CYS A 652 13.63 -14.80 -25.91
CA CYS A 652 13.51 -16.26 -26.02
C CYS A 652 13.25 -16.88 -24.64
N LEU A 653 12.32 -16.25 -23.91
CA LEU A 653 12.18 -16.48 -22.48
C LEU A 653 11.75 -17.91 -22.15
N ASP A 654 10.85 -18.48 -22.95
CA ASP A 654 10.24 -19.75 -22.54
C ASP A 654 11.25 -20.89 -22.60
N PRO A 655 11.86 -21.19 -23.75
CA PRO A 655 12.82 -22.30 -23.75
C PRO A 655 14.05 -22.07 -22.87
N ILE A 656 14.49 -20.84 -22.66
CA ILE A 656 15.67 -20.67 -21.83
C ILE A 656 15.35 -20.97 -20.37
N THR A 657 14.21 -20.48 -19.86
CA THR A 657 13.90 -20.81 -18.47
C THR A 657 13.54 -22.29 -18.28
N SER A 658 13.12 -23.00 -19.33
CA SER A 658 13.05 -24.46 -19.22
C SER A 658 14.44 -25.06 -19.04
N ALA A 659 15.37 -24.63 -19.88
CA ALA A 659 16.75 -25.04 -19.72
C ALA A 659 17.25 -24.73 -18.31
N ALA A 660 16.99 -23.51 -17.84
CA ALA A 660 17.46 -23.13 -16.51
C ALA A 660 16.84 -24.00 -15.43
N ALA A 661 15.52 -24.16 -15.47
CA ALA A 661 14.83 -24.87 -14.42
C ALA A 661 15.30 -26.32 -14.35
N ALA A 662 15.54 -26.95 -15.51
CA ALA A 662 15.86 -28.37 -15.49
C ALA A 662 17.29 -28.61 -15.00
N LEU A 663 18.18 -27.64 -15.18
CA LEU A 663 19.52 -27.77 -14.64
C LEU A 663 19.56 -27.53 -13.14
N SER A 664 18.83 -26.51 -12.68
CA SER A 664 18.82 -26.19 -11.25
C SER A 664 18.13 -27.28 -10.43
N PHE A 665 17.00 -27.77 -10.94
CA PHE A 665 16.21 -28.94 -10.51
C PHE A 665 16.71 -30.18 -11.27
N LYS A 666 15.96 -31.27 -11.22
CA LYS A 666 16.34 -32.50 -11.89
C LYS A 666 15.61 -32.64 -13.23
N SER A 667 15.82 -33.78 -13.89
CA SER A 667 15.17 -34.15 -15.12
C SER A 667 13.77 -34.72 -14.87
N PRO A 668 12.83 -34.47 -15.78
CA PRO A 668 11.48 -35.06 -15.64
C PRO A 668 11.38 -36.52 -16.03
N PHE A 669 12.45 -37.13 -16.51
CA PHE A 669 12.42 -38.49 -17.00
C PHE A 669 12.79 -39.48 -15.89
N TYR A 670 11.93 -40.49 -15.70
CA TYR A 670 12.29 -41.66 -14.92
C TYR A 670 13.28 -42.53 -15.70
N SER A 671 13.98 -43.40 -14.96
CA SER A 671 14.83 -44.44 -15.53
C SER A 671 14.43 -45.78 -14.96
N PRO A 672 13.27 -46.31 -15.37
CA PRO A 672 12.81 -47.60 -14.86
C PRO A 672 13.72 -48.74 -15.27
N LEU A 673 13.70 -49.80 -14.46
CA LEU A 673 14.63 -50.91 -14.68
C LEU A 673 14.24 -51.67 -15.93
N GLY A 674 15.27 -52.07 -16.69
CA GLY A 674 15.05 -52.82 -17.92
C GLY A 674 14.52 -51.99 -19.07
N LYS A 675 14.31 -50.70 -18.89
CA LYS A 675 13.80 -49.83 -19.95
C LYS A 675 14.83 -48.81 -20.40
N GLU A 676 16.10 -48.98 -19.99
CA GLU A 676 17.19 -48.11 -20.43
C GLU A 676 17.21 -47.94 -21.95
N SER A 677 17.00 -49.04 -22.69
CA SER A 677 16.94 -48.94 -24.15
C SER A 677 15.82 -48.02 -24.61
N ARG A 678 14.65 -48.10 -23.97
CA ARG A 678 13.49 -47.34 -24.45
C ARG A 678 13.54 -45.91 -23.99
N VAL A 679 14.15 -45.64 -22.84
CA VAL A 679 14.25 -44.26 -22.42
C VAL A 679 15.12 -43.49 -23.41
N ASP A 680 16.18 -44.11 -23.92
CA ASP A 680 17.02 -43.47 -24.93
C ASP A 680 16.24 -43.06 -26.17
N GLU A 681 15.35 -43.96 -26.65
CA GLU A 681 14.54 -43.61 -27.80
C GLU A 681 13.61 -42.44 -27.51
N ILE A 682 12.99 -42.44 -26.33
CA ILE A 682 12.06 -41.36 -26.00
C ILE A 682 12.80 -40.02 -25.98
N LYS A 683 14.03 -40.02 -25.49
CA LYS A 683 14.75 -38.77 -25.33
C LYS A 683 15.24 -38.25 -26.69
N ARG A 684 15.84 -39.12 -27.50
CA ARG A 684 16.18 -38.76 -28.88
C ARG A 684 14.97 -38.21 -29.62
N ARG A 685 13.80 -38.81 -29.42
CA ARG A 685 12.61 -38.36 -30.14
C ARG A 685 12.17 -36.98 -29.68
N MET A 686 12.29 -36.71 -28.38
CA MET A 686 11.94 -35.39 -27.86
C MET A 686 13.04 -34.36 -28.10
N ALA A 687 14.27 -34.81 -28.30
CA ALA A 687 15.32 -33.87 -28.66
C ALA A 687 15.11 -33.26 -30.04
N ARG A 688 14.28 -33.93 -30.87
CA ARG A 688 13.92 -33.45 -32.21
C ARG A 688 15.16 -33.17 -33.07
N ASN A 689 16.18 -34.01 -32.93
CA ASN A 689 17.42 -33.87 -33.68
C ASN A 689 18.05 -32.47 -33.52
N MET A 690 17.71 -31.76 -32.46
CA MET A 690 18.33 -30.46 -32.18
C MET A 690 19.65 -30.58 -31.41
N ARG A 691 20.07 -31.78 -31.04
CA ARG A 691 21.42 -32.03 -30.51
C ARG A 691 21.72 -31.27 -29.21
N SER A 692 20.72 -31.07 -28.36
CA SER A 692 20.87 -30.35 -27.10
C SER A 692 20.05 -31.02 -26.01
N ASP A 693 20.73 -31.48 -24.95
CA ASP A 693 20.00 -32.03 -23.81
C ASP A 693 19.05 -31.00 -23.21
N HIS A 694 19.35 -29.72 -23.37
CA HIS A 694 18.58 -28.66 -22.73
C HIS A 694 17.34 -28.33 -23.53
N LEU A 695 17.49 -28.13 -24.85
CA LEU A 695 16.30 -27.94 -25.67
C LEU A 695 15.38 -29.16 -25.59
N MET A 696 15.96 -30.35 -25.45
CA MET A 696 15.16 -31.56 -25.37
C MET A 696 14.16 -31.49 -24.22
N VAL A 697 14.58 -30.96 -23.06
CA VAL A 697 13.64 -30.80 -21.96
C VAL A 697 12.55 -29.82 -22.35
N HIS A 698 12.89 -28.73 -23.04
CA HIS A 698 11.85 -27.77 -23.37
C HIS A 698 10.83 -28.34 -24.33
N ASN A 699 11.27 -29.10 -25.34
CA ASN A 699 10.32 -29.79 -26.21
C ASN A 699 9.40 -30.69 -25.38
N THR A 700 9.97 -31.36 -24.38
CA THR A 700 9.19 -32.20 -23.48
C THR A 700 8.10 -31.38 -22.79
N ILE A 701 8.47 -30.20 -22.28
CA ILE A 701 7.50 -29.31 -21.66
C ILE A 701 6.47 -28.83 -22.68
N ILE A 702 6.90 -28.49 -23.89
CA ILE A 702 5.94 -28.12 -24.91
C ILE A 702 4.98 -29.26 -25.17
N ALA A 703 5.49 -30.49 -25.25
CA ALA A 703 4.60 -31.64 -25.44
C ALA A 703 3.70 -31.86 -24.22
N TYR A 704 4.25 -31.68 -23.01
CA TYR A 704 3.45 -31.89 -21.81
C TYR A 704 2.25 -30.94 -21.75
N ARG A 705 2.48 -29.65 -22.04
CA ARG A 705 1.36 -28.69 -22.06
C ARG A 705 0.29 -29.12 -23.04
N ASP A 706 0.72 -29.63 -24.20
CA ASP A 706 -0.22 -30.03 -25.23
C ASP A 706 -1.09 -31.19 -24.73
N SER A 707 -0.49 -32.14 -24.02
CA SER A 707 -1.31 -33.22 -23.47
C SER A 707 -2.28 -32.71 -22.40
N ARG A 708 -1.98 -31.59 -21.76
CA ARG A 708 -2.95 -31.03 -20.83
C ARG A 708 -4.07 -30.34 -21.60
N TYR A 709 -3.73 -29.78 -22.75
CA TYR A 709 -4.72 -29.16 -23.59
C TYR A 709 -5.63 -30.21 -24.23
N SER A 710 -5.13 -31.45 -24.40
CA SER A 710 -5.89 -32.55 -24.96
C SER A 710 -6.50 -33.47 -23.92
N HIS A 711 -6.44 -33.12 -22.64
CA HIS A 711 -6.93 -34.01 -21.59
C HIS A 711 -6.33 -35.43 -21.71
N ALA A 712 -5.12 -35.52 -22.26
CA ALA A 712 -4.43 -36.80 -22.43
C ALA A 712 -3.14 -36.88 -21.62
N GLU A 713 -3.14 -36.24 -20.44
CA GLU A 713 -1.90 -36.06 -19.68
C GLU A 713 -1.36 -37.39 -19.18
N ARG A 714 -2.22 -38.25 -18.62
CA ARG A 714 -1.72 -39.45 -17.96
C ARG A 714 -1.06 -40.38 -18.96
N ASP A 715 -1.68 -40.58 -20.12
CA ASP A 715 -1.09 -41.48 -21.10
C ASP A 715 0.16 -40.88 -21.74
N PHE A 716 0.15 -39.59 -22.05
CA PHE A 716 1.38 -38.96 -22.46
C PHE A 716 2.50 -39.23 -21.45
N CYS A 717 2.20 -39.10 -20.16
CA CYS A 717 3.23 -39.35 -19.15
C CYS A 717 3.61 -40.82 -19.09
N TYR A 718 2.62 -41.71 -19.19
CA TYR A 718 2.89 -43.14 -19.23
C TYR A 718 3.79 -43.53 -20.40
N LYS A 719 3.42 -43.10 -21.62
CA LYS A 719 4.13 -43.50 -22.86
C LYS A 719 5.59 -43.09 -22.85
N ASN A 720 5.92 -41.97 -22.23
CA ASN A 720 7.26 -41.39 -22.33
C ASN A 720 7.98 -41.32 -20.99
N PHE A 721 7.57 -42.11 -19.99
CA PHE A 721 8.31 -42.27 -18.74
C PHE A 721 8.58 -40.94 -18.04
N LEU A 722 7.59 -40.07 -18.01
CA LEU A 722 7.73 -38.75 -17.44
C LEU A 722 7.00 -38.60 -16.11
N SER A 723 7.67 -37.97 -15.16
CA SER A 723 7.08 -37.63 -13.87
C SER A 723 6.26 -36.37 -14.04
N SER A 724 4.93 -36.52 -14.04
CA SER A 724 4.09 -35.33 -14.09
C SER A 724 4.36 -34.41 -12.90
N MET A 725 4.86 -34.95 -11.80
CA MET A 725 5.08 -34.11 -10.62
C MET A 725 6.26 -33.18 -10.83
N THR A 726 7.41 -33.71 -11.26
CA THR A 726 8.54 -32.83 -11.55
C THR A 726 8.19 -31.89 -12.70
N LEU A 727 7.43 -32.37 -13.68
CA LEU A 727 7.08 -31.50 -14.80
C LEU A 727 6.29 -30.29 -14.30
N GLN A 728 5.30 -30.52 -13.44
CA GLN A 728 4.52 -29.40 -12.95
C GLN A 728 5.35 -28.44 -12.11
N GLN A 729 6.32 -28.97 -11.37
CA GLN A 729 7.19 -28.10 -10.57
C GLN A 729 8.13 -27.30 -11.47
N LEU A 730 8.68 -27.94 -12.50
CA LEU A 730 9.44 -27.19 -13.49
C LEU A 730 8.63 -26.01 -14.02
N GLU A 731 7.34 -26.22 -14.26
CA GLU A 731 6.50 -25.13 -14.72
C GLU A 731 6.41 -24.03 -13.65
N ARG A 732 6.21 -24.39 -12.38
CA ARG A 732 6.14 -23.36 -11.34
C ARG A 732 7.45 -22.58 -11.22
N MET A 733 8.58 -23.25 -11.42
CA MET A 733 9.86 -22.54 -11.43
C MET A 733 9.97 -21.59 -12.59
N LYS A 734 9.48 -22.00 -13.76
CA LYS A 734 9.53 -21.13 -14.93
C LYS A 734 8.78 -19.83 -14.66
N ASN A 735 7.58 -19.93 -14.08
CA ASN A 735 6.81 -18.73 -13.76
C ASN A 735 7.45 -17.91 -12.65
N GLN A 736 8.10 -18.55 -11.69
CA GLN A 736 8.78 -17.75 -10.68
C GLN A 736 9.82 -16.86 -11.35
N PHE A 737 10.59 -17.42 -12.29
CA PHE A 737 11.57 -16.61 -13.02
C PHE A 737 10.89 -15.48 -13.80
N SER A 738 9.77 -15.78 -14.45
CA SER A 738 9.02 -14.75 -15.17
C SER A 738 8.58 -13.63 -14.24
N GLU A 739 7.97 -13.99 -13.09
CA GLU A 739 7.46 -12.96 -12.20
C GLU A 739 8.60 -12.10 -11.69
N LEU A 740 9.73 -12.71 -11.35
CA LEU A 740 10.85 -11.93 -10.82
C LEU A 740 11.41 -11.00 -11.87
N LEU A 741 11.75 -11.54 -13.05
CA LEU A 741 12.19 -10.68 -14.14
C LEU A 741 11.16 -9.59 -14.46
N TYR A 742 9.87 -9.92 -14.37
CA TYR A 742 8.84 -8.90 -14.59
C TYR A 742 8.88 -7.83 -13.48
N ASN A 743 8.92 -8.25 -12.21
CA ASN A 743 8.99 -7.28 -11.14
C ASN A 743 10.25 -6.42 -11.21
N TYR A 744 11.31 -6.93 -11.84
CA TYR A 744 12.60 -6.23 -11.92
C TYR A 744 12.69 -5.32 -13.14
N LYS A 745 11.60 -5.19 -13.89
CA LYS A 745 11.47 -4.31 -15.05
C LYS A 745 12.25 -4.83 -16.26
N PHE A 746 12.56 -6.12 -16.33
CA PHE A 746 13.16 -6.74 -17.52
C PHE A 746 12.13 -7.33 -18.48
N LEU A 747 10.88 -7.49 -18.08
CA LEU A 747 9.83 -8.01 -18.95
C LEU A 747 8.60 -7.13 -18.86
N ALA A 748 7.91 -6.96 -20.00
CA ALA A 748 6.64 -6.26 -19.98
C ALA A 748 5.49 -7.12 -19.43
N SER A 749 5.69 -8.44 -19.35
CA SER A 749 4.67 -9.40 -18.92
C SER A 749 5.33 -10.46 -18.04
N SER A 750 4.60 -10.89 -17.01
CA SER A 750 5.06 -11.94 -16.10
C SER A 750 4.79 -13.37 -16.61
N ASN A 751 4.26 -13.55 -17.80
CA ASN A 751 3.91 -14.87 -18.29
C ASN A 751 5.08 -15.41 -19.10
N CYS A 752 5.62 -16.57 -18.73
CA CYS A 752 6.81 -16.95 -19.49
C CYS A 752 6.48 -17.34 -20.93
N LYS A 753 5.20 -17.50 -21.29
CA LYS A 753 4.81 -17.83 -22.65
C LYS A 753 4.30 -16.63 -23.42
N ASP A 754 4.43 -15.42 -22.90
CA ASP A 754 3.93 -14.26 -23.64
C ASP A 754 4.59 -14.17 -25.02
N ALA A 755 3.79 -13.79 -26.02
CA ALA A 755 4.31 -13.75 -27.37
C ALA A 755 5.42 -12.71 -27.52
N ALA A 756 5.29 -11.57 -26.83
CA ALA A 756 6.31 -10.54 -26.96
C ALA A 756 7.63 -11.02 -26.38
N SER A 757 7.57 -11.76 -25.27
CA SER A 757 8.81 -12.25 -24.70
C SER A 757 9.41 -13.39 -25.47
N ASN A 758 8.76 -13.84 -26.53
CA ASN A 758 9.16 -15.09 -27.19
C ASN A 758 9.21 -14.99 -28.71
N LYS A 759 9.29 -13.78 -29.28
CA LYS A 759 9.37 -13.66 -30.73
C LYS A 759 10.56 -14.44 -31.31
N ASN A 760 11.56 -14.74 -30.50
CA ASN A 760 12.75 -15.41 -30.98
C ASN A 760 12.83 -16.87 -30.59
N SER A 761 11.78 -17.39 -29.95
CA SER A 761 11.87 -18.67 -29.25
C SER A 761 11.95 -19.87 -30.18
N GLU A 762 11.74 -19.70 -31.48
CA GLU A 762 11.88 -20.79 -32.43
C GLU A 762 13.10 -20.65 -33.33
N LYS A 763 13.89 -19.59 -33.14
CA LYS A 763 15.16 -19.40 -33.82
C LYS A 763 16.19 -20.26 -33.09
N ILE A 764 16.37 -21.50 -33.53
CA ILE A 764 17.25 -22.43 -32.83
C ILE A 764 18.70 -21.94 -32.74
N PRO A 765 19.30 -21.37 -33.79
CA PRO A 765 20.65 -20.82 -33.60
C PRO A 765 20.71 -19.76 -32.51
N LEU A 766 19.65 -18.99 -32.32
CA LEU A 766 19.67 -18.01 -31.26
C LEU A 766 19.66 -18.70 -29.89
N LEU A 767 18.88 -19.78 -29.74
CA LEU A 767 18.76 -20.42 -28.43
C LEU A 767 20.07 -21.08 -28.03
N ARG A 768 20.77 -21.71 -28.97
CA ARG A 768 22.10 -22.23 -28.63
C ARG A 768 23.03 -21.12 -28.16
N ALA A 769 22.86 -19.91 -28.70
CA ALA A 769 23.72 -18.78 -28.31
C ALA A 769 23.44 -18.32 -26.89
N ILE A 770 22.16 -18.27 -26.49
CA ILE A 770 21.86 -17.83 -25.14
C ILE A 770 22.22 -18.92 -24.13
N ILE A 771 22.00 -20.19 -24.50
CA ILE A 771 22.46 -21.31 -23.68
C ILE A 771 23.98 -21.26 -23.49
N GLY A 772 24.73 -21.09 -24.59
CA GLY A 772 26.17 -20.97 -24.47
C GLY A 772 26.60 -19.84 -23.54
N ALA A 773 25.90 -18.69 -23.62
CA ALA A 773 26.25 -17.59 -22.73
C ALA A 773 26.10 -17.97 -21.27
N GLY A 774 25.27 -18.98 -20.97
CA GLY A 774 25.11 -19.46 -19.62
C GLY A 774 26.13 -20.49 -19.21
N LEU A 775 26.35 -21.51 -20.04
CA LEU A 775 27.27 -22.58 -19.67
C LEU A 775 28.74 -22.23 -19.93
N TYR A 776 29.02 -21.22 -20.75
CA TYR A 776 30.39 -20.80 -20.96
C TYR A 776 31.05 -20.53 -19.61
N PRO A 777 32.33 -20.90 -19.43
CA PRO A 777 33.30 -21.29 -20.44
C PRO A 777 33.50 -22.79 -20.53
N ASN A 778 32.45 -23.56 -20.30
CA ASN A 778 32.62 -25.01 -20.25
C ASN A 778 32.35 -25.54 -21.66
N MET A 779 33.42 -25.70 -22.43
CA MET A 779 33.33 -26.07 -23.84
C MET A 779 34.05 -27.37 -24.15
N ALA A 780 33.56 -28.08 -25.15
CA ALA A 780 34.21 -29.27 -25.65
C ALA A 780 34.24 -29.21 -27.17
N HIS A 781 35.23 -29.88 -27.73
CA HIS A 781 35.42 -29.91 -29.17
C HIS A 781 35.51 -31.37 -29.58
N LEU A 782 34.79 -31.72 -30.63
CA LEU A 782 34.67 -33.10 -31.08
C LEU A 782 35.44 -33.25 -32.38
N ARG A 783 36.15 -34.37 -32.54
CA ARG A 783 37.07 -34.53 -33.66
C ARG A 783 36.95 -35.80 -34.49
N LYS A 784 36.04 -36.74 -34.18
CA LYS A 784 36.07 -38.08 -34.75
C LYS A 784 34.69 -38.61 -35.09
N SER A 785 34.73 -39.73 -35.82
CA SER A 785 33.55 -40.35 -36.39
C SER A 785 33.59 -41.87 -36.16
N ARG A 786 32.53 -42.55 -36.61
CA ARG A 786 32.48 -43.99 -36.80
C ARG A 786 31.18 -44.36 -37.51
N GLN A 787 31.25 -45.31 -38.46
CA GLN A 787 30.04 -45.97 -38.95
C GLN A 787 30.24 -47.47 -39.17
N ILE A 788 31.12 -48.13 -38.41
CA ILE A 788 31.43 -49.55 -38.61
C ILE A 788 31.36 -50.33 -37.30
N LYS A 789 30.59 -51.42 -37.31
CA LYS A 789 29.36 -51.44 -38.08
C LYS A 789 28.17 -52.03 -37.31
N ASN A 790 27.90 -51.75 -36.01
CA ASN A 790 27.02 -52.76 -35.40
C ASN A 790 25.50 -52.66 -35.60
N ARG A 791 24.75 -51.63 -35.10
CA ARG A 791 23.76 -50.87 -35.88
C ARG A 791 23.99 -49.37 -36.06
N VAL A 792 24.12 -48.66 -34.92
CA VAL A 792 23.87 -47.21 -34.89
C VAL A 792 24.79 -46.46 -33.93
N ARG A 793 26.07 -46.78 -33.87
CA ARG A 793 26.87 -46.14 -32.84
C ARG A 793 28.19 -45.66 -33.42
N ALA A 794 28.78 -44.70 -32.73
CA ALA A 794 29.98 -44.05 -33.21
C ALA A 794 30.93 -43.78 -32.05
N ILE A 795 32.21 -43.79 -32.37
CA ILE A 795 33.27 -43.49 -31.42
C ILE A 795 33.66 -42.03 -31.61
N HIS A 796 33.71 -41.30 -30.51
CA HIS A 796 34.00 -39.88 -30.53
C HIS A 796 35.41 -39.66 -30.00
N THR A 797 36.12 -38.71 -30.61
CA THR A 797 37.34 -38.14 -30.02
C THR A 797 37.05 -36.69 -29.66
N MET A 798 36.81 -36.46 -28.38
CA MET A 798 36.37 -35.15 -27.94
C MET A 798 37.15 -34.80 -26.68
N ALA A 799 37.35 -33.51 -26.48
CA ALA A 799 38.16 -33.03 -25.37
C ALA A 799 37.65 -31.66 -24.97
N THR A 800 37.67 -31.39 -23.66
CA THR A 800 37.22 -30.09 -23.18
C THR A 800 38.30 -29.04 -23.38
N ASP A 801 37.93 -27.78 -23.11
CA ASP A 801 38.80 -26.62 -23.32
C ASP A 801 40.17 -26.80 -22.68
N ASP A 802 40.25 -27.51 -21.55
CA ASP A 802 41.48 -27.75 -20.81
C ASP A 802 42.32 -28.86 -21.40
N GLY A 803 41.81 -29.63 -22.36
CA GLY A 803 42.59 -30.63 -23.06
C GLY A 803 42.25 -32.05 -22.70
N ARG A 804 41.55 -32.27 -21.58
CA ARG A 804 41.25 -33.62 -21.13
C ARG A 804 40.23 -34.29 -22.05
N ARG A 805 40.48 -35.55 -22.37
CA ARG A 805 39.62 -36.30 -23.28
C ARG A 805 38.32 -36.71 -22.56
N VAL A 806 37.17 -36.43 -23.21
CA VAL A 806 35.86 -36.64 -22.61
C VAL A 806 34.96 -37.37 -23.60
N ASN A 807 33.80 -37.77 -23.10
CA ASN A 807 32.74 -38.31 -23.94
C ASN A 807 31.40 -37.81 -23.43
N PHE A 808 30.36 -38.05 -24.23
CA PHE A 808 29.01 -37.79 -23.76
C PHE A 808 28.57 -38.94 -22.86
N HIS A 809 28.08 -38.60 -21.68
CA HIS A 809 27.51 -39.61 -20.82
C HIS A 809 26.41 -40.39 -21.56
N PRO A 810 26.33 -41.70 -21.41
CA PRO A 810 25.27 -42.47 -22.09
C PRO A 810 23.85 -41.95 -21.86
N SER A 811 23.59 -41.25 -20.75
CA SER A 811 22.29 -40.65 -20.53
C SER A 811 22.06 -39.39 -21.36
N SER A 812 23.08 -38.89 -22.05
CA SER A 812 22.95 -37.71 -22.91
C SER A 812 22.40 -38.10 -24.27
N VAL A 813 21.57 -37.23 -24.84
CA VAL A 813 21.02 -37.50 -26.17
C VAL A 813 22.07 -37.41 -27.27
N ASN A 814 23.26 -36.89 -26.98
CA ASN A 814 24.33 -36.78 -27.95
C ASN A 814 25.26 -37.98 -27.92
N SER A 815 25.17 -38.84 -26.91
CA SER A 815 26.00 -40.04 -26.85
C SER A 815 25.85 -40.90 -28.10
N GLY A 816 26.98 -41.35 -28.64
CA GLY A 816 26.98 -42.28 -29.76
C GLY A 816 26.41 -41.71 -31.05
N GLU A 817 26.07 -40.43 -31.07
CA GLU A 817 25.52 -39.80 -32.26
C GLU A 817 26.61 -39.49 -33.27
N SER A 818 26.20 -39.30 -34.51
CA SER A 818 27.13 -39.03 -35.60
C SER A 818 26.55 -37.96 -36.51
N GLY A 819 27.46 -37.31 -37.25
CA GLY A 819 27.12 -36.26 -38.21
C GLY A 819 26.54 -34.99 -37.63
N PHE A 820 27.34 -34.29 -36.83
CA PHE A 820 26.91 -33.07 -36.16
C PHE A 820 27.17 -31.86 -37.06
N ASP A 821 26.19 -30.96 -37.13
CA ASP A 821 26.35 -29.73 -37.91
C ASP A 821 27.44 -28.83 -37.36
N SER A 822 27.87 -29.03 -36.12
CA SER A 822 29.00 -28.30 -35.55
C SER A 822 29.77 -29.21 -34.61
N ALA A 823 31.05 -28.89 -34.42
CA ALA A 823 31.93 -29.75 -33.64
C ALA A 823 32.13 -29.28 -32.21
N TYR A 824 31.45 -28.22 -31.78
CA TYR A 824 31.67 -27.62 -30.46
C TYR A 824 30.42 -27.76 -29.58
N PHE A 825 30.65 -27.99 -28.29
CA PHE A 825 29.57 -28.17 -27.34
C PHE A 825 29.82 -27.37 -26.06
N VAL A 826 28.74 -27.01 -25.38
CA VAL A 826 28.80 -26.50 -24.03
C VAL A 826 28.11 -27.52 -23.12
N TYR A 827 28.42 -27.45 -21.82
CA TYR A 827 27.91 -28.44 -20.86
C TYR A 827 27.79 -27.78 -19.50
N PHE A 828 26.94 -28.37 -18.66
CA PHE A 828 26.79 -27.91 -17.29
C PHE A 828 27.67 -28.70 -16.32
N GLN A 829 27.71 -30.02 -16.47
CA GLN A 829 28.45 -30.87 -15.55
C GLN A 829 29.36 -31.83 -16.29
N ARG A 830 30.64 -31.85 -15.92
CA ARG A 830 31.53 -32.96 -16.28
C ARG A 830 31.75 -33.82 -15.04
N GLN A 831 31.90 -35.13 -15.23
CA GLN A 831 32.08 -36.03 -14.09
C GLN A 831 32.63 -37.39 -14.53
N LYS A 832 33.60 -37.89 -13.78
CA LYS A 832 34.28 -39.16 -14.06
C LYS A 832 33.64 -40.24 -13.20
N SER A 833 32.98 -41.24 -13.83
CA SER A 833 32.76 -42.49 -13.13
C SER A 833 33.46 -43.70 -13.73
N THR A 834 33.21 -44.02 -15.01
CA THR A 834 33.93 -45.07 -15.73
C THR A 834 34.88 -44.46 -16.75
N ASP A 835 34.74 -43.16 -16.96
CA ASP A 835 35.51 -42.29 -17.82
C ASP A 835 34.97 -40.90 -17.54
N LEU A 836 35.67 -39.90 -18.05
CA LEU A 836 35.27 -38.52 -17.86
C LEU A 836 34.10 -38.21 -18.80
N PHE A 837 32.92 -37.96 -18.25
CA PHE A 837 31.71 -37.79 -19.06
C PHE A 837 31.20 -36.36 -18.95
N LEU A 838 30.54 -35.91 -20.03
CA LEU A 838 29.71 -34.71 -20.01
C LEU A 838 28.27 -35.14 -19.77
N LEU A 839 27.70 -34.70 -18.65
CA LEU A 839 26.39 -35.25 -18.29
C LEU A 839 25.28 -34.72 -19.17
N ASP A 840 25.52 -33.63 -19.88
CA ASP A 840 24.51 -32.85 -20.59
C ASP A 840 25.26 -31.92 -21.54
N SER A 841 24.73 -31.73 -22.73
CA SER A 841 25.46 -30.90 -23.68
C SER A 841 24.49 -30.20 -24.61
N THR A 842 24.98 -29.11 -25.20
CA THR A 842 24.27 -28.51 -26.33
C THR A 842 25.27 -28.12 -27.41
N MET A 843 24.97 -28.50 -28.65
CA MET A 843 25.86 -28.16 -29.75
C MET A 843 25.76 -26.67 -30.08
N VAL A 844 26.89 -25.99 -30.13
CA VAL A 844 26.95 -24.54 -30.27
C VAL A 844 27.75 -24.19 -31.50
N PHE A 845 27.61 -22.95 -31.94
CA PHE A 845 28.36 -22.56 -33.11
C PHE A 845 29.41 -21.52 -32.73
N PRO A 846 30.58 -21.55 -33.38
CA PRO A 846 31.69 -20.67 -32.97
C PRO A 846 31.33 -19.19 -32.89
N MET A 847 30.56 -18.67 -33.85
CA MET A 847 30.23 -17.25 -33.84
C MET A 847 29.47 -16.87 -32.59
N ALA A 848 28.55 -17.75 -32.15
CA ALA A 848 27.83 -17.49 -30.92
C ALA A 848 28.78 -17.47 -29.72
N LEU A 849 29.74 -18.40 -29.69
CA LEU A 849 30.73 -18.38 -28.61
C LEU A 849 31.51 -17.08 -28.63
N ILE A 850 32.00 -16.69 -29.81
CA ILE A 850 32.77 -15.46 -29.95
C ILE A 850 31.99 -14.25 -29.47
N ILE A 851 30.69 -14.18 -29.75
CA ILE A 851 29.96 -12.95 -29.43
C ILE A 851 29.73 -12.80 -27.93
N PHE A 852 29.48 -13.90 -27.22
CA PHE A 852 29.11 -13.83 -25.80
C PHE A 852 30.24 -14.18 -24.85
N GLY A 853 31.31 -14.79 -25.33
CA GLY A 853 32.43 -15.19 -24.51
C GLY A 853 33.44 -14.08 -24.26
N ASP A 854 34.66 -14.52 -23.90
CA ASP A 854 35.79 -13.65 -23.64
C ASP A 854 37.04 -14.29 -24.25
N GLY A 855 38.19 -13.63 -24.11
CA GLY A 855 39.40 -14.17 -24.70
C GLY A 855 39.39 -14.01 -26.21
N VAL A 856 38.74 -12.97 -26.69
CA VAL A 856 38.53 -12.74 -28.12
C VAL A 856 39.59 -11.77 -28.60
N GLU A 857 40.39 -12.19 -29.58
CA GLU A 857 41.28 -11.28 -30.28
C GLU A 857 41.32 -11.68 -31.75
N ALA A 858 41.64 -10.71 -32.60
CA ALA A 858 41.87 -10.99 -34.01
C ALA A 858 43.34 -10.80 -34.32
N GLY A 859 43.87 -11.66 -35.17
CA GLY A 859 45.26 -11.57 -35.58
C GLY A 859 45.58 -12.36 -36.84
N VAL A 860 46.86 -12.74 -36.96
CA VAL A 860 47.37 -13.47 -38.13
C VAL A 860 48.38 -14.52 -37.65
N THR A 861 48.13 -15.80 -37.90
CA THR A 861 49.11 -16.76 -37.42
C THR A 861 49.86 -17.53 -38.51
N GLN A 862 49.22 -18.25 -39.44
CA GLN A 862 50.17 -18.96 -40.30
C GLN A 862 50.67 -18.02 -41.39
N ASN A 863 49.78 -17.59 -42.26
CA ASN A 863 49.72 -16.27 -42.88
C ASN A 863 48.25 -15.84 -42.92
N THR A 864 47.43 -16.47 -42.10
CA THR A 864 45.98 -16.56 -42.11
C THR A 864 45.38 -15.63 -41.06
N PRO A 865 44.39 -14.82 -41.39
CA PRO A 865 43.72 -14.04 -40.34
C PRO A 865 42.82 -14.96 -39.53
N TYR A 866 42.80 -14.74 -38.22
CA TYR A 866 42.02 -15.55 -37.32
C TYR A 866 41.18 -14.68 -36.39
N LEU A 867 40.18 -15.31 -35.80
CA LEU A 867 39.42 -14.78 -34.66
C LEU A 867 39.27 -15.93 -33.67
N CYS A 868 39.56 -15.67 -32.40
CA CYS A 868 39.64 -16.72 -31.39
C CYS A 868 38.61 -16.50 -30.27
N VAL A 869 38.40 -17.52 -29.46
CA VAL A 869 37.56 -17.41 -28.28
C VAL A 869 38.26 -18.13 -27.13
N ALA A 870 38.26 -17.47 -25.95
CA ALA A 870 38.95 -17.95 -24.74
C ALA A 870 40.44 -18.16 -24.95
N LYS A 871 40.98 -17.55 -26.02
CA LYS A 871 42.37 -17.75 -26.43
C LYS A 871 42.71 -19.24 -26.41
N THR A 872 41.72 -20.05 -26.74
CA THR A 872 41.85 -21.50 -26.82
C THR A 872 41.44 -22.06 -28.16
N TYR A 873 40.37 -21.53 -28.76
CA TYR A 873 39.86 -22.01 -30.05
C TYR A 873 39.99 -20.89 -31.08
N TYR A 874 40.80 -21.12 -32.12
CA TYR A 874 41.11 -20.12 -33.13
C TYR A 874 40.47 -20.52 -34.45
N PHE A 875 39.69 -19.61 -35.04
CA PHE A 875 38.99 -19.85 -36.30
C PHE A 875 39.41 -18.85 -37.37
N LYS A 876 39.61 -19.35 -38.60
CA LYS A 876 39.83 -18.50 -39.77
C LYS A 876 38.74 -17.44 -39.87
N CYS A 877 39.15 -16.19 -40.03
CA CYS A 877 38.20 -15.10 -40.12
C CYS A 877 38.86 -13.91 -40.80
N ASN A 878 38.27 -13.44 -41.91
CA ASN A 878 38.80 -12.26 -42.57
C ASN A 878 38.66 -11.02 -41.68
N ARG A 879 39.45 -9.99 -41.99
CA ARG A 879 39.52 -8.81 -41.14
C ARG A 879 38.20 -8.05 -41.13
N GLU A 880 37.45 -8.07 -42.24
CA GLU A 880 36.21 -7.29 -42.27
C GLU A 880 35.20 -7.83 -41.28
N THR A 881 35.11 -9.16 -41.18
CA THR A 881 34.19 -9.78 -40.23
C THR A 881 34.68 -9.56 -38.80
N ALA A 882 35.98 -9.78 -38.58
CA ALA A 882 36.56 -9.63 -37.25
C ALA A 882 36.31 -8.24 -36.68
N ASP A 883 36.68 -7.20 -37.43
CA ASP A 883 36.54 -5.83 -36.92
C ASP A 883 35.10 -5.51 -36.54
N VAL A 884 34.14 -6.05 -37.27
CA VAL A 884 32.73 -5.81 -36.97
C VAL A 884 32.29 -6.60 -35.74
N VAL A 885 32.64 -7.89 -35.68
CA VAL A 885 32.33 -8.69 -34.50
C VAL A 885 32.93 -8.08 -33.23
N ILE A 886 34.16 -7.55 -33.32
CA ILE A 886 34.80 -6.94 -32.14
C ILE A 886 34.05 -5.68 -31.72
N GLN A 887 33.72 -4.81 -32.69
CA GLN A 887 32.90 -3.63 -32.37
C GLN A 887 31.52 -4.04 -31.86
N LEU A 888 30.99 -5.16 -32.35
CA LEU A 888 29.69 -5.63 -31.90
C LEU A 888 29.75 -6.03 -30.42
N ARG A 889 30.76 -6.81 -30.05
CA ARG A 889 30.95 -7.19 -28.64
C ARG A 889 31.09 -5.97 -27.74
N SER A 890 31.81 -4.95 -28.21
CA SER A 890 31.87 -3.69 -27.48
C SER A 890 30.50 -3.13 -27.23
N ASN A 891 29.67 -3.03 -28.27
CA ASN A 891 28.33 -2.52 -28.08
C ASN A 891 27.51 -3.45 -27.19
N LEU A 892 27.68 -4.76 -27.33
CA LEU A 892 26.93 -5.66 -26.46
C LEU A 892 27.25 -5.41 -24.99
N GLU A 893 28.54 -5.22 -24.66
CA GLU A 893 28.90 -4.96 -23.28
C GLU A 893 28.29 -3.65 -22.78
N LYS A 894 28.35 -2.60 -23.61
CA LYS A 894 27.76 -1.32 -23.23
C LYS A 894 26.26 -1.48 -22.95
N LEU A 895 25.57 -2.28 -23.75
CA LEU A 895 24.13 -2.44 -23.56
C LEU A 895 23.82 -3.23 -22.29
N LEU A 896 24.53 -4.34 -22.04
CA LEU A 896 24.34 -5.10 -20.81
C LEU A 896 24.56 -4.23 -19.59
N LEU A 897 25.63 -3.40 -19.62
CA LEU A 897 25.95 -2.55 -18.47
C LEU A 897 24.84 -1.55 -18.18
N LYS A 898 24.18 -1.03 -19.22
CA LYS A 898 23.08 -0.12 -18.95
C LYS A 898 21.84 -0.87 -18.49
N LYS A 899 21.52 -1.99 -19.14
CA LYS A 899 20.31 -2.70 -18.75
C LYS A 899 20.34 -3.09 -17.29
N ALA A 900 21.52 -3.40 -16.74
CA ALA A 900 21.61 -3.77 -15.33
C ALA A 900 21.40 -2.58 -14.43
N LEU A 901 22.00 -1.43 -14.76
CA LEU A 901 21.84 -0.24 -13.94
C LEU A 901 20.45 0.36 -14.05
N TYR A 902 19.85 0.28 -15.25
CA TYR A 902 18.61 0.98 -15.57
C TYR A 902 17.67 0.00 -16.25
N PRO A 903 17.13 -0.95 -15.50
CA PRO A 903 16.34 -2.01 -16.13
C PRO A 903 15.02 -1.50 -16.67
N ALA A 904 14.71 -2.00 -17.86
CA ALA A 904 13.53 -1.67 -18.64
C ALA A 904 13.42 -2.74 -19.70
N PRO A 905 12.21 -3.11 -20.09
CA PRO A 905 12.09 -4.02 -21.23
C PRO A 905 12.62 -3.33 -22.47
N ILE A 906 13.15 -4.11 -23.41
CA ILE A 906 13.64 -3.55 -24.66
C ILE A 906 12.45 -3.21 -25.52
N GLU A 907 12.34 -1.93 -25.92
CA GLU A 907 11.25 -1.49 -26.79
C GLU A 907 11.35 -2.20 -28.13
N GLU A 908 10.20 -2.55 -28.70
CA GLU A 908 10.20 -3.30 -29.96
C GLU A 908 10.75 -2.47 -31.11
N ASN A 909 10.61 -1.15 -31.05
CA ASN A 909 11.02 -0.25 -32.13
C ASN A 909 11.94 0.86 -31.60
N GLY A 910 12.92 0.49 -30.78
CA GLY A 910 13.88 1.42 -30.21
C GLY A 910 15.31 1.29 -30.73
N TYR A 911 16.17 2.14 -30.17
CA TYR A 911 17.61 2.04 -30.44
C TYR A 911 18.17 0.71 -29.95
N GLU A 912 17.75 0.25 -28.78
CA GLU A 912 18.38 -0.95 -28.24
C GLU A 912 18.04 -2.19 -29.08
N LYS A 913 16.82 -2.27 -29.63
CA LYS A 913 16.47 -3.42 -30.47
C LYS A 913 17.38 -3.54 -31.70
N GLN A 914 17.96 -2.43 -32.18
CA GLN A 914 18.74 -2.51 -33.41
C GLN A 914 20.01 -3.32 -33.19
N LEU A 915 20.65 -3.16 -32.04
CA LEU A 915 21.80 -4.01 -31.74
C LEU A 915 21.39 -5.47 -31.58
N ILE A 916 20.23 -5.72 -30.95
CA ILE A 916 19.71 -7.08 -30.85
C ILE A 916 19.51 -7.68 -32.23
N LYS A 917 18.85 -6.91 -33.12
CA LYS A 917 18.68 -7.38 -34.49
C LYS A 917 20.02 -7.60 -35.18
N ALA A 918 21.05 -6.83 -34.80
CA ALA A 918 22.39 -7.09 -35.34
C ALA A 918 22.90 -8.46 -34.90
N ILE A 919 22.59 -8.89 -33.69
CA ILE A 919 23.13 -10.14 -33.20
C ILE A 919 22.37 -11.34 -33.78
N GLU A 920 21.03 -11.25 -33.82
CA GLU A 920 20.25 -12.26 -34.51
C GLU A 920 20.71 -12.44 -35.95
N LEU A 921 21.03 -11.33 -36.64
CA LEU A 921 21.38 -11.45 -38.04
C LEU A 921 22.63 -12.30 -38.24
N LEU A 922 23.64 -12.11 -37.37
CA LEU A 922 24.86 -12.91 -37.47
C LEU A 922 24.64 -14.35 -37.03
N LEU A 923 23.79 -14.55 -36.01
CA LEU A 923 23.62 -15.90 -35.50
C LEU A 923 22.83 -16.77 -36.46
N SER A 924 21.97 -16.16 -37.28
CA SER A 924 21.15 -16.93 -38.21
C SER A 924 21.94 -17.52 -39.38
N LEU A 925 23.18 -17.06 -39.61
CA LEU A 925 24.00 -17.56 -40.69
C LEU A 925 24.36 -19.02 -40.46
N ASP A 926 23.97 -19.57 -39.32
CA ASP A 926 24.23 -20.97 -39.02
C ASP A 926 22.96 -21.81 -39.02
N GLU A 927 21.83 -21.27 -39.48
CA GLU A 927 20.64 -22.11 -39.57
C GLU A 927 20.88 -23.26 -40.54
N ARG A 928 20.34 -24.42 -40.18
CA ARG A 928 20.47 -25.61 -41.01
C ARG A 928 19.61 -25.47 -42.26
N LEU A 929 20.23 -25.55 -43.43
CA LEU A 929 19.52 -25.35 -44.68
C LEU A 929 18.49 -26.47 -44.89
N LEU B 54 -44.59 33.57 -25.12
CA LEU B 54 -43.90 32.78 -26.15
C LEU B 54 -42.75 33.56 -26.79
N GLY B 55 -41.53 33.02 -26.68
CA GLY B 55 -40.32 33.78 -26.82
C GLY B 55 -39.58 33.50 -28.12
N CYS B 56 -38.30 33.88 -28.13
CA CYS B 56 -37.50 33.94 -29.35
C CYS B 56 -37.33 32.56 -29.98
N ASN B 57 -37.06 32.57 -31.29
CA ASN B 57 -36.93 31.35 -32.07
C ASN B 57 -35.60 30.67 -31.82
N VAL B 58 -35.67 29.34 -31.75
CA VAL B 58 -34.60 28.47 -31.27
C VAL B 58 -34.24 27.40 -32.31
N SER B 59 -34.87 27.46 -33.47
CA SER B 59 -34.63 26.46 -34.49
C SER B 59 -33.21 26.59 -35.01
N ALA B 60 -32.67 25.47 -35.49
CA ALA B 60 -31.30 25.32 -35.97
C ALA B 60 -31.28 25.10 -37.49
N PRO B 61 -30.27 25.63 -38.17
CA PRO B 61 -30.17 25.41 -39.63
C PRO B 61 -30.19 23.92 -39.95
N SER B 62 -30.71 23.59 -41.15
CA SER B 62 -30.85 22.20 -41.53
C SER B 62 -29.50 21.48 -41.51
N GLY B 63 -28.46 22.15 -42.03
CA GLY B 63 -27.14 21.55 -42.14
C GLY B 63 -26.55 21.21 -40.79
N VAL B 64 -26.86 22.02 -39.79
CA VAL B 64 -26.47 21.70 -38.44
C VAL B 64 -27.27 20.50 -37.93
N LEU B 65 -28.60 20.52 -38.14
CA LEU B 65 -29.42 19.38 -37.73
C LEU B 65 -28.96 18.09 -38.40
N GLU B 66 -28.50 18.15 -39.66
CA GLU B 66 -28.02 16.93 -40.30
C GLU B 66 -26.79 16.40 -39.58
N ARG B 67 -25.91 17.30 -39.13
CA ARG B 67 -24.67 16.84 -38.53
C ARG B 67 -24.90 16.35 -37.10
N VAL B 68 -25.81 16.98 -36.38
CA VAL B 68 -26.18 16.45 -35.08
C VAL B 68 -26.74 15.05 -35.23
N LYS B 69 -27.70 14.89 -36.16
CA LYS B 69 -28.25 13.56 -36.43
C LYS B 69 -27.14 12.57 -36.73
N GLU B 70 -26.21 12.94 -37.62
CA GLU B 70 -25.07 12.08 -37.96
C GLU B 70 -24.28 11.70 -36.72
N LEU B 71 -24.08 12.64 -35.82
CA LEU B 71 -23.22 12.38 -34.67
C LEU B 71 -23.91 11.51 -33.65
N MET B 72 -25.23 11.66 -33.47
CA MET B 72 -25.89 10.76 -32.52
C MET B 72 -25.98 9.34 -33.07
N GLU B 73 -26.05 9.21 -34.40
CA GLU B 73 -26.02 7.86 -34.96
C GLU B 73 -24.69 7.18 -34.68
N ASP B 74 -23.59 7.89 -34.85
CA ASP B 74 -22.30 7.33 -34.48
C ASP B 74 -22.27 6.94 -33.01
N TYR B 75 -22.73 7.84 -32.14
CA TYR B 75 -22.73 7.57 -30.70
C TYR B 75 -23.46 6.27 -30.39
N SER B 76 -24.59 6.02 -31.05
CA SER B 76 -25.48 4.97 -30.62
C SER B 76 -25.15 3.60 -31.17
N ARG B 77 -23.96 3.40 -31.74
CA ARG B 77 -23.58 2.05 -32.18
C ARG B 77 -22.28 1.60 -31.51
N ALA B 78 -22.06 2.03 -30.32
CA ALA B 78 -20.96 1.47 -29.55
C ALA B 78 -21.46 0.28 -28.74
N PRO B 79 -20.68 -0.80 -28.65
CA PRO B 79 -21.09 -1.99 -27.87
C PRO B 79 -21.10 -1.77 -26.36
N ASP B 90 -13.26 -0.98 -16.46
CA ASP B 90 -13.02 -1.62 -15.16
C ASP B 90 -14.03 -1.15 -14.10
N ALA B 91 -14.71 -2.08 -13.42
CA ALA B 91 -15.95 -1.74 -12.72
C ALA B 91 -15.83 -1.80 -11.21
N LYS B 92 -14.67 -1.45 -10.66
CA LYS B 92 -14.53 -1.49 -9.21
C LYS B 92 -15.50 -0.53 -8.53
N PHE B 93 -15.79 0.61 -9.17
CA PHE B 93 -16.72 1.56 -8.55
C PHE B 93 -18.14 1.01 -8.51
N GLN B 94 -18.52 0.23 -9.52
CA GLN B 94 -19.82 -0.42 -9.49
C GLN B 94 -19.90 -1.43 -8.33
N GLN B 95 -18.81 -2.18 -8.09
CA GLN B 95 -18.79 -3.11 -6.97
C GLN B 95 -19.00 -2.39 -5.65
N GLN B 96 -18.22 -1.33 -5.42
CA GLN B 96 -18.39 -0.53 -4.20
C GLN B 96 -19.81 -0.01 -4.05
N PHE B 97 -20.38 0.51 -5.13
CA PHE B 97 -21.72 1.08 -5.08
C PHE B 97 -22.73 0.01 -4.74
N ARG B 98 -22.69 -1.09 -5.47
CA ARG B 98 -23.60 -2.19 -5.18
C ARG B 98 -23.40 -2.70 -3.76
N HIS B 99 -22.16 -2.63 -3.27
CA HIS B 99 -21.89 -3.07 -1.90
C HIS B 99 -22.55 -2.15 -0.87
N LEU B 100 -22.38 -0.83 -1.02
CA LEU B 100 -22.98 0.10 -0.08
C LEU B 100 -24.48 -0.13 0.03
N LEU B 101 -25.16 -0.36 -1.09
CA LEU B 101 -26.60 -0.55 -1.05
C LEU B 101 -27.00 -1.94 -0.57
N SER B 102 -26.09 -2.90 -0.57
CA SER B 102 -26.49 -4.26 -0.20
C SER B 102 -26.48 -4.47 1.32
N VAL B 103 -25.50 -3.92 2.03
CA VAL B 103 -25.33 -4.24 3.44
C VAL B 103 -26.41 -3.57 4.29
N ASN B 104 -26.87 -4.30 5.32
CA ASN B 104 -27.65 -3.72 6.41
C ASN B 104 -26.73 -2.88 7.32
N PHE B 105 -27.31 -2.24 8.33
CA PHE B 105 -26.48 -1.40 9.18
C PHE B 105 -25.58 -2.24 10.09
N GLU B 106 -26.06 -3.40 10.51
CA GLU B 106 -25.27 -4.23 11.41
C GLU B 106 -24.02 -4.77 10.73
N GLU B 107 -24.14 -5.20 9.46
CA GLU B 107 -22.98 -5.67 8.71
C GLU B 107 -22.03 -4.52 8.42
N PHE B 108 -22.60 -3.35 8.11
CA PHE B 108 -21.81 -2.14 7.97
C PHE B 108 -20.91 -1.96 9.18
N VAL B 109 -21.50 -2.07 10.38
CA VAL B 109 -20.72 -1.91 11.60
C VAL B 109 -19.65 -2.98 11.70
N ALA B 110 -20.05 -4.24 11.47
CA ALA B 110 -19.10 -5.36 11.49
C ALA B 110 -17.90 -5.08 10.57
N GLU B 111 -18.17 -4.78 9.31
CA GLU B 111 -17.09 -4.60 8.35
C GLU B 111 -16.23 -3.37 8.63
N THR B 112 -16.79 -2.27 9.16
CA THR B 112 -15.92 -1.14 9.47
C THR B 112 -15.02 -1.43 10.67
N LYS B 113 -15.46 -2.30 11.59
CA LYS B 113 -14.59 -2.66 12.72
C LYS B 113 -13.35 -3.39 12.24
N GLU B 114 -13.52 -4.32 11.29
CA GLU B 114 -12.37 -5.08 10.76
C GLU B 114 -11.41 -4.16 10.00
N ARG B 115 -11.93 -3.21 9.22
CA ARG B 115 -11.09 -2.42 8.31
C ARG B 115 -10.22 -1.41 9.06
N ASN B 116 -10.70 -0.87 10.19
CA ASN B 116 -9.96 0.09 11.01
C ASN B 116 -9.67 -0.52 12.38
N ALA B 117 -8.56 -1.23 12.47
CA ALA B 117 -8.19 -1.94 13.69
C ALA B 117 -6.80 -1.55 14.17
N ASP B 118 -6.17 -0.56 13.53
CA ASP B 118 -4.79 -0.18 13.84
C ASP B 118 -4.57 0.17 15.31
N LEU B 119 -5.55 0.78 15.98
CA LEU B 119 -5.36 1.09 17.39
C LEU B 119 -5.55 -0.11 18.30
N ASP B 120 -5.97 -1.27 17.77
CA ASP B 120 -5.87 -2.47 18.59
C ASP B 120 -4.44 -2.86 18.85
N TRP B 121 -3.47 -2.19 18.24
CA TRP B 121 -2.07 -2.53 18.40
C TRP B 121 -1.34 -1.40 19.13
N VAL B 122 -0.50 -1.77 20.09
CA VAL B 122 0.33 -0.85 20.82
C VAL B 122 1.76 -1.33 20.70
N ASN B 123 2.68 -0.43 21.05
CA ASN B 123 4.13 -0.63 20.90
C ASN B 123 4.83 -0.38 22.24
N PRO B 124 5.04 -1.44 23.04
CA PRO B 124 5.62 -1.24 24.37
C PRO B 124 6.99 -0.60 24.37
N LYS B 125 7.80 -0.79 23.34
CA LYS B 125 9.10 -0.13 23.32
C LYS B 125 8.95 1.38 23.18
N LEU B 126 7.92 1.83 22.47
CA LEU B 126 7.72 3.25 22.25
C LEU B 126 7.11 3.89 23.50
N ASP B 127 6.07 3.25 24.02
CA ASP B 127 5.54 3.55 25.35
C ASP B 127 6.65 3.80 26.34
N GLU B 128 7.60 2.87 26.41
CA GLU B 128 8.66 2.97 27.39
C GLU B 128 9.59 4.16 27.11
N ARG B 129 9.96 4.36 25.84
CA ARG B 129 10.90 5.44 25.51
C ARG B 129 10.30 6.80 25.83
N LEU B 130 9.06 7.03 25.40
CA LEU B 130 8.42 8.31 25.64
C LEU B 130 8.17 8.52 27.12
N GLN B 131 7.82 7.44 27.82
CA GLN B 131 7.61 7.54 29.27
C GLN B 131 8.90 7.93 29.97
N LEU B 132 10.04 7.48 29.46
CA LEU B 132 11.32 7.90 29.99
C LEU B 132 11.66 9.33 29.57
N GLU B 133 11.41 9.69 28.31
CA GLU B 133 11.75 11.05 27.88
C GLU B 133 10.97 12.11 28.64
N LEU B 134 9.76 11.77 29.11
CA LEU B 134 8.98 12.71 29.90
C LEU B 134 9.63 12.95 31.27
N GLY B 135 10.07 11.87 31.92
CA GLY B 135 10.88 12.00 33.11
C GLY B 135 12.13 12.84 32.91
N GLN B 136 12.77 12.71 31.74
CA GLN B 136 13.97 13.51 31.48
C GLN B 136 13.62 14.99 31.28
N ARG B 137 12.60 15.28 30.45
CA ARG B 137 12.18 16.68 30.24
C ARG B 137 11.42 17.25 31.43
N GLN B 138 11.18 16.48 32.49
CA GLN B 138 10.60 17.04 33.68
C GLN B 138 11.67 17.52 34.66
N LEU B 139 12.95 17.50 34.26
CA LEU B 139 14.06 17.90 35.11
C LEU B 139 14.89 19.03 34.53
N GLU B 140 14.48 19.63 33.42
CA GLU B 140 15.23 20.75 32.83
C GLU B 140 14.54 22.08 33.19
N GLU B 141 15.18 23.19 32.79
CA GLU B 141 14.72 24.54 33.11
C GLU B 141 14.24 25.28 31.87
N ASN B 142 13.80 24.54 30.86
CA ASN B 142 12.95 25.06 29.82
C ASN B 142 11.58 24.43 29.85
N ALA B 143 11.47 23.24 30.43
CA ALA B 143 10.25 22.76 31.06
C ALA B 143 10.30 23.03 32.57
N LYS B 144 9.13 22.85 33.19
CA LYS B 144 8.84 22.77 34.62
C LYS B 144 8.93 24.14 35.31
N LYS B 145 9.41 25.15 34.59
CA LYS B 145 8.98 26.53 34.68
C LYS B 145 8.08 26.88 33.50
N ARG B 146 8.35 26.29 32.32
CA ARG B 146 7.33 26.20 31.28
C ARG B 146 6.06 25.54 31.84
N LEU B 147 6.20 24.70 32.86
CA LEU B 147 5.08 24.13 33.59
C LEU B 147 4.58 25.04 34.71
N GLU B 148 5.42 25.97 35.18
CA GLU B 148 5.04 26.98 36.16
C GLU B 148 3.76 27.70 35.75
N ALA B 149 3.79 28.40 34.61
CA ALA B 149 2.64 29.19 34.14
C ALA B 149 1.46 28.31 33.72
N ARG B 150 1.67 27.00 33.48
CA ARG B 150 0.55 26.14 33.15
C ARG B 150 -0.38 25.95 34.34
N LYS B 151 0.19 25.71 35.51
CA LYS B 151 -0.67 25.54 36.68
C LYS B 151 -1.26 26.85 37.18
N LYS B 152 -0.84 28.00 36.64
CA LYS B 152 -1.53 29.27 36.86
C LYS B 152 -2.89 29.35 36.14
N LEU B 153 -3.25 28.32 35.26
CA LEU B 153 -4.55 28.38 34.62
C LEU B 153 -5.55 27.55 35.39
N PRO B 154 -6.77 28.06 35.55
CA PRO B 154 -7.78 27.35 36.36
C PRO B 154 -7.96 25.86 36.03
N THR B 155 -7.76 25.46 34.77
CA THR B 155 -8.05 24.09 34.39
C THR B 155 -7.12 23.12 35.10
N MET B 156 -5.86 23.51 35.29
CA MET B 156 -4.89 22.59 35.86
C MET B 156 -5.24 22.12 37.27
N LYS B 157 -6.07 22.87 38.01
CA LYS B 157 -6.48 22.45 39.35
C LYS B 157 -7.33 21.18 39.30
N TYR B 158 -8.17 21.04 38.26
CA TYR B 158 -9.07 19.91 38.05
C TYR B 158 -8.43 18.76 37.29
N ALA B 159 -7.11 18.81 37.06
CA ALA B 159 -6.42 17.75 36.33
C ALA B 159 -6.84 16.37 36.80
N ASP B 160 -6.64 16.08 38.09
CA ASP B 160 -6.84 14.72 38.59
C ASP B 160 -8.30 14.31 38.47
N ASP B 161 -9.23 15.23 38.76
CA ASP B 161 -10.64 14.87 38.69
C ASP B 161 -11.07 14.65 37.26
N ILE B 162 -10.43 15.33 36.31
CA ILE B 162 -10.81 15.13 34.91
C ILE B 162 -10.35 13.74 34.45
N ILE B 163 -9.08 13.42 34.72
CA ILE B 163 -8.56 12.08 34.45
C ILE B 163 -9.49 11.03 35.02
N GLN B 164 -9.98 11.27 36.22
CA GLN B 164 -10.84 10.27 36.87
C GLN B 164 -12.22 10.23 36.20
N ALA B 165 -12.78 11.39 35.87
CA ALA B 165 -14.09 11.40 35.24
C ALA B 165 -14.06 10.74 33.87
N VAL B 166 -12.96 10.93 33.11
CA VAL B 166 -12.82 10.33 31.78
C VAL B 166 -12.65 8.83 31.87
N ARG B 167 -11.85 8.37 32.82
CA ARG B 167 -11.70 6.93 33.03
C ARG B 167 -13.04 6.30 33.39
N GLU B 168 -13.88 7.04 34.15
CA GLU B 168 -15.13 6.48 34.65
C GLU B 168 -16.32 6.64 33.69
N ASN B 169 -16.21 7.50 32.67
CA ASN B 169 -17.34 7.84 31.81
C ASN B 169 -16.96 7.84 30.35
N GLN B 170 -17.93 7.45 29.53
CA GLN B 170 -17.77 7.59 28.07
C GLN B 170 -17.78 9.07 27.66
N VAL B 171 -18.73 9.84 28.17
CA VAL B 171 -18.91 11.24 27.81
C VAL B 171 -18.88 12.10 29.07
N ILE B 172 -18.05 13.14 29.06
CA ILE B 172 -18.12 14.22 30.05
C ILE B 172 -18.17 15.54 29.29
N LEU B 173 -18.54 16.59 30.03
CA LEU B 173 -18.75 17.92 29.46
C LEU B 173 -18.01 18.93 30.33
N ILE B 174 -17.18 19.76 29.69
CA ILE B 174 -16.36 20.73 30.42
C ILE B 174 -16.79 22.14 30.04
N VAL B 175 -17.28 22.88 31.01
CA VAL B 175 -17.81 24.22 30.82
C VAL B 175 -16.87 25.23 31.44
N GLY B 176 -16.56 26.29 30.68
CA GLY B 176 -15.56 27.27 31.03
C GLY B 176 -15.57 28.47 30.11
N SER B 177 -15.20 29.64 30.63
CA SER B 177 -15.12 30.86 29.83
C SER B 177 -13.70 31.04 29.30
N THR B 178 -13.54 32.00 28.40
CA THR B 178 -12.22 32.29 27.86
C THR B 178 -11.21 32.61 28.97
N GLY B 179 -10.06 31.98 28.88
CA GLY B 179 -9.02 32.10 29.87
C GLY B 179 -8.91 30.90 30.77
N CYS B 180 -9.95 30.07 30.83
CA CYS B 180 -9.98 28.95 31.77
C CYS B 180 -9.01 27.83 31.39
N GLY B 181 -8.37 27.92 30.22
CA GLY B 181 -7.39 26.98 29.68
C GLY B 181 -7.90 25.60 29.26
N LYS B 182 -9.22 25.37 29.22
CA LYS B 182 -9.73 24.04 28.93
C LYS B 182 -9.25 23.54 27.57
N THR B 183 -9.17 24.43 26.58
CA THR B 183 -8.86 23.97 25.23
C THR B 183 -7.38 23.63 25.08
N THR B 184 -6.49 24.42 25.67
CA THR B 184 -5.08 24.09 25.55
C THR B 184 -4.64 23.04 26.57
N GLN B 185 -5.29 22.98 27.73
CA GLN B 185 -4.75 22.16 28.79
C GLN B 185 -5.36 20.77 28.87
N VAL B 186 -6.66 20.63 28.63
CA VAL B 186 -7.27 19.29 28.72
C VAL B 186 -6.61 18.25 27.83
N PRO B 187 -6.30 18.52 26.55
CA PRO B 187 -5.64 17.46 25.76
C PRO B 187 -4.30 17.03 26.36
N GLN B 188 -3.46 17.99 26.73
CA GLN B 188 -2.18 17.64 27.35
C GLN B 188 -2.38 16.86 28.64
N ILE B 189 -3.41 17.19 29.41
CA ILE B 189 -3.62 16.46 30.66
C ILE B 189 -3.87 14.99 30.37
N LEU B 190 -4.80 14.70 29.46
CA LEU B 190 -5.05 13.29 29.12
C LEU B 190 -3.84 12.65 28.44
N LEU B 191 -3.07 13.43 27.67
CA LEU B 191 -1.92 12.85 26.98
C LEU B 191 -0.78 12.54 27.95
N ASP B 192 -0.28 13.55 28.66
CA ASP B 192 0.82 13.36 29.60
C ASP B 192 0.52 12.28 30.65
N ASP B 193 -0.74 12.15 31.04
CA ASP B 193 -1.14 11.08 31.94
C ASP B 193 -0.85 9.70 31.33
N ALA B 194 -1.40 9.46 30.13
CA ALA B 194 -1.17 8.17 29.46
C ALA B 194 0.32 7.92 29.22
N ILE B 195 1.09 8.96 28.88
CA ILE B 195 2.53 8.80 28.76
C ILE B 195 3.11 8.44 30.11
N SER B 196 2.67 9.12 31.17
CA SER B 196 3.19 8.84 32.49
C SER B 196 2.87 7.41 32.94
N ARG B 197 1.70 6.91 32.58
CA ARG B 197 1.37 5.53 32.93
C ARG B 197 1.98 4.50 31.99
N GLY B 198 2.89 4.89 31.09
CA GLY B 198 3.39 3.95 30.09
C GLY B 198 2.36 3.46 29.10
N CYS B 199 1.45 4.34 28.66
CA CYS B 199 0.39 3.95 27.74
C CYS B 199 0.40 4.80 26.47
N ALA B 200 1.52 5.47 26.18
CA ALA B 200 1.55 6.50 25.14
C ALA B 200 1.00 6.00 23.81
N SER B 201 1.38 4.81 23.40
CA SER B 201 0.99 4.39 22.07
C SER B 201 -0.52 4.16 21.93
N SER B 202 -1.23 3.89 23.02
CA SER B 202 -2.68 3.70 22.90
C SER B 202 -3.43 5.00 22.73
N CYS B 203 -2.74 6.13 22.77
CA CYS B 203 -3.40 7.43 22.93
C CYS B 203 -3.31 8.29 21.67
N ARG B 204 -4.48 8.61 21.10
CA ARG B 204 -4.55 9.51 19.95
C ARG B 204 -5.73 10.42 20.20
N ILE B 205 -5.46 11.71 20.45
CA ILE B 205 -6.46 12.70 20.78
C ILE B 205 -6.74 13.57 19.55
N ILE B 206 -8.02 13.75 19.23
CA ILE B 206 -8.46 14.70 18.22
C ILE B 206 -9.35 15.72 18.90
N CYS B 207 -9.08 17.00 18.64
CA CYS B 207 -9.88 18.08 19.20
C CYS B 207 -10.35 19.00 18.07
N THR B 208 -11.66 19.08 17.87
CA THR B 208 -12.30 19.88 16.83
C THR B 208 -12.38 21.36 17.20
N GLN B 209 -12.43 22.20 16.18
CA GLN B 209 -12.62 23.64 16.26
C GLN B 209 -13.66 24.10 15.24
N PRO B 210 -14.37 25.18 15.52
CA PRO B 210 -15.26 25.72 14.48
C PRO B 210 -14.49 26.46 13.40
N ARG B 211 -13.38 27.13 13.75
CA ARG B 211 -12.74 28.09 12.86
C ARG B 211 -11.31 27.69 12.50
N ARG B 212 -10.95 27.91 11.23
CA ARG B 212 -9.66 27.45 10.72
C ARG B 212 -8.50 28.09 11.46
N ILE B 213 -8.52 29.42 11.62
CA ILE B 213 -7.46 30.12 12.34
C ILE B 213 -7.29 29.54 13.74
N SER B 214 -8.40 29.18 14.40
CA SER B 214 -8.31 28.69 15.78
C SER B 214 -7.54 27.39 15.84
N ALA B 215 -7.88 26.44 14.96
CA ALA B 215 -7.24 25.14 15.00
C ALA B 215 -5.73 25.24 14.81
N ILE B 216 -5.27 26.19 14.03
CA ILE B 216 -3.84 26.39 13.87
C ILE B 216 -3.25 27.05 15.11
N ALA B 217 -3.75 28.22 15.47
CA ALA B 217 -3.14 29.01 16.52
C ALA B 217 -3.04 28.21 17.81
N ILE B 218 -4.09 27.45 18.12
CA ILE B 218 -4.03 26.60 19.31
C ILE B 218 -2.91 25.58 19.15
N ALA B 219 -2.81 24.92 17.99
CA ALA B 219 -1.78 23.90 17.86
C ALA B 219 -0.38 24.50 18.01
N GLU B 220 -0.13 25.65 17.38
CA GLU B 220 1.17 26.31 17.53
C GLU B 220 1.44 26.67 18.99
N TRP B 221 0.40 27.07 19.73
CA TRP B 221 0.60 27.45 21.12
C TRP B 221 0.88 26.23 21.99
N VAL B 222 0.02 25.22 21.92
CA VAL B 222 0.23 24.01 22.71
C VAL B 222 1.59 23.40 22.36
N SER B 223 1.99 23.47 21.08
CA SER B 223 3.28 22.94 20.67
C SER B 223 4.44 23.77 21.24
N TYR B 224 4.27 25.10 21.29
CA TYR B 224 5.24 25.97 21.95
C TYR B 224 5.33 25.65 23.44
N GLU B 225 4.19 25.44 24.11
CA GLU B 225 4.17 25.10 25.54
C GLU B 225 4.83 23.75 25.85
N ARG B 226 5.26 23.02 24.82
CA ARG B 226 5.90 21.72 25.00
C ARG B 226 7.31 21.69 24.44
N CYS B 227 7.87 22.85 24.07
CA CYS B 227 9.23 22.96 23.57
C CYS B 227 9.44 22.03 22.39
N GLU B 228 8.45 21.95 21.52
CA GLU B 228 8.53 21.15 20.31
C GLU B 228 8.12 22.01 19.14
N SER B 229 8.78 21.83 18.01
CA SER B 229 8.23 22.45 16.81
C SER B 229 6.94 21.75 16.43
N LEU B 230 6.12 22.42 15.63
CA LEU B 230 4.86 21.85 15.22
C LEU B 230 5.06 20.55 14.44
N GLY B 231 4.19 19.57 14.70
CA GLY B 231 4.26 18.29 14.04
C GLY B 231 4.85 17.11 14.79
N ASN B 232 5.40 17.26 16.01
CA ASN B 232 5.79 16.00 16.64
C ASN B 232 4.73 15.41 17.58
N SER B 233 4.34 16.14 18.63
CA SER B 233 3.32 15.61 19.54
C SER B 233 2.01 16.37 19.42
N VAL B 234 2.07 17.55 18.84
CA VAL B 234 0.90 18.36 18.55
C VAL B 234 0.93 18.66 17.05
N GLY B 235 -0.22 18.49 16.40
CA GLY B 235 -0.36 18.83 15.01
C GLY B 235 -1.73 19.43 14.76
N TYR B 236 -1.92 19.88 13.53
CA TYR B 236 -3.23 20.35 13.12
C TYR B 236 -3.51 19.90 11.70
N GLN B 237 -4.80 19.88 11.39
CA GLN B 237 -5.29 19.56 10.06
C GLN B 237 -6.54 20.40 9.75
N ILE B 238 -6.50 21.14 8.65
CA ILE B 238 -7.69 21.78 8.10
C ILE B 238 -7.73 21.53 6.61
N ARG B 239 -8.75 22.08 5.96
CA ARG B 239 -8.91 21.85 4.54
C ARG B 239 -7.66 22.32 3.81
N LEU B 240 -7.06 21.43 3.04
CA LEU B 240 -5.94 21.73 2.16
C LEU B 240 -4.72 22.27 2.90
N GLU B 241 -4.58 21.99 4.20
CA GLU B 241 -3.35 22.39 4.88
C GLU B 241 -3.23 21.61 6.19
N SER B 242 -2.09 20.95 6.37
CA SER B 242 -1.90 20.09 7.54
C SER B 242 -0.44 20.07 7.91
N ARG B 243 -0.15 20.32 9.19
CA ARG B 243 1.10 19.91 9.82
C ARG B 243 0.68 18.80 10.80
N LYS B 244 0.66 17.57 10.30
CA LYS B 244 0.10 16.47 11.05
C LYS B 244 1.03 16.07 12.18
N ALA B 245 0.45 15.71 13.32
CA ALA B 245 1.25 15.22 14.43
C ALA B 245 1.65 13.77 14.19
N ARG B 246 2.54 13.26 15.04
CA ARG B 246 2.93 11.86 14.95
C ARG B 246 1.71 10.98 15.15
N GLU B 247 1.84 9.71 14.81
CA GLU B 247 0.66 8.85 14.71
C GLU B 247 0.07 8.52 16.09
N ARG B 248 0.93 8.26 17.08
CA ARG B 248 0.48 7.87 18.42
C ARG B 248 1.04 8.81 19.47
N ALA B 249 0.46 8.77 20.66
CA ALA B 249 0.84 9.68 21.74
C ALA B 249 0.84 11.10 21.22
N SER B 250 -0.33 11.52 20.72
CA SER B 250 -0.42 12.75 19.93
C SER B 250 -1.74 13.48 20.17
N ILE B 251 -1.70 14.79 19.95
CA ILE B 251 -2.88 15.64 19.95
C ILE B 251 -3.00 16.29 18.58
N THR B 252 -4.17 16.20 17.97
CA THR B 252 -4.42 16.85 16.69
C THR B 252 -5.62 17.77 16.81
N TYR B 253 -5.44 19.03 16.41
CA TYR B 253 -6.54 19.98 16.29
C TYR B 253 -6.99 20.07 14.83
N CYS B 254 -8.30 19.98 14.60
CA CYS B 254 -8.85 20.05 13.25
C CYS B 254 -10.16 20.80 13.25
N THR B 255 -10.58 21.27 12.07
CA THR B 255 -11.92 21.82 11.97
C THR B 255 -12.95 20.72 11.96
N THR B 256 -14.14 21.04 12.45
CA THR B 256 -15.18 20.02 12.58
C THR B 256 -15.48 19.36 11.24
N GLY B 257 -15.44 20.13 10.15
CA GLY B 257 -15.63 19.55 8.82
C GLY B 257 -14.67 18.43 8.44
N VAL B 258 -13.38 18.59 8.74
CA VAL B 258 -12.41 17.52 8.43
C VAL B 258 -12.85 16.22 9.07
N LEU B 259 -13.17 16.28 10.36
CA LEU B 259 -13.52 15.06 11.06
C LEU B 259 -14.77 14.44 10.45
N LEU B 260 -15.72 15.27 10.05
CA LEU B 260 -16.96 14.74 9.47
C LEU B 260 -16.67 13.97 8.18
N GLN B 261 -15.83 14.55 7.32
CA GLN B 261 -15.46 13.88 6.07
C GLN B 261 -14.76 12.57 6.32
N GLN B 262 -13.90 12.50 7.34
CA GLN B 262 -13.23 11.25 7.64
C GLN B 262 -14.16 10.16 8.15
N LEU B 263 -15.38 10.50 8.55
CA LEU B 263 -16.35 9.47 8.90
C LEU B 263 -16.60 8.53 7.72
N GLN B 264 -16.45 9.04 6.49
CA GLN B 264 -16.74 8.19 5.34
C GLN B 264 -15.89 6.93 5.35
N SER B 265 -14.64 7.03 5.79
CA SER B 265 -13.79 5.83 5.85
C SER B 265 -13.74 5.20 7.23
N ASP B 266 -13.98 5.97 8.29
CA ASP B 266 -13.92 5.50 9.67
C ASP B 266 -15.23 5.90 10.37
N PRO B 267 -16.36 5.37 9.90
CA PRO B 267 -17.67 5.88 10.37
C PRO B 267 -17.91 5.66 11.85
N LEU B 268 -17.07 4.89 12.54
CA LEU B 268 -17.25 4.66 13.97
C LEU B 268 -16.03 5.06 14.78
N MET B 269 -15.13 5.86 14.22
CA MET B 269 -14.06 6.52 14.97
C MET B 269 -13.16 5.53 15.68
N HIS B 270 -12.75 4.48 14.99
CA HIS B 270 -11.78 3.56 15.56
C HIS B 270 -10.35 4.09 15.51
N ASN B 271 -10.08 5.19 14.80
CA ASN B 271 -8.72 5.69 14.69
C ASN B 271 -8.47 6.86 15.63
N LEU B 272 -9.24 6.95 16.70
CA LEU B 272 -8.98 7.93 17.74
C LEU B 272 -9.30 7.26 19.08
N SER B 273 -8.54 7.60 20.13
CA SER B 273 -8.86 7.08 21.46
C SER B 273 -9.72 8.04 22.27
N VAL B 274 -9.61 9.35 22.02
CA VAL B 274 -10.49 10.32 22.66
C VAL B 274 -10.80 11.44 21.68
N LEU B 275 -12.09 11.79 21.62
CA LEU B 275 -12.61 12.91 20.83
C LEU B 275 -13.00 14.08 21.72
N ILE B 276 -12.45 15.26 21.45
CA ILE B 276 -12.78 16.51 22.13
C ILE B 276 -13.53 17.40 21.16
N LEU B 277 -14.77 17.75 21.49
CA LEU B 277 -15.57 18.71 20.69
C LEU B 277 -15.62 20.06 21.42
N ASP B 278 -14.99 21.07 20.83
CA ASP B 278 -14.96 22.38 21.47
C ASP B 278 -15.96 23.34 20.82
N GLU B 279 -16.30 24.37 21.58
CA GLU B 279 -17.15 25.46 21.11
C GLU B 279 -18.50 24.98 20.60
N ILE B 280 -19.03 23.92 21.22
CA ILE B 280 -20.36 23.43 20.86
C ILE B 280 -21.42 24.48 21.18
N HIS B 281 -21.16 25.37 22.14
CA HIS B 281 -22.18 26.37 22.45
C HIS B 281 -22.48 27.26 21.24
N GLU B 282 -21.58 27.35 20.25
CA GLU B 282 -21.88 28.10 19.04
C GLU B 282 -22.95 27.43 18.17
N ARG B 283 -23.27 26.15 18.40
CA ARG B 283 -24.36 25.47 17.70
C ARG B 283 -24.15 25.52 16.20
N SER B 284 -22.90 25.41 15.77
CA SER B 284 -22.59 25.23 14.37
C SER B 284 -23.24 23.93 13.84
N VAL B 285 -23.46 23.92 12.52
CA VAL B 285 -24.02 22.76 11.84
C VAL B 285 -23.18 21.51 12.13
N GLU B 286 -21.85 21.65 12.14
CA GLU B 286 -21.02 20.46 12.19
C GLU B 286 -21.04 19.85 13.59
N THR B 287 -20.92 20.68 14.64
CA THR B 287 -20.92 20.14 15.99
C THR B 287 -22.30 19.58 16.35
N ASP B 288 -23.37 20.16 15.79
CA ASP B 288 -24.70 19.59 16.03
C ASP B 288 -24.86 18.24 15.35
N LEU B 289 -24.40 18.12 14.11
CA LEU B 289 -24.46 16.84 13.45
C LEU B 289 -23.66 15.79 14.20
N LEU B 290 -22.42 16.15 14.59
CA LEU B 290 -21.52 15.19 15.21
C LEU B 290 -22.07 14.63 16.51
N MET B 291 -22.68 15.48 17.34
CA MET B 291 -23.33 15.00 18.55
C MET B 291 -24.45 14.02 18.21
N GLY B 292 -25.24 14.33 17.19
CA GLY B 292 -26.26 13.39 16.74
C GLY B 292 -25.67 12.07 16.26
N LEU B 293 -24.57 12.14 15.52
CA LEU B 293 -23.96 10.89 15.08
C LEU B 293 -23.34 10.12 16.26
N LEU B 294 -22.90 10.81 17.31
CA LEU B 294 -22.32 10.11 18.46
C LEU B 294 -23.36 9.29 19.21
N LYS B 295 -24.61 9.72 19.24
CA LYS B 295 -25.66 8.87 19.79
C LYS B 295 -25.78 7.55 19.02
N VAL B 296 -25.46 7.56 17.71
CA VAL B 296 -25.44 6.35 16.91
C VAL B 296 -24.14 5.59 17.09
N ILE B 297 -23.02 6.32 17.18
CA ILE B 297 -21.72 5.65 17.23
C ILE B 297 -21.43 5.06 18.61
N LEU B 298 -21.78 5.77 19.68
CA LEU B 298 -21.23 5.36 20.97
C LEU B 298 -21.70 4.00 21.46
N PRO B 299 -22.95 3.58 21.19
CA PRO B 299 -23.34 2.20 21.57
C PRO B 299 -22.51 1.09 20.94
N HIS B 300 -21.78 1.36 19.85
CA HIS B 300 -20.88 0.35 19.27
C HIS B 300 -19.41 0.63 19.55
N ARG B 301 -19.09 1.59 20.40
CA ARG B 301 -17.69 1.93 20.70
C ARG B 301 -17.52 2.22 22.18
N PRO B 302 -17.66 1.19 23.02
CA PRO B 302 -17.64 1.42 24.48
C PRO B 302 -16.33 1.98 25.02
N ASP B 303 -15.21 1.73 24.33
CA ASP B 303 -13.88 2.17 24.78
C ASP B 303 -13.60 3.63 24.45
N LEU B 304 -14.41 4.23 23.59
CA LEU B 304 -14.15 5.56 23.07
C LEU B 304 -14.44 6.61 24.14
N LYS B 305 -13.63 7.66 24.20
CA LYS B 305 -13.79 8.71 25.19
C LYS B 305 -14.17 10.00 24.49
N VAL B 306 -15.28 10.60 24.91
CA VAL B 306 -15.77 11.84 24.33
C VAL B 306 -15.80 12.91 25.42
N ILE B 307 -15.18 14.06 25.10
CA ILE B 307 -15.16 15.22 25.98
C ILE B 307 -15.85 16.35 25.24
N LEU B 308 -17.07 16.68 25.66
CA LEU B 308 -17.73 17.89 25.17
C LEU B 308 -17.20 19.11 25.90
N MET B 309 -17.02 20.21 25.16
CA MET B 309 -16.48 21.42 25.75
C MET B 309 -17.24 22.63 25.24
N SER B 310 -17.56 23.51 26.17
CA SER B 310 -18.53 24.55 25.91
C SER B 310 -18.24 25.76 26.77
N ALA B 311 -18.71 26.90 26.31
CA ALA B 311 -18.76 28.09 27.15
C ALA B 311 -20.05 28.07 27.97
N THR B 312 -20.33 29.14 28.72
CA THR B 312 -21.45 29.21 29.66
C THR B 312 -22.71 29.76 28.98
N VAL B 313 -23.08 29.10 27.90
CA VAL B 313 -24.13 29.54 27.00
C VAL B 313 -25.06 28.34 26.87
N ARG B 314 -26.17 28.35 27.61
CA ARG B 314 -27.10 27.22 27.64
C ARG B 314 -26.39 25.87 27.73
N GLU B 315 -25.35 25.80 28.58
CA GLU B 315 -24.56 24.58 28.71
C GLU B 315 -25.40 23.39 29.11
N GLN B 316 -26.50 23.62 29.81
CA GLN B 316 -27.26 22.48 30.35
C GLN B 316 -27.87 21.64 29.22
N ASP B 317 -28.16 22.25 28.06
CA ASP B 317 -28.76 21.54 26.93
C ASP B 317 -27.92 20.35 26.49
N PHE B 318 -26.60 20.49 26.50
CA PHE B 318 -25.70 19.41 26.10
C PHE B 318 -25.65 18.32 27.16
N CYS B 319 -25.66 18.72 28.44
CA CYS B 319 -25.72 17.74 29.51
C CYS B 319 -27.00 16.90 29.42
N ASP B 320 -28.15 17.56 29.24
CA ASP B 320 -29.41 16.86 29.03
C ASP B 320 -29.35 15.96 27.78
N TYR B 321 -28.76 16.44 26.68
CA TYR B 321 -28.75 15.65 25.47
C TYR B 321 -28.02 14.34 25.67
N PHE B 322 -27.01 14.35 26.52
CA PHE B 322 -26.18 13.18 26.77
C PHE B 322 -26.49 12.54 28.12
N ASN B 323 -27.77 12.59 28.52
CA ASN B 323 -28.29 11.79 29.62
C ASN B 323 -27.62 12.13 30.95
N ASN B 324 -27.62 13.43 31.26
CA ASN B 324 -27.04 13.97 32.49
C ASN B 324 -25.66 13.36 32.78
N CYS B 325 -24.77 13.49 31.81
CA CYS B 325 -23.38 13.13 32.00
C CYS B 325 -22.71 14.10 32.98
N PRO B 326 -21.59 13.69 33.60
CA PRO B 326 -20.85 14.61 34.48
C PRO B 326 -20.57 15.95 33.80
N MET B 327 -20.66 17.03 34.58
CA MET B 327 -20.38 18.36 34.08
C MET B 327 -19.35 19.03 34.99
N PHE B 328 -18.19 19.33 34.43
CA PHE B 328 -17.21 20.16 35.10
C PHE B 328 -17.50 21.61 34.79
N ARG B 329 -17.62 22.43 35.83
CA ARG B 329 -17.65 23.88 35.66
C ARG B 329 -16.31 24.40 36.10
N ILE B 330 -15.58 24.99 35.17
CA ILE B 330 -14.24 25.47 35.43
C ILE B 330 -14.29 26.98 35.44
N GLU B 331 -14.02 27.52 36.62
CA GLU B 331 -14.04 28.95 36.86
C GLU B 331 -12.92 29.62 36.07
N GLY B 332 -12.94 30.93 36.10
CA GLY B 332 -11.78 31.70 35.71
C GLY B 332 -12.00 32.39 34.39
N VAL B 333 -11.39 33.55 34.26
CA VAL B 333 -11.63 34.48 33.18
C VAL B 333 -10.32 35.22 32.96
N MET B 334 -10.27 35.99 31.89
CA MET B 334 -9.31 37.06 31.69
C MET B 334 -9.82 38.27 32.48
N PHE B 335 -9.28 39.45 32.25
CA PHE B 335 -9.54 40.60 33.11
C PHE B 335 -11.02 40.96 33.21
N PRO B 336 -11.46 41.46 34.37
CA PRO B 336 -12.88 41.80 34.56
C PRO B 336 -13.30 43.02 33.74
N VAL B 337 -14.46 42.91 33.09
CA VAL B 337 -15.03 43.95 32.24
C VAL B 337 -16.34 44.43 32.84
N LYS B 338 -16.44 45.72 33.10
CA LYS B 338 -17.63 46.30 33.73
C LYS B 338 -18.68 46.57 32.65
N MET B 339 -19.92 46.17 32.91
CA MET B 339 -21.04 46.34 31.98
C MET B 339 -21.87 47.56 32.36
N LEU B 340 -22.04 48.48 31.42
CA LEU B 340 -22.99 49.57 31.54
C LEU B 340 -24.10 49.40 30.51
N TYR B 341 -25.23 50.06 30.74
CA TYR B 341 -26.37 49.93 29.85
C TYR B 341 -26.81 51.32 29.42
N LEU B 342 -27.84 51.36 28.56
CA LEU B 342 -28.24 52.64 27.97
C LEU B 342 -28.55 53.67 29.05
N GLU B 343 -29.18 53.23 30.14
CA GLU B 343 -29.42 54.10 31.29
C GLU B 343 -28.12 54.65 31.83
N ASP B 344 -27.14 53.76 32.00
CA ASP B 344 -25.85 54.16 32.56
C ASP B 344 -25.11 55.13 31.64
N VAL B 345 -25.13 54.90 30.32
CA VAL B 345 -24.33 55.71 29.41
C VAL B 345 -24.91 57.11 29.33
N LEU B 346 -26.22 57.21 29.11
CA LEU B 346 -26.83 58.53 28.99
C LEU B 346 -26.59 59.35 30.24
N SER B 347 -26.48 58.69 31.40
CA SER B 347 -26.31 59.41 32.67
C SER B 347 -24.92 60.03 32.78
N LYS B 348 -23.92 59.47 32.10
CA LYS B 348 -22.59 60.06 32.09
C LYS B 348 -22.34 60.99 30.89
N THR B 349 -22.95 60.72 29.73
CA THR B 349 -22.66 61.54 28.55
C THR B 349 -23.62 62.72 28.39
N ASN B 350 -24.84 62.59 28.89
CA ASN B 350 -25.88 63.62 28.74
C ASN B 350 -26.18 63.97 27.29
N TYR B 351 -25.89 63.05 26.36
CA TYR B 351 -26.22 63.27 24.95
C TYR B 351 -27.73 63.42 24.82
N GLU B 352 -28.16 64.34 23.95
CA GLU B 352 -29.58 64.63 23.79
C GLU B 352 -29.94 64.46 22.31
N PHE B 353 -31.13 63.95 22.06
CA PHE B 353 -31.44 63.39 20.75
C PHE B 353 -32.15 64.41 19.87
N GLN B 354 -31.93 64.32 18.56
CA GLN B 354 -32.58 65.28 17.67
C GLN B 354 -34.01 64.87 17.33
N LYS B 355 -34.13 63.73 16.65
CA LYS B 355 -35.38 63.21 16.09
C LYS B 355 -36.14 64.34 15.41
N PHE B 356 -35.43 65.27 14.78
CA PHE B 356 -36.05 66.31 13.98
C PHE B 356 -35.26 66.56 12.71
N ARG B 357 -34.78 65.51 12.04
CA ARG B 357 -34.37 65.79 10.67
C ARG B 357 -35.05 64.84 9.72
N ASP B 358 -36.27 64.44 10.09
CA ASP B 358 -37.50 64.34 9.31
C ASP B 358 -37.56 63.16 8.33
N ARG B 359 -36.53 62.35 8.16
CA ARG B 359 -36.72 61.13 7.37
C ARG B 359 -37.66 60.17 8.11
N ARG B 360 -38.78 59.74 7.49
CA ARG B 360 -39.53 60.32 6.35
C ARG B 360 -40.70 61.25 6.78
N PRO B 361 -40.44 62.56 7.03
CA PRO B 361 -41.30 63.53 7.71
C PRO B 361 -41.25 63.26 9.22
N LYS B 362 -41.22 61.96 9.55
CA LYS B 362 -41.46 61.30 10.84
C LYS B 362 -42.72 60.46 10.70
N ARG B 363 -42.87 59.78 9.55
CA ARG B 363 -43.72 58.60 9.51
C ARG B 363 -43.20 57.82 10.70
N ASP B 364 -44.06 57.60 11.67
CA ASP B 364 -43.79 57.74 13.10
C ASP B 364 -43.99 56.33 13.60
N PRO B 365 -43.25 55.40 13.01
CA PRO B 365 -43.82 54.20 12.43
C PRO B 365 -44.91 53.61 13.29
N PRO B 366 -46.07 53.38 12.69
CA PRO B 366 -47.36 53.80 13.28
C PRO B 366 -47.52 53.63 14.79
N GLU B 367 -47.21 52.45 15.32
CA GLU B 367 -47.40 52.20 16.73
C GLU B 367 -46.09 52.13 17.51
N ARG B 368 -44.95 52.44 16.88
CA ARG B 368 -43.65 52.18 17.49
C ARG B 368 -43.57 52.81 18.88
N ARG B 369 -43.97 54.08 19.00
CA ARG B 369 -43.70 54.82 20.22
C ARG B 369 -44.42 54.22 21.41
N MET B 370 -45.43 53.38 21.15
CA MET B 370 -46.23 52.77 22.20
C MET B 370 -45.98 51.28 22.35
N LYS B 371 -45.66 50.60 21.25
CA LYS B 371 -44.98 49.31 21.38
C LYS B 371 -43.77 49.46 22.29
N HIS B 372 -42.86 50.39 21.93
CA HIS B 372 -41.65 50.61 22.71
C HIS B 372 -41.98 50.97 24.16
N GLU B 373 -42.99 51.79 24.38
CA GLU B 373 -43.25 52.18 25.76
C GLU B 373 -43.84 51.03 26.55
N ALA B 374 -44.58 50.14 25.88
CA ALA B 374 -45.08 48.95 26.54
C ALA B 374 -43.93 48.07 27.05
N MET B 375 -42.80 48.12 26.37
CA MET B 375 -41.68 47.29 26.78
C MET B 375 -40.92 47.88 27.96
N ILE B 376 -40.67 49.18 27.95
CA ILE B 376 -39.71 49.78 28.87
C ILE B 376 -40.35 50.42 30.10
N GLU B 377 -41.65 50.73 30.05
CA GLU B 377 -42.27 51.46 31.17
C GLU B 377 -42.23 50.70 32.49
N PRO B 378 -42.59 49.40 32.57
CA PRO B 378 -42.47 48.73 33.86
C PRO B 378 -41.08 48.82 34.44
N TYR B 379 -40.05 48.75 33.59
CA TYR B 379 -38.68 48.84 34.05
C TYR B 379 -38.37 50.22 34.64
N LEU B 380 -38.67 51.29 33.87
CA LEU B 380 -38.44 52.66 34.34
C LEU B 380 -39.05 52.93 35.71
N ARG B 381 -40.15 52.26 36.03
CA ARG B 381 -40.86 52.53 37.26
C ARG B 381 -40.19 51.87 38.45
N ARG B 382 -39.43 50.79 38.21
CA ARG B 382 -38.67 50.20 39.30
C ARG B 382 -37.34 50.90 39.58
N ILE B 383 -36.91 51.83 38.72
CA ILE B 383 -35.60 52.44 38.84
C ILE B 383 -35.65 53.96 38.96
N ARG B 384 -36.85 54.54 39.20
CA ARG B 384 -37.02 55.99 39.26
C ARG B 384 -35.96 56.69 40.09
N ASN B 385 -35.60 56.13 41.24
CA ASN B 385 -34.66 56.76 42.16
C ASN B 385 -33.21 56.28 41.96
N SER B 386 -32.95 55.49 40.93
CA SER B 386 -31.58 55.10 40.63
C SER B 386 -30.96 55.93 39.51
N TYR B 387 -31.77 56.58 38.66
CA TYR B 387 -31.29 57.44 37.60
C TYR B 387 -32.04 58.77 37.61
N ASP B 388 -31.36 59.82 37.16
CA ASP B 388 -31.99 61.13 37.00
C ASP B 388 -33.22 60.98 36.09
N SER B 389 -34.22 61.84 36.31
CA SER B 389 -35.49 61.67 35.63
C SER B 389 -35.40 62.03 34.15
N ARG B 390 -34.46 62.89 33.77
CA ARG B 390 -34.29 63.27 32.38
C ARG B 390 -33.60 62.17 31.59
N VAL B 391 -32.76 61.38 32.26
CA VAL B 391 -32.20 60.19 31.63
C VAL B 391 -33.31 59.19 31.33
N LEU B 392 -34.18 58.93 32.31
CA LEU B 392 -35.25 57.96 32.07
C LEU B 392 -36.25 58.48 31.04
N ASP B 393 -36.24 59.78 30.76
CA ASP B 393 -37.10 60.32 29.71
C ASP B 393 -36.58 59.93 28.33
N LYS B 394 -35.26 59.91 28.16
CA LYS B 394 -34.66 59.54 26.88
C LYS B 394 -34.87 58.06 26.57
N LEU B 395 -34.82 57.20 27.58
CA LEU B 395 -35.05 55.78 27.37
C LEU B 395 -36.43 55.53 26.76
N ARG B 396 -37.38 56.42 27.04
CA ARG B 396 -38.69 56.38 26.42
C ARG B 396 -38.64 56.66 24.92
N LEU B 397 -37.60 57.33 24.44
CA LEU B 397 -37.41 57.49 23.00
C LEU B 397 -37.02 56.17 22.33
N PRO B 398 -37.75 55.71 21.32
CA PRO B 398 -37.30 54.53 20.54
C PRO B 398 -35.96 54.72 19.84
N GLU B 399 -35.58 55.96 19.54
CA GLU B 399 -34.32 56.23 18.83
C GLU B 399 -33.10 56.02 19.72
N SER B 400 -33.28 56.04 21.04
CA SER B 400 -32.17 55.92 21.99
C SER B 400 -31.46 54.56 21.92
N GLU B 401 -32.20 53.48 21.70
CA GLU B 401 -31.58 52.16 21.74
C GLU B 401 -31.08 51.76 20.36
N GLY B 402 -30.07 50.91 20.35
CA GLY B 402 -29.49 50.48 19.10
C GLY B 402 -28.55 51.52 18.54
N CYS B 403 -28.53 51.60 17.21
CA CYS B 403 -27.71 52.53 16.44
C CYS B 403 -28.53 53.33 15.46
N GLU B 404 -29.76 53.68 15.84
CA GLU B 404 -30.60 54.48 14.94
C GLU B 404 -30.01 55.87 14.74
N ASP B 405 -29.43 56.45 15.80
CA ASP B 405 -28.73 57.75 15.77
C ASP B 405 -27.23 57.43 15.84
N ILE B 406 -26.54 57.57 14.70
CA ILE B 406 -25.10 57.31 14.66
C ILE B 406 -24.32 58.41 15.35
N ASP B 407 -24.82 59.65 15.35
CA ASP B 407 -24.14 60.73 16.07
C ASP B 407 -24.14 60.53 17.59
N PHE B 408 -25.09 59.75 18.11
CA PHE B 408 -25.05 59.33 19.51
C PHE B 408 -23.83 58.47 19.78
N ILE B 409 -23.55 57.52 18.88
CA ILE B 409 -22.40 56.65 19.08
C ILE B 409 -21.09 57.43 18.92
N ALA B 410 -21.04 58.34 17.96
CA ALA B 410 -19.85 59.17 17.82
C ALA B 410 -19.58 59.96 19.08
N ASP B 411 -20.63 60.53 19.68
CA ASP B 411 -20.42 61.25 20.92
C ASP B 411 -19.84 60.33 21.99
N LEU B 412 -20.37 59.12 22.10
CA LEU B 412 -19.85 58.20 23.12
C LEU B 412 -18.41 57.80 22.83
N VAL B 413 -18.01 57.77 21.56
CA VAL B 413 -16.61 57.55 21.23
C VAL B 413 -15.77 58.74 21.71
N TYR B 414 -16.20 59.96 21.41
CA TYR B 414 -15.49 61.13 21.93
C TYR B 414 -15.44 61.14 23.45
N TYR B 415 -16.53 60.73 24.13
CA TYR B 415 -16.57 60.74 25.59
C TYR B 415 -15.53 59.79 26.19
N ILE B 416 -15.42 58.58 25.65
CA ILE B 416 -14.38 57.66 26.10
C ILE B 416 -13.02 58.28 25.83
N CYS B 417 -12.92 59.08 24.76
CA CYS B 417 -11.65 59.72 24.42
C CYS B 417 -11.19 60.70 25.50
N GLU B 418 -12.12 61.32 26.20
CA GLU B 418 -11.80 62.33 27.19
C GLU B 418 -11.51 61.72 28.56
N ASN B 419 -12.42 60.87 29.05
CA ASN B 419 -12.47 60.54 30.47
C ASN B 419 -11.71 59.28 30.88
N GLU B 420 -11.27 58.45 29.95
CA GLU B 420 -10.76 57.13 30.31
C GLU B 420 -9.29 56.97 29.96
N PRO B 421 -8.60 55.98 30.59
CA PRO B 421 -7.18 55.77 30.31
C PRO B 421 -6.96 55.13 28.95
N GLU B 422 -5.70 54.79 28.64
CA GLU B 422 -5.36 54.25 27.34
C GLU B 422 -6.14 52.96 27.06
N GLY B 423 -6.57 52.82 25.83
CA GLY B 423 -7.13 51.55 25.40
C GLY B 423 -7.93 51.72 24.14
N ALA B 424 -8.06 50.63 23.39
CA ALA B 424 -8.75 50.69 22.12
C ALA B 424 -10.26 50.56 22.31
N ILE B 425 -11.00 51.24 21.44
CA ILE B 425 -12.45 51.22 21.39
C ILE B 425 -12.88 50.25 20.29
N LEU B 426 -13.69 49.25 20.65
CA LEU B 426 -14.30 48.37 19.65
C LEU B 426 -15.80 48.65 19.56
N VAL B 427 -16.25 49.11 18.39
CA VAL B 427 -17.65 49.52 18.16
C VAL B 427 -18.33 48.46 17.30
N PHE B 428 -19.37 47.82 17.83
CA PHE B 428 -20.11 46.78 17.13
C PHE B 428 -21.36 47.40 16.48
N LEU B 429 -21.32 47.51 15.16
CA LEU B 429 -22.41 48.00 14.35
C LEU B 429 -22.95 46.89 13.45
N PRO B 430 -24.20 47.00 12.98
CA PRO B 430 -24.80 45.84 12.31
C PRO B 430 -24.20 45.51 10.95
N GLY B 431 -23.82 46.49 10.15
CA GLY B 431 -23.37 46.17 8.81
C GLY B 431 -22.52 47.25 8.14
N TYR B 432 -22.24 47.03 6.86
CA TYR B 432 -21.44 47.95 6.07
C TYR B 432 -22.03 49.38 6.07
N ASP B 433 -23.35 49.50 5.93
CA ASP B 433 -23.97 50.81 5.76
C ASP B 433 -23.72 51.72 6.97
N LYS B 434 -24.01 51.22 8.19
CA LYS B 434 -23.80 52.02 9.40
C LYS B 434 -22.32 52.19 9.76
N ILE B 435 -21.46 51.26 9.35
CA ILE B 435 -20.02 51.41 9.58
C ILE B 435 -19.47 52.58 8.76
N SER B 436 -19.90 52.74 7.52
CA SER B 436 -19.47 53.92 6.77
C SER B 436 -20.10 55.18 7.36
N GLN B 437 -21.35 55.09 7.82
CA GLN B 437 -21.98 56.26 8.41
C GLN B 437 -21.15 56.81 9.55
N LEU B 438 -20.66 55.93 10.43
CA LEU B 438 -19.88 56.38 11.58
C LEU B 438 -18.44 56.68 11.21
N TYR B 439 -17.87 55.96 10.25
CA TYR B 439 -16.52 56.25 9.80
C TYR B 439 -16.43 57.64 9.20
N ASN B 440 -17.48 58.07 8.50
CA ASN B 440 -17.45 59.39 7.91
C ASN B 440 -17.67 60.49 8.94
N ILE B 441 -18.51 60.23 9.97
CA ILE B 441 -18.70 61.20 11.04
C ILE B 441 -17.39 61.41 11.81
N LEU B 442 -16.65 60.33 12.04
CA LEU B 442 -15.37 60.47 12.73
C LEU B 442 -14.30 61.06 11.83
N ASP B 443 -14.39 60.85 10.51
CA ASP B 443 -13.28 61.23 9.63
C ASP B 443 -13.42 62.63 9.06
N LYS B 444 -14.65 63.08 8.83
CA LYS B 444 -14.95 64.43 8.35
C LYS B 444 -16.08 64.97 9.23
N PRO B 445 -15.77 65.45 10.43
CA PRO B 445 -16.83 65.80 11.39
C PRO B 445 -17.42 67.19 11.21
N LYS B 446 -18.74 67.29 11.45
CA LYS B 446 -19.45 68.56 11.49
C LYS B 446 -19.65 69.10 12.89
N THR B 447 -19.45 68.28 13.92
CA THR B 447 -19.57 68.74 15.31
C THR B 447 -18.26 69.39 15.77
N SER B 448 -18.41 70.35 16.68
CA SER B 448 -17.23 70.97 17.30
C SER B 448 -16.46 69.96 18.12
N LYS B 449 -17.17 69.16 18.92
CA LYS B 449 -16.50 68.13 19.72
C LYS B 449 -15.71 67.17 18.86
N GLY B 450 -16.19 66.85 17.66
CA GLY B 450 -15.51 65.89 16.81
C GLY B 450 -14.26 66.39 16.10
N GLN B 451 -14.22 67.69 15.79
CA GLN B 451 -13.02 68.22 15.14
C GLN B 451 -11.85 68.26 16.10
N ARG B 452 -12.12 68.55 17.40
CA ARG B 452 -11.07 68.55 18.42
C ARG B 452 -10.36 67.18 18.48
N TRP B 453 -11.10 66.09 18.33
CA TRP B 453 -10.57 64.73 18.50
C TRP B 453 -10.10 64.08 17.21
N ARG B 454 -10.33 64.70 16.07
CA ARG B 454 -10.21 64.00 14.79
C ARG B 454 -8.80 63.46 14.57
N ASP B 455 -7.77 64.28 14.74
CA ASP B 455 -6.41 63.80 14.46
C ASP B 455 -5.78 63.02 15.63
N HIS B 456 -6.56 62.62 16.63
CA HIS B 456 -6.06 61.80 17.73
C HIS B 456 -6.77 60.44 17.79
N MET B 457 -7.45 60.08 16.70
CA MET B 457 -8.02 58.76 16.49
C MET B 457 -7.38 58.09 15.27
N ALA B 458 -7.20 56.77 15.36
CA ALA B 458 -6.80 55.92 14.25
C ALA B 458 -7.96 54.95 14.04
N VAL B 459 -8.72 55.19 12.98
CA VAL B 459 -10.00 54.54 12.76
C VAL B 459 -9.85 53.44 11.71
N PHE B 460 -10.14 52.20 12.11
CA PHE B 460 -10.15 51.09 11.18
C PHE B 460 -11.56 50.54 11.04
N PRO B 461 -12.06 50.39 9.82
CA PRO B 461 -13.27 49.59 9.62
C PRO B 461 -12.91 48.12 9.55
N LEU B 462 -13.86 47.27 9.91
CA LEU B 462 -13.63 45.84 10.03
C LEU B 462 -14.86 45.10 9.53
N HIS B 463 -14.68 44.32 8.46
CA HIS B 463 -15.78 43.71 7.72
C HIS B 463 -15.21 42.60 6.85
N SER B 464 -15.96 41.49 6.72
CA SER B 464 -15.46 40.36 5.93
C SER B 464 -15.03 40.77 4.53
N LEU B 465 -15.67 41.79 3.96
CA LEU B 465 -15.32 42.28 2.63
C LEU B 465 -14.21 43.33 2.61
N MET B 466 -13.58 43.67 3.74
CA MET B 466 -12.57 44.71 3.73
C MET B 466 -11.19 44.15 4.08
N GLN B 467 -10.15 44.85 3.62
CA GLN B 467 -8.78 44.34 3.71
C GLN B 467 -8.17 44.46 5.10
N SER B 468 -8.73 45.31 5.97
CA SER B 468 -8.13 45.56 7.28
C SER B 468 -7.82 44.26 8.02
N GLY B 469 -8.74 43.28 7.97
CA GLY B 469 -8.50 42.01 8.64
C GLY B 469 -7.22 41.32 8.20
N GLU B 470 -6.91 41.37 6.90
CA GLU B 470 -5.72 40.73 6.35
C GLU B 470 -4.48 41.64 6.33
N GLN B 471 -4.51 42.75 7.07
CA GLN B 471 -3.37 43.66 7.19
C GLN B 471 -3.03 43.82 8.66
N GLN B 472 -1.73 43.96 8.94
CA GLN B 472 -1.25 43.88 10.32
C GLN B 472 -1.64 45.07 11.19
N ALA B 473 -2.04 46.20 10.59
CA ALA B 473 -2.08 47.47 11.33
C ALA B 473 -3.16 47.47 12.40
N VAL B 474 -4.36 46.97 12.05
CA VAL B 474 -5.47 46.90 13.01
C VAL B 474 -5.11 46.06 14.24
N PHE B 475 -4.20 45.09 14.09
CA PHE B 475 -3.85 44.18 15.17
C PHE B 475 -2.79 44.74 16.11
N ARG B 476 -2.18 45.87 15.78
CA ARG B 476 -1.08 46.50 16.47
C ARG B 476 -1.52 47.80 17.14
N ARG B 477 -0.66 48.31 18.03
CA ARG B 477 -0.95 49.44 18.89
C ARG B 477 -0.82 50.72 18.07
N PRO B 478 -1.64 51.73 18.35
CA PRO B 478 -1.61 52.94 17.51
C PRO B 478 -0.33 53.71 17.75
N PRO B 479 -0.06 54.74 16.94
CA PRO B 479 1.06 55.63 17.23
C PRO B 479 0.86 56.36 18.56
N ALA B 480 1.96 56.95 19.02
CA ALA B 480 1.93 57.77 20.23
C ALA B 480 0.94 58.92 20.07
N GLY B 481 0.16 59.18 21.13
CA GLY B 481 -0.81 60.25 21.12
C GLY B 481 -2.03 60.01 20.26
N GLN B 482 -2.21 58.79 19.76
CA GLN B 482 -3.38 58.40 18.99
C GLN B 482 -4.05 57.20 19.65
N ARG B 483 -5.39 57.19 19.58
CA ARG B 483 -6.21 56.13 20.13
C ARG B 483 -6.78 55.30 18.99
N LYS B 484 -6.84 53.98 19.18
CA LYS B 484 -7.34 53.08 18.16
C LYS B 484 -8.85 52.93 18.29
N VAL B 485 -9.57 53.20 17.20
CA VAL B 485 -11.01 52.99 17.18
C VAL B 485 -11.31 51.98 16.06
N ILE B 486 -11.99 50.90 16.41
CA ILE B 486 -12.39 49.89 15.43
C ILE B 486 -13.90 49.88 15.34
N ILE B 487 -14.39 50.14 14.14
CA ILE B 487 -15.80 50.08 13.80
C ILE B 487 -16.00 48.77 13.05
N SER B 488 -16.73 47.84 13.63
CA SER B 488 -16.74 46.48 13.10
C SER B 488 -18.15 45.90 13.08
N THR B 489 -18.32 44.85 12.28
CA THR B 489 -19.49 43.99 12.38
C THR B 489 -19.17 42.85 13.36
N ILE B 490 -20.07 41.87 13.42
CA ILE B 490 -19.93 40.82 14.41
C ILE B 490 -18.65 40.01 14.20
N ILE B 491 -17.95 40.24 13.08
CA ILE B 491 -16.69 39.58 12.79
C ILE B 491 -15.69 39.72 13.95
N ALA B 492 -15.73 40.82 14.70
CA ALA B 492 -14.80 40.95 15.82
C ALA B 492 -15.29 40.22 17.07
N GLU B 493 -16.43 39.53 17.00
CA GLU B 493 -16.93 38.80 18.16
C GLU B 493 -16.15 37.51 18.38
N THR B 494 -16.02 36.69 17.35
CA THR B 494 -15.15 35.53 17.45
C THR B 494 -14.13 35.42 16.33
N SER B 495 -14.49 35.80 15.10
CA SER B 495 -13.71 35.43 13.91
C SER B 495 -12.37 36.18 13.86
N VAL B 496 -12.41 37.48 14.10
CA VAL B 496 -11.22 38.31 14.21
C VAL B 496 -11.08 38.68 15.68
N THR B 497 -9.84 38.74 16.16
CA THR B 497 -9.59 39.04 17.57
C THR B 497 -8.50 40.11 17.67
N ILE B 498 -8.88 41.25 18.25
CA ILE B 498 -7.98 42.37 18.48
C ILE B 498 -7.62 42.36 19.96
N ASP B 499 -6.35 42.59 20.26
CA ASP B 499 -5.98 42.33 21.65
C ASP B 499 -6.10 43.58 22.53
N ASP B 500 -5.65 44.74 22.08
CA ASP B 500 -5.57 45.88 23.00
C ASP B 500 -6.90 46.61 23.15
N VAL B 501 -8.01 45.98 22.76
CA VAL B 501 -9.32 46.54 23.03
C VAL B 501 -9.51 46.61 24.53
N VAL B 502 -9.91 47.79 25.02
CA VAL B 502 -10.29 47.92 26.42
C VAL B 502 -11.76 48.36 26.53
N TYR B 503 -12.28 49.04 25.51
CA TYR B 503 -13.63 49.58 25.54
C TYR B 503 -14.45 49.04 24.37
N VAL B 504 -15.59 48.44 24.69
CA VAL B 504 -16.48 47.87 23.70
C VAL B 504 -17.78 48.64 23.76
N ILE B 505 -18.23 49.12 22.61
CA ILE B 505 -19.56 49.69 22.45
C ILE B 505 -20.41 48.64 21.77
N ASN B 506 -21.37 48.09 22.50
CA ASN B 506 -22.30 47.12 21.94
C ASN B 506 -23.60 47.82 21.57
N SER B 507 -23.74 48.14 20.27
CA SER B 507 -25.00 48.66 19.73
C SER B 507 -26.13 47.64 19.82
N GLY B 508 -25.82 46.38 20.01
CA GLY B 508 -26.87 45.41 20.18
C GLY B 508 -27.60 45.04 18.93
N ARG B 509 -27.24 45.64 17.80
CA ARG B 509 -27.89 45.33 16.55
C ARG B 509 -26.89 44.64 15.63
N THR B 510 -27.40 43.67 14.86
CA THR B 510 -26.65 43.06 13.77
C THR B 510 -27.65 42.64 12.70
N LYS B 511 -27.15 42.01 11.67
CA LYS B 511 -27.94 41.56 10.55
C LYS B 511 -27.93 40.04 10.53
N ALA B 512 -29.05 39.46 10.12
CA ALA B 512 -29.22 38.02 10.13
C ALA B 512 -29.97 37.64 8.87
N THR B 513 -29.71 36.44 8.38
CA THR B 513 -30.36 35.98 7.16
C THR B 513 -31.36 34.89 7.51
N ASN B 514 -32.61 35.08 7.10
CA ASN B 514 -33.72 34.19 7.41
C ASN B 514 -34.34 33.66 6.14
N TYR B 515 -34.59 32.36 6.13
CA TYR B 515 -35.23 31.71 5.00
C TYR B 515 -36.65 31.39 5.42
N ASP B 516 -37.61 31.92 4.69
CA ASP B 516 -39.01 31.55 4.81
C ASP B 516 -39.28 30.48 3.76
N ILE B 517 -39.55 29.25 4.23
CA ILE B 517 -39.74 28.13 3.31
C ILE B 517 -41.06 28.26 2.54
N GLU B 518 -42.06 28.92 3.09
CA GLU B 518 -43.36 28.96 2.42
C GLU B 518 -43.31 29.83 1.17
N THR B 519 -42.60 30.97 1.21
CA THR B 519 -42.46 31.80 0.01
C THR B 519 -41.11 31.69 -0.67
N ASN B 520 -40.21 30.84 -0.18
CA ASN B 520 -38.87 30.64 -0.72
C ASN B 520 -38.20 31.98 -1.08
N ILE B 521 -38.13 32.85 -0.09
CA ILE B 521 -37.35 34.09 -0.19
C ILE B 521 -36.43 34.16 1.02
N GLN B 522 -35.13 34.10 0.76
CA GLN B 522 -34.14 34.43 1.77
C GLN B 522 -34.00 35.95 1.85
N SER B 523 -34.02 36.47 3.08
CA SER B 523 -33.95 37.90 3.32
C SER B 523 -32.84 38.22 4.32
N LEU B 524 -32.36 39.45 4.24
CA LEU B 524 -31.29 39.96 5.09
C LEU B 524 -31.87 41.10 5.94
N ASP B 525 -32.07 40.84 7.23
CA ASP B 525 -32.77 41.81 8.09
C ASP B 525 -31.87 42.25 9.23
N GLU B 526 -32.10 43.48 9.68
CA GLU B 526 -31.47 43.98 10.89
C GLU B 526 -32.28 43.50 12.09
N VAL B 527 -31.60 42.90 13.06
CA VAL B 527 -32.23 42.35 14.24
C VAL B 527 -31.42 42.74 15.47
N TRP B 528 -31.99 42.43 16.64
CA TRP B 528 -31.23 42.53 17.88
C TRP B 528 -30.36 41.28 18.03
N VAL B 529 -29.21 41.47 18.67
CA VAL B 529 -28.30 40.39 19.03
C VAL B 529 -28.96 39.58 20.13
N THR B 530 -28.41 38.41 20.43
CA THR B 530 -28.89 37.61 21.54
C THR B 530 -28.04 37.85 22.77
N LYS B 531 -28.54 37.38 23.92
CA LYS B 531 -27.79 37.46 25.17
C LYS B 531 -26.40 36.83 25.04
N ALA B 532 -26.32 35.68 24.36
CA ALA B 532 -25.01 35.08 24.13
C ALA B 532 -24.06 36.03 23.43
N ASN B 533 -24.58 36.79 22.44
CA ASN B 533 -23.74 37.76 21.75
C ASN B 533 -23.19 38.79 22.73
N THR B 534 -24.07 39.43 23.50
CA THR B 534 -23.63 40.50 24.38
C THR B 534 -22.58 39.98 25.34
N GLN B 535 -22.80 38.77 25.87
CA GLN B 535 -21.85 38.13 26.77
C GLN B 535 -20.49 37.98 26.09
N GLN B 536 -20.50 37.55 24.83
CA GLN B 536 -19.24 37.30 24.13
C GLN B 536 -18.51 38.61 23.87
N ARG B 537 -19.25 39.68 23.56
CA ARG B 537 -18.65 40.98 23.28
C ARG B 537 -17.99 41.57 24.51
N ARG B 538 -18.58 41.30 25.67
CA ARG B 538 -18.01 41.80 26.91
C ARG B 538 -16.57 41.33 27.08
N GLY B 539 -16.31 40.05 26.77
CA GLY B 539 -14.99 39.49 26.94
C GLY B 539 -13.92 40.18 26.10
N ARG B 540 -14.30 40.74 24.95
CA ARG B 540 -13.32 41.36 24.08
C ARG B 540 -12.69 42.61 24.69
N ALA B 541 -13.34 43.20 25.70
CA ALA B 541 -12.71 44.29 26.45
C ALA B 541 -11.70 43.81 27.48
N GLY B 542 -11.75 42.52 27.83
CA GLY B 542 -10.97 42.02 28.92
C GLY B 542 -9.86 41.09 28.56
N ARG B 543 -9.16 41.36 27.46
CA ARG B 543 -8.02 40.52 27.14
C ARG B 543 -6.72 41.07 27.71
N VAL B 544 -6.57 42.40 27.79
CA VAL B 544 -5.32 43.03 28.22
C VAL B 544 -5.40 43.57 29.66
N ARG B 545 -6.48 44.28 29.98
CA ARG B 545 -6.58 44.95 31.27
C ARG B 545 -8.07 45.09 31.59
N PRO B 546 -8.41 45.56 32.79
CA PRO B 546 -9.82 45.80 33.07
C PRO B 546 -10.42 46.80 32.09
N GLY B 547 -11.56 46.43 31.51
CA GLY B 547 -12.19 47.21 30.47
C GLY B 547 -13.66 47.45 30.76
N ILE B 548 -14.31 48.11 29.81
CA ILE B 548 -15.72 48.46 29.94
C ILE B 548 -16.43 48.01 28.68
N CYS B 549 -17.70 47.62 28.84
CA CYS B 549 -18.57 47.29 27.71
C CYS B 549 -19.84 48.14 27.84
N TYR B 550 -20.04 49.05 26.89
CA TYR B 550 -21.19 49.94 26.89
C TYR B 550 -22.24 49.38 25.94
N ASN B 551 -23.35 48.94 26.50
CA ASN B 551 -24.43 48.34 25.72
C ASN B 551 -25.51 49.38 25.49
N LEU B 552 -25.74 49.72 24.22
CA LEU B 552 -26.63 50.80 23.84
C LEU B 552 -28.08 50.34 23.80
N PHE B 553 -28.54 49.77 24.91
CA PHE B 553 -29.94 49.40 25.08
C PHE B 553 -30.20 49.27 26.56
N SER B 554 -31.47 49.35 26.92
CA SER B 554 -31.83 49.27 28.32
C SER B 554 -31.76 47.83 28.82
N ARG B 555 -31.70 47.68 30.14
CA ARG B 555 -31.73 46.32 30.69
C ARG B 555 -33.05 45.65 30.38
N ALA B 556 -34.11 46.43 30.14
CA ALA B 556 -35.41 45.85 29.81
C ALA B 556 -35.42 45.21 28.42
N ARG B 557 -34.73 45.83 27.45
CA ARG B 557 -34.58 45.20 26.13
C ARG B 557 -33.79 43.91 26.25
N GLU B 558 -32.66 43.96 26.98
CA GLU B 558 -31.86 42.76 27.25
C GLU B 558 -32.70 41.61 27.80
N ASP B 559 -33.74 41.91 28.58
CA ASP B 559 -34.53 40.82 29.12
C ASP B 559 -35.42 40.19 28.06
N ARG B 560 -35.80 40.94 27.02
CA ARG B 560 -36.58 40.34 25.94
C ARG B 560 -35.73 39.77 24.81
N MET B 561 -34.41 39.95 24.84
CA MET B 561 -33.55 39.35 23.82
C MET B 561 -33.52 37.84 24.00
N ASP B 562 -33.27 37.13 22.91
CA ASP B 562 -33.20 35.69 22.98
C ASP B 562 -31.92 35.25 23.70
N ASP B 563 -31.90 33.97 24.09
CA ASP B 563 -30.75 33.37 24.74
C ASP B 563 -29.57 33.23 23.79
N ILE B 564 -29.77 32.49 22.70
CA ILE B 564 -28.73 32.23 21.71
C ILE B 564 -29.28 32.59 20.34
N PRO B 565 -28.45 32.72 19.32
CA PRO B 565 -29.01 32.87 17.96
C PRO B 565 -29.65 31.56 17.55
N THR B 566 -30.60 31.64 16.64
CA THR B 566 -31.21 30.45 16.06
C THR B 566 -30.10 29.50 15.57
N PRO B 567 -30.03 28.29 16.12
CA PRO B 567 -29.00 27.33 15.66
C PRO B 567 -29.03 27.17 14.14
N GLU B 568 -27.84 27.11 13.57
CA GLU B 568 -27.69 27.29 12.14
C GLU B 568 -28.36 26.14 11.37
N ILE B 569 -28.48 24.96 11.99
CA ILE B 569 -29.10 23.81 11.33
C ILE B 569 -30.56 24.13 10.96
N LEU B 570 -31.23 24.98 11.74
CA LEU B 570 -32.62 25.36 11.46
C LEU B 570 -32.74 26.40 10.34
N ARG B 571 -31.64 27.04 9.93
CA ARG B 571 -31.64 28.08 8.90
C ARG B 571 -31.13 27.60 7.54
N SER B 572 -30.61 26.38 7.46
CA SER B 572 -29.78 25.95 6.35
C SER B 572 -30.51 25.01 5.38
N LYS B 573 -30.01 24.99 4.15
CA LYS B 573 -30.36 23.96 3.18
C LYS B 573 -29.77 22.63 3.63
N LEU B 574 -30.48 21.53 3.35
CA LEU B 574 -30.08 20.23 3.88
C LEU B 574 -29.62 19.24 2.82
N GLU B 575 -29.68 19.61 1.54
CA GLU B 575 -29.39 18.65 0.48
C GLU B 575 -27.99 18.09 0.63
N SER B 576 -27.02 18.92 1.01
CA SER B 576 -25.67 18.42 1.21
C SER B 576 -25.61 17.41 2.34
N ILE B 577 -26.22 17.74 3.48
CA ILE B 577 -26.16 16.88 4.64
C ILE B 577 -26.86 15.56 4.37
N ILE B 578 -28.09 15.63 3.87
CA ILE B 578 -28.85 14.43 3.57
C ILE B 578 -28.04 13.47 2.71
N LEU B 579 -27.35 14.01 1.70
CA LEU B 579 -26.57 13.13 0.86
C LEU B 579 -25.37 12.55 1.62
N SER B 580 -24.65 13.40 2.36
CA SER B 580 -23.53 12.93 3.17
C SER B 580 -23.91 11.78 4.10
N LEU B 581 -25.08 11.86 4.74
CA LEU B 581 -25.48 10.81 5.65
C LEU B 581 -25.62 9.45 4.96
N LYS B 582 -25.86 9.45 3.64
CA LYS B 582 -26.02 8.19 2.92
C LYS B 582 -24.70 7.44 2.77
N LEU B 583 -23.55 8.14 2.71
CA LEU B 583 -22.28 7.42 2.77
C LEU B 583 -21.99 6.85 4.14
N LEU B 584 -22.75 7.22 5.16
CA LEU B 584 -22.60 6.66 6.50
C LEU B 584 -23.70 5.67 6.83
N HIS B 585 -24.41 5.17 5.82
CA HIS B 585 -25.49 4.21 6.01
C HIS B 585 -26.55 4.74 6.99
N ILE B 586 -26.74 6.05 7.02
CA ILE B 586 -27.94 6.66 7.59
C ILE B 586 -28.82 6.96 6.38
N ASP B 587 -29.70 6.03 6.05
CA ASP B 587 -30.51 6.16 4.85
C ASP B 587 -31.80 6.93 5.07
N ASP B 588 -32.21 7.15 6.32
CA ASP B 588 -33.50 7.78 6.62
C ASP B 588 -33.26 9.12 7.28
N PRO B 589 -33.18 10.20 6.51
CA PRO B 589 -32.84 11.51 7.12
C PRO B 589 -33.94 12.07 8.01
N TYR B 590 -35.20 11.75 7.74
CA TYR B 590 -36.25 12.16 8.67
C TYR B 590 -36.02 11.61 10.07
N ARG B 591 -35.68 10.32 10.16
CA ARG B 591 -35.51 9.69 11.45
C ARG B 591 -34.26 10.18 12.17
N PHE B 592 -33.14 10.37 11.45
CA PHE B 592 -31.90 10.77 12.13
C PHE B 592 -31.93 12.23 12.55
N LEU B 593 -32.30 13.13 11.63
CA LEU B 593 -32.31 14.56 11.93
C LEU B 593 -33.33 14.94 12.99
N GLN B 594 -34.38 14.13 13.19
CA GLN B 594 -35.28 14.40 14.30
C GLN B 594 -34.61 14.19 15.66
N THR B 595 -33.49 13.45 15.71
CA THR B 595 -32.80 13.17 16.96
C THR B 595 -31.76 14.21 17.36
N LEU B 596 -31.60 15.29 16.59
CA LEU B 596 -30.63 16.32 16.96
C LEU B 596 -31.13 17.18 18.13
N ILE B 597 -30.22 17.98 18.68
CA ILE B 597 -30.57 18.89 19.78
C ILE B 597 -31.75 19.73 19.40
N ASN B 598 -31.72 20.32 18.21
CA ASN B 598 -32.89 20.98 17.64
C ASN B 598 -33.20 20.33 16.30
N ALA B 599 -34.40 19.81 16.18
CA ALA B 599 -34.78 19.11 14.95
C ALA B 599 -35.03 20.12 13.84
N PRO B 600 -34.49 19.90 12.64
CA PRO B 600 -34.89 20.73 11.50
C PRO B 600 -36.34 20.46 11.15
N ASN B 601 -36.94 21.46 10.51
CA ASN B 601 -38.28 21.34 9.99
C ASN B 601 -38.37 20.19 9.01
N PRO B 602 -39.22 19.20 9.25
CA PRO B 602 -39.36 18.09 8.28
C PRO B 602 -39.72 18.55 6.88
N GLU B 603 -40.29 19.75 6.71
CA GLU B 603 -40.54 20.27 5.38
C GLU B 603 -39.24 20.68 4.68
N ALA B 604 -38.23 21.06 5.46
CA ALA B 604 -36.93 21.40 4.90
C ALA B 604 -36.14 20.15 4.51
N ILE B 605 -36.38 19.05 5.21
CA ILE B 605 -35.79 17.79 4.80
C ILE B 605 -36.39 17.34 3.48
N LYS B 606 -37.71 17.37 3.37
CA LYS B 606 -38.37 16.98 2.12
C LYS B 606 -37.89 17.86 0.97
N MET B 607 -37.70 19.16 1.23
CA MET B 607 -37.19 20.04 0.20
C MET B 607 -35.81 19.59 -0.25
N GLY B 608 -34.98 19.16 0.68
CA GLY B 608 -33.66 18.69 0.31
C GLY B 608 -33.72 17.41 -0.50
N VAL B 609 -34.50 16.44 -0.01
CA VAL B 609 -34.67 15.19 -0.74
C VAL B 609 -35.14 15.49 -2.16
N GLU B 610 -36.08 16.43 -2.31
CA GLU B 610 -36.66 16.71 -3.61
C GLU B 610 -35.61 17.25 -4.55
N LEU B 611 -34.86 18.25 -4.08
CA LEU B 611 -33.80 18.82 -4.91
C LEU B 611 -32.85 17.75 -5.38
N LEU B 612 -32.48 16.84 -4.49
CA LEU B 612 -31.54 15.78 -4.84
C LEU B 612 -32.15 14.78 -5.82
N LYS B 613 -33.46 14.55 -5.75
CA LYS B 613 -34.13 13.73 -6.76
C LYS B 613 -34.10 14.41 -8.11
N ARG B 614 -34.21 15.73 -8.12
CA ARG B 614 -34.24 16.49 -9.37
C ARG B 614 -32.87 16.46 -10.08
N ILE B 615 -31.79 16.59 -9.32
CA ILE B 615 -30.46 16.45 -9.91
C ILE B 615 -30.04 15.01 -10.02
N GLU B 616 -30.89 14.05 -9.62
CA GLU B 616 -30.72 12.61 -9.82
C GLU B 616 -29.57 12.03 -8.98
N ALA B 617 -29.32 12.62 -7.80
CA ALA B 617 -28.43 12.02 -6.82
C ALA B 617 -29.14 10.92 -6.03
N LEU B 618 -30.46 11.00 -5.91
CA LEU B 618 -31.30 9.93 -5.43
C LEU B 618 -32.29 9.55 -6.52
N ASP B 619 -32.65 8.27 -6.57
CA ASP B 619 -33.69 7.82 -7.49
C ASP B 619 -35.07 8.12 -6.89
N GLN B 620 -36.14 7.67 -7.57
CA GLN B 620 -37.49 8.03 -7.14
C GLN B 620 -37.83 7.48 -5.75
N THR B 621 -37.29 6.31 -5.39
CA THR B 621 -37.43 5.80 -4.02
C THR B 621 -36.75 6.72 -3.00
N GLY B 622 -35.72 7.45 -3.40
CA GLY B 622 -34.87 8.16 -2.47
C GLY B 622 -33.55 7.47 -2.18
N THR B 623 -33.27 6.37 -2.87
CA THR B 623 -32.00 5.67 -2.69
C THR B 623 -30.88 6.37 -3.45
N LEU B 624 -29.66 6.21 -2.95
CA LEU B 624 -28.51 6.78 -3.61
C LEU B 624 -28.33 6.22 -5.01
N THR B 625 -27.95 7.10 -5.95
CA THR B 625 -27.59 6.68 -7.29
C THR B 625 -26.09 6.68 -7.44
N PRO B 626 -25.55 6.01 -8.46
CA PRO B 626 -24.12 6.16 -8.76
C PRO B 626 -23.67 7.61 -8.84
N LEU B 627 -24.45 8.49 -9.49
CA LEU B 627 -24.08 9.89 -9.54
C LEU B 627 -24.03 10.52 -8.15
N GLY B 628 -25.06 10.23 -7.34
CA GLY B 628 -25.13 10.78 -6.00
C GLY B 628 -23.99 10.33 -5.11
N MET B 629 -23.55 9.09 -5.27
CA MET B 629 -22.40 8.65 -4.50
C MET B 629 -21.17 9.47 -4.84
N HIS B 630 -20.97 9.78 -6.13
CA HIS B 630 -19.86 10.64 -6.53
C HIS B 630 -20.00 12.01 -5.89
N LEU B 631 -21.18 12.62 -6.05
CA LEU B 631 -21.43 13.91 -5.46
C LEU B 631 -21.22 13.93 -3.97
N ALA B 632 -21.56 12.84 -3.29
CA ALA B 632 -21.36 12.81 -1.85
C ALA B 632 -19.90 12.80 -1.47
N LYS B 633 -19.02 12.35 -2.37
CA LYS B 633 -17.57 12.30 -2.16
C LYS B 633 -16.86 13.54 -2.70
N LEU B 634 -17.57 14.64 -2.95
CA LEU B 634 -16.92 15.91 -3.28
C LEU B 634 -17.20 16.98 -2.23
N PRO B 635 -16.21 17.72 -1.77
CA PRO B 635 -16.37 18.70 -0.68
C PRO B 635 -17.06 20.00 -1.11
N ILE B 636 -18.26 19.87 -1.66
CA ILE B 636 -18.98 21.00 -2.19
C ILE B 636 -20.43 20.57 -2.35
N ASP B 637 -21.35 21.53 -2.27
CA ASP B 637 -22.77 21.30 -2.50
C ASP B 637 -23.02 20.48 -3.76
N PRO B 638 -24.06 19.63 -3.78
CA PRO B 638 -24.19 18.65 -4.87
C PRO B 638 -24.50 19.27 -6.21
N GLN B 639 -25.16 20.42 -6.26
CA GLN B 639 -25.42 21.03 -7.56
C GLN B 639 -24.11 21.41 -8.22
N MET B 640 -23.28 22.17 -7.51
CA MET B 640 -21.96 22.57 -8.00
C MET B 640 -21.06 21.35 -8.23
N GLY B 641 -21.17 20.34 -7.39
CA GLY B 641 -20.49 19.08 -7.67
C GLY B 641 -20.86 18.55 -9.04
N LYS B 642 -22.16 18.55 -9.34
CA LYS B 642 -22.60 18.11 -10.66
C LYS B 642 -22.00 18.98 -11.75
N MET B 643 -21.92 20.29 -11.50
CA MET B 643 -21.32 21.21 -12.46
C MET B 643 -19.84 20.89 -12.70
N ILE B 644 -19.08 20.68 -11.63
CA ILE B 644 -17.68 20.31 -11.78
C ILE B 644 -17.56 19.02 -12.58
N LEU B 645 -18.38 18.02 -12.23
CA LEU B 645 -18.37 16.74 -12.94
C LEU B 645 -18.63 16.92 -14.43
N MET B 646 -19.68 17.66 -14.77
CA MET B 646 -19.97 17.91 -16.17
C MET B 646 -18.80 18.60 -16.84
N SER B 647 -18.14 19.52 -16.14
CA SER B 647 -17.06 20.23 -16.79
C SER B 647 -15.94 19.26 -17.17
N ALA B 648 -15.82 18.12 -16.46
CA ALA B 648 -14.87 17.12 -16.91
C ALA B 648 -15.33 16.53 -18.23
N LEU B 649 -16.55 16.02 -18.27
CA LEU B 649 -17.04 15.40 -19.50
C LEU B 649 -17.08 16.38 -20.68
N PHE B 650 -17.17 17.69 -20.44
CA PHE B 650 -17.28 18.63 -21.54
C PHE B 650 -16.03 19.50 -21.71
N CYS B 651 -14.90 19.13 -21.08
CA CYS B 651 -13.58 19.73 -21.37
C CYS B 651 -13.53 21.23 -21.13
N CYS B 652 -14.13 21.70 -20.04
CA CYS B 652 -14.04 23.10 -19.57
C CYS B 652 -13.72 23.14 -18.07
N LEU B 653 -12.74 22.34 -17.66
CA LEU B 653 -12.48 22.11 -16.25
C LEU B 653 -12.03 23.38 -15.52
N ASP B 654 -11.16 24.17 -16.14
CA ASP B 654 -10.57 25.31 -15.41
C ASP B 654 -11.61 26.38 -15.09
N PRO B 655 -12.35 26.93 -16.04
CA PRO B 655 -13.28 27.98 -15.65
C PRO B 655 -14.43 27.48 -14.78
N ILE B 656 -14.92 26.25 -14.99
CA ILE B 656 -16.06 25.81 -14.18
C ILE B 656 -15.66 25.58 -12.72
N THR B 657 -14.48 25.00 -12.47
CA THR B 657 -14.04 24.87 -11.08
C THR B 657 -13.75 26.23 -10.44
N SER B 658 -13.33 27.23 -11.23
CA SER B 658 -13.21 28.58 -10.69
C SER B 658 -14.56 29.09 -10.23
N ALA B 659 -15.59 28.95 -11.10
CA ALA B 659 -16.95 29.33 -10.72
C ALA B 659 -17.43 28.59 -9.46
N ALA B 660 -17.21 27.27 -9.41
CA ALA B 660 -17.64 26.49 -8.25
C ALA B 660 -16.92 26.93 -7.00
N ALA B 661 -15.60 27.12 -7.07
CA ALA B 661 -14.82 27.43 -5.87
C ALA B 661 -15.27 28.74 -5.27
N ALA B 662 -15.56 29.73 -6.12
CA ALA B 662 -15.96 31.03 -5.60
C ALA B 662 -17.40 31.06 -5.10
N LEU B 663 -18.28 30.18 -5.59
CA LEU B 663 -19.60 30.06 -4.99
C LEU B 663 -19.53 29.40 -3.62
N SER B 664 -18.77 28.31 -3.51
CA SER B 664 -18.65 27.55 -2.27
C SER B 664 -17.99 28.38 -1.18
N PHE B 665 -16.86 28.97 -1.51
CA PHE B 665 -16.04 29.94 -0.80
C PHE B 665 -16.52 31.33 -1.19
N LYS B 666 -15.77 32.36 -0.90
CA LYS B 666 -16.20 33.72 -1.11
C LYS B 666 -15.65 34.26 -2.44
N SER B 667 -16.04 35.51 -2.77
CA SER B 667 -15.46 36.25 -3.88
C SER B 667 -14.13 36.87 -3.48
N PRO B 668 -13.15 36.94 -4.40
CA PRO B 668 -11.83 37.44 -4.05
C PRO B 668 -11.71 38.96 -3.96
N PHE B 669 -12.78 39.70 -4.24
CA PHE B 669 -12.72 41.15 -4.26
C PHE B 669 -13.05 41.71 -2.89
N TYR B 670 -12.21 42.63 -2.42
CA TYR B 670 -12.60 43.54 -1.35
C TYR B 670 -13.60 44.58 -1.88
N SER B 671 -14.32 45.20 -0.94
CA SER B 671 -15.17 46.35 -1.23
C SER B 671 -14.79 47.46 -0.24
N PRO B 672 -13.61 48.06 -0.42
CA PRO B 672 -13.12 49.01 0.57
C PRO B 672 -13.97 50.28 0.63
N LEU B 673 -13.90 50.94 1.78
CA LEU B 673 -14.77 52.06 2.06
C LEU B 673 -14.51 53.20 1.10
N GLY B 674 -15.59 53.77 0.56
CA GLY B 674 -15.54 54.95 -0.29
C GLY B 674 -15.01 54.73 -1.69
N LYS B 675 -14.58 53.52 -2.03
CA LYS B 675 -14.11 53.24 -3.37
C LYS B 675 -15.08 52.33 -4.13
N GLU B 676 -16.35 52.29 -3.70
CA GLU B 676 -17.47 51.61 -4.35
C GLU B 676 -17.52 51.85 -5.86
N SER B 677 -17.28 53.09 -6.28
CA SER B 677 -17.29 53.42 -7.70
C SER B 677 -16.16 52.70 -8.44
N ARG B 678 -14.98 52.63 -7.83
CA ARG B 678 -13.86 52.01 -8.52
C ARG B 678 -13.94 50.50 -8.51
N VAL B 679 -14.56 49.91 -7.47
CA VAL B 679 -14.71 48.45 -7.47
C VAL B 679 -15.65 48.03 -8.59
N ASP B 680 -16.67 48.84 -8.83
CA ASP B 680 -17.59 48.59 -9.94
C ASP B 680 -16.84 48.57 -11.27
N GLU B 681 -15.88 49.49 -11.46
CA GLU B 681 -15.17 49.51 -12.74
C GLU B 681 -14.21 48.32 -12.85
N ILE B 682 -13.53 47.98 -11.76
CA ILE B 682 -12.62 46.84 -11.80
C ILE B 682 -13.38 45.57 -12.12
N LYS B 683 -14.62 45.48 -11.66
CA LYS B 683 -15.38 44.27 -11.90
C LYS B 683 -15.87 44.25 -13.35
N ARG B 684 -16.44 45.36 -13.82
CA ARG B 684 -16.85 45.42 -15.23
C ARG B 684 -15.70 45.02 -16.13
N ARG B 685 -14.49 45.48 -15.82
CA ARG B 685 -13.37 45.26 -16.71
C ARG B 685 -12.82 43.84 -16.62
N MET B 686 -12.90 43.20 -15.45
CA MET B 686 -12.55 41.79 -15.38
C MET B 686 -13.60 40.88 -16.01
N ALA B 687 -14.84 41.36 -16.14
CA ALA B 687 -15.89 40.54 -16.74
C ALA B 687 -15.71 40.38 -18.25
N ARG B 688 -15.00 41.29 -18.91
CA ARG B 688 -14.71 41.19 -20.33
C ARG B 688 -15.98 41.07 -21.17
N ASN B 689 -17.01 41.82 -20.79
CA ASN B 689 -18.31 41.88 -21.46
C ASN B 689 -18.99 40.52 -21.58
N MET B 690 -18.59 39.52 -20.83
CA MET B 690 -19.26 38.25 -20.94
C MET B 690 -20.49 38.14 -20.04
N ARG B 691 -20.78 39.15 -19.22
CA ARG B 691 -22.08 39.24 -18.52
C ARG B 691 -22.28 38.08 -17.55
N SER B 692 -21.20 37.67 -16.90
CA SER B 692 -21.28 36.62 -15.88
C SER B 692 -20.34 36.92 -14.72
N ASP B 693 -20.92 37.11 -13.52
CA ASP B 693 -20.11 37.21 -12.32
C ASP B 693 -19.20 35.99 -12.16
N HIS B 694 -19.64 34.84 -12.64
CA HIS B 694 -18.86 33.63 -12.40
C HIS B 694 -17.65 33.55 -13.32
N LEU B 695 -17.86 33.68 -14.64
CA LEU B 695 -16.70 33.77 -15.52
C LEU B 695 -15.81 34.94 -15.13
N MET B 696 -16.43 35.98 -14.57
CA MET B 696 -15.68 37.14 -14.09
C MET B 696 -14.66 36.72 -13.03
N VAL B 697 -15.06 35.82 -12.14
CA VAL B 697 -14.10 35.35 -11.15
C VAL B 697 -13.02 34.51 -11.83
N HIS B 698 -13.41 33.67 -12.79
CA HIS B 698 -12.39 32.87 -13.46
C HIS B 698 -11.43 33.76 -14.25
N ASN B 699 -11.94 34.80 -14.90
CA ASN B 699 -11.06 35.75 -15.58
C ASN B 699 -10.04 36.31 -14.60
N THR B 700 -10.49 36.65 -13.40
CA THR B 700 -9.59 37.19 -12.38
C THR B 700 -8.48 36.20 -12.04
N ILE B 701 -8.80 34.90 -11.93
CA ILE B 701 -7.75 33.92 -11.60
C ILE B 701 -6.73 33.80 -12.73
N ILE B 702 -7.17 33.87 -13.97
CA ILE B 702 -6.24 33.85 -15.10
C ILE B 702 -5.28 35.03 -14.99
N ALA B 703 -5.81 36.20 -14.63
CA ALA B 703 -4.97 37.39 -14.48
C ALA B 703 -4.04 37.28 -13.27
N TYR B 704 -4.56 36.80 -12.13
CA TYR B 704 -3.69 36.62 -10.97
C TYR B 704 -2.55 35.66 -11.29
N ARG B 705 -2.84 34.55 -11.99
CA ARG B 705 -1.78 33.62 -12.35
C ARG B 705 -0.67 34.31 -13.13
N ASP B 706 -1.04 35.18 -14.09
CA ASP B 706 -0.03 35.85 -14.93
C ASP B 706 0.80 36.81 -14.09
N SER B 707 0.21 37.49 -13.10
CA SER B 707 1.04 38.36 -12.28
C SER B 707 2.03 37.55 -11.45
N ARG B 708 1.73 36.29 -11.16
CA ARG B 708 2.73 35.47 -10.50
C ARG B 708 3.80 34.99 -11.46
N TYR B 709 3.46 34.81 -12.73
CA TYR B 709 4.43 34.46 -13.75
C TYR B 709 5.29 35.65 -14.11
N SER B 710 4.76 36.86 -14.00
CA SER B 710 5.50 38.07 -14.25
C SER B 710 6.07 38.73 -12.99
N HIS B 711 5.99 38.06 -11.84
CA HIS B 711 6.49 38.64 -10.57
C HIS B 711 5.91 40.03 -10.28
N ALA B 712 4.64 40.23 -10.63
CA ALA B 712 3.91 41.46 -10.30
C ALA B 712 2.69 41.19 -9.42
N GLU B 713 2.81 40.25 -8.49
CA GLU B 713 1.65 39.82 -7.71
C GLU B 713 1.08 40.97 -6.89
N ARG B 714 1.93 41.60 -6.06
CA ARG B 714 1.45 42.58 -5.10
C ARG B 714 0.92 43.83 -5.80
N ASP B 715 1.61 44.28 -6.85
CA ASP B 715 1.10 45.43 -7.61
C ASP B 715 -0.25 45.12 -8.22
N PHE B 716 -0.41 43.91 -8.78
CA PHE B 716 -1.66 43.50 -9.38
C PHE B 716 -2.81 43.45 -8.36
N CYS B 717 -2.58 42.83 -7.20
CA CYS B 717 -3.62 42.79 -6.19
C CYS B 717 -3.99 44.19 -5.69
N TYR B 718 -2.99 45.05 -5.54
CA TYR B 718 -3.24 46.44 -5.16
C TYR B 718 -4.19 47.13 -6.15
N LYS B 719 -3.86 47.07 -7.44
CA LYS B 719 -4.60 47.77 -8.48
C LYS B 719 -6.07 47.34 -8.54
N ASN B 720 -6.35 46.09 -8.20
CA ASN B 720 -7.66 45.52 -8.51
C ASN B 720 -8.48 45.15 -7.28
N PHE B 721 -8.10 45.67 -6.12
CA PHE B 721 -8.81 45.45 -4.86
C PHE B 721 -9.08 43.99 -4.58
N LEU B 722 -8.02 43.20 -4.76
CA LEU B 722 -8.05 41.75 -4.63
C LEU B 722 -7.33 41.25 -3.38
N SER B 723 -7.95 40.27 -2.74
CA SER B 723 -7.37 39.52 -1.64
C SER B 723 -6.44 38.48 -2.21
N SER B 724 -5.15 38.65 -1.97
CA SER B 724 -4.18 37.62 -2.37
C SER B 724 -4.57 36.27 -1.79
N MET B 725 -5.01 36.23 -0.52
CA MET B 725 -5.15 34.95 0.14
C MET B 725 -6.42 34.22 -0.25
N THR B 726 -7.51 34.95 -0.51
CA THR B 726 -8.67 34.32 -1.11
C THR B 726 -8.28 33.64 -2.41
N LEU B 727 -7.51 34.34 -3.24
CA LEU B 727 -7.16 33.80 -4.56
C LEU B 727 -6.34 32.53 -4.43
N GLN B 728 -5.39 32.49 -3.51
CA GLN B 728 -4.60 31.27 -3.36
C GLN B 728 -5.45 30.11 -2.85
N GLN B 729 -6.42 30.37 -1.96
CA GLN B 729 -7.27 29.28 -1.50
C GLN B 729 -8.26 28.83 -2.58
N LEU B 730 -8.75 29.74 -3.39
CA LEU B 730 -9.48 29.32 -4.57
C LEU B 730 -8.66 28.36 -5.43
N GLU B 731 -7.38 28.66 -5.65
CA GLU B 731 -6.55 27.79 -6.49
C GLU B 731 -6.32 26.42 -5.85
N ARG B 732 -6.03 26.42 -4.53
CA ARG B 732 -5.95 25.14 -3.81
C ARG B 732 -7.25 24.37 -3.88
N MET B 733 -8.37 25.07 -3.87
CA MET B 733 -9.67 24.41 -4.02
C MET B 733 -9.83 23.83 -5.41
N LYS B 734 -9.48 24.59 -6.45
CA LYS B 734 -9.59 24.12 -7.84
C LYS B 734 -8.76 22.85 -8.02
N ASN B 735 -7.53 22.86 -7.52
CA ASN B 735 -6.70 21.67 -7.66
C ASN B 735 -7.20 20.50 -6.82
N GLN B 736 -7.84 20.78 -5.70
CA GLN B 736 -8.47 19.69 -4.95
C GLN B 736 -9.55 19.01 -5.79
N PHE B 737 -10.42 19.80 -6.43
CA PHE B 737 -11.46 19.23 -7.28
C PHE B 737 -10.85 18.40 -8.43
N SER B 738 -9.84 18.94 -9.11
CA SER B 738 -9.30 18.20 -10.24
C SER B 738 -8.62 16.92 -9.77
N GLU B 739 -7.92 16.97 -8.62
CA GLU B 739 -7.28 15.76 -8.13
C GLU B 739 -8.31 14.70 -7.72
N LEU B 740 -9.42 15.13 -7.11
CA LEU B 740 -10.46 14.19 -6.73
C LEU B 740 -11.06 13.53 -7.96
N LEU B 741 -11.46 14.35 -8.95
CA LEU B 741 -12.02 13.80 -10.19
C LEU B 741 -11.04 12.86 -10.87
N TYR B 742 -9.74 13.18 -10.81
CA TYR B 742 -8.75 12.30 -11.42
C TYR B 742 -8.71 10.95 -10.72
N ASN B 743 -8.66 10.96 -9.38
CA ASN B 743 -8.67 9.71 -8.62
C ASN B 743 -9.97 8.94 -8.81
N TYR B 744 -11.07 9.63 -9.12
CA TYR B 744 -12.31 8.96 -9.43
C TYR B 744 -12.39 8.56 -10.90
N LYS B 745 -11.33 8.78 -11.69
CA LYS B 745 -11.22 8.32 -13.08
C LYS B 745 -12.08 9.12 -14.06
N PHE B 746 -12.46 10.36 -13.73
CA PHE B 746 -13.15 11.23 -14.70
C PHE B 746 -12.19 12.10 -15.52
N LEU B 747 -10.94 12.25 -15.07
CA LEU B 747 -9.94 13.02 -15.78
C LEU B 747 -8.67 12.22 -15.97
N ALA B 748 -8.06 12.39 -17.14
CA ALA B 748 -6.82 11.70 -17.43
C ALA B 748 -5.66 12.36 -16.73
N SER B 749 -5.84 13.60 -16.25
CA SER B 749 -4.80 14.36 -15.57
C SER B 749 -5.36 15.02 -14.31
N SER B 750 -4.54 15.02 -13.25
CA SER B 750 -4.91 15.65 -11.99
C SER B 750 -4.74 17.17 -11.98
N ASN B 751 -4.28 17.78 -13.07
CA ASN B 751 -4.05 19.22 -13.14
C ASN B 751 -5.27 19.92 -13.71
N CYS B 752 -5.80 20.90 -12.96
CA CYS B 752 -6.98 21.57 -13.51
C CYS B 752 -6.67 22.50 -14.66
N LYS B 753 -5.39 22.72 -15.00
CA LYS B 753 -5.06 23.53 -16.17
C LYS B 753 -4.64 22.68 -17.35
N ASP B 754 -4.59 21.35 -17.19
CA ASP B 754 -4.07 20.46 -18.23
C ASP B 754 -4.86 20.57 -19.53
N ALA B 755 -4.13 20.54 -20.66
CA ALA B 755 -4.73 20.91 -21.94
C ALA B 755 -5.87 19.98 -22.32
N ALA B 756 -5.73 18.68 -22.05
CA ALA B 756 -6.74 17.72 -22.45
C ALA B 756 -8.07 17.98 -21.76
N SER B 757 -8.01 18.34 -20.49
CA SER B 757 -9.21 18.71 -19.74
C SER B 757 -9.79 20.06 -20.17
N ASN B 758 -9.19 20.78 -21.11
CA ASN B 758 -9.59 22.17 -21.28
C ASN B 758 -9.77 22.57 -22.74
N LYS B 759 -9.89 21.62 -23.67
CA LYS B 759 -9.99 21.97 -25.09
C LYS B 759 -11.17 22.91 -25.38
N ASN B 760 -12.17 22.97 -24.49
CA ASN B 760 -13.33 23.81 -24.74
C ASN B 760 -13.41 25.03 -23.82
N SER B 761 -12.37 25.29 -23.02
CA SER B 761 -12.48 26.31 -21.98
C SER B 761 -12.56 27.72 -22.52
N GLU B 762 -12.48 27.91 -23.84
CA GLU B 762 -12.63 29.22 -24.46
C GLU B 762 -13.94 29.34 -25.22
N LYS B 763 -14.68 28.25 -25.40
CA LYS B 763 -15.99 28.28 -26.02
C LYS B 763 -16.98 28.83 -25.00
N ILE B 764 -17.25 30.14 -25.04
CA ILE B 764 -18.05 30.80 -24.01
C ILE B 764 -19.49 30.32 -23.98
N PRO B 765 -20.24 30.22 -25.10
CA PRO B 765 -21.60 29.68 -24.97
C PRO B 765 -21.63 28.30 -24.35
N LEU B 766 -20.57 27.51 -24.54
CA LEU B 766 -20.42 26.24 -23.85
C LEU B 766 -20.24 26.42 -22.34
N LEU B 767 -19.49 27.43 -21.90
CA LEU B 767 -19.34 27.65 -20.46
C LEU B 767 -20.66 28.09 -19.83
N ARG B 768 -21.41 28.97 -20.50
CA ARG B 768 -22.74 29.31 -20.02
C ARG B 768 -23.61 28.07 -19.89
N ALA B 769 -23.39 27.07 -20.76
CA ALA B 769 -24.24 25.89 -20.69
C ALA B 769 -23.93 25.09 -19.45
N ILE B 770 -22.64 24.92 -19.14
CA ILE B 770 -22.29 24.10 -17.99
C ILE B 770 -22.57 24.84 -16.68
N ILE B 771 -22.26 26.14 -16.61
CA ILE B 771 -22.67 26.94 -15.45
C ILE B 771 -24.17 26.81 -15.26
N GLY B 772 -24.93 27.03 -16.34
CA GLY B 772 -26.38 26.89 -16.27
C GLY B 772 -26.85 25.53 -15.76
N ALA B 773 -26.19 24.45 -16.21
CA ALA B 773 -26.52 23.12 -15.68
C ALA B 773 -26.29 22.99 -14.18
N GLY B 774 -25.50 23.88 -13.58
CA GLY B 774 -25.27 23.80 -12.17
C GLY B 774 -26.29 24.63 -11.40
N LEU B 775 -26.48 25.87 -11.84
CA LEU B 775 -27.38 26.80 -11.15
C LEU B 775 -28.85 26.63 -11.51
N TYR B 776 -29.17 25.96 -12.61
CA TYR B 776 -30.54 25.55 -12.88
C TYR B 776 -31.14 24.83 -11.67
N PRO B 777 -32.39 25.11 -11.32
CA PRO B 777 -33.35 25.92 -12.06
C PRO B 777 -33.51 27.35 -11.58
N ASN B 778 -32.46 28.00 -11.08
CA ASN B 778 -32.62 29.39 -10.66
C ASN B 778 -32.45 30.28 -11.88
N MET B 779 -33.57 30.57 -12.56
CA MET B 779 -33.57 31.36 -13.79
C MET B 779 -34.35 32.65 -13.64
N ALA B 780 -33.96 33.64 -14.44
CA ALA B 780 -34.65 34.92 -14.49
C ALA B 780 -34.80 35.37 -15.93
N HIS B 781 -35.87 36.11 -16.20
CA HIS B 781 -36.14 36.62 -17.53
C HIS B 781 -36.24 38.14 -17.44
N LEU B 782 -35.53 38.83 -18.33
CA LEU B 782 -35.56 40.27 -18.40
C LEU B 782 -36.43 40.67 -19.58
N ARG B 783 -37.43 41.51 -19.33
CA ARG B 783 -38.49 41.80 -20.29
C ARG B 783 -38.37 43.16 -20.95
N LYS B 784 -37.86 44.16 -20.23
CA LYS B 784 -37.74 45.50 -20.79
C LYS B 784 -36.53 46.15 -20.18
N SER B 785 -35.83 46.95 -20.99
CA SER B 785 -34.60 47.61 -20.58
C SER B 785 -34.73 49.07 -21.02
N ARG B 786 -34.82 49.96 -20.03
CA ARG B 786 -35.03 51.40 -20.23
C ARG B 786 -33.68 52.11 -20.40
N GLN B 787 -33.72 53.45 -20.40
CA GLN B 787 -32.50 54.26 -20.36
C GLN B 787 -32.83 55.59 -19.68
N ILE B 788 -32.10 55.88 -18.59
CA ILE B 788 -32.39 56.99 -17.68
C ILE B 788 -32.27 58.37 -18.36
N LYS B 789 -32.87 59.38 -17.70
CA LYS B 789 -32.92 60.73 -18.24
C LYS B 789 -31.53 61.32 -18.44
N ASN B 790 -30.78 61.51 -17.34
CA ASN B 790 -29.39 61.94 -17.40
C ASN B 790 -28.39 60.78 -17.34
N ARG B 791 -28.73 59.66 -16.70
CA ARG B 791 -27.79 58.57 -16.42
C ARG B 791 -27.64 57.61 -17.61
N VAL B 792 -26.51 56.89 -17.62
CA VAL B 792 -26.26 55.87 -18.64
C VAL B 792 -26.60 54.44 -18.17
N ARG B 793 -26.82 54.23 -16.87
CA ARG B 793 -27.36 52.95 -16.40
C ARG B 793 -28.82 52.81 -16.81
N ALA B 794 -29.26 51.57 -16.94
CA ALA B 794 -30.60 51.25 -17.40
C ALA B 794 -31.41 50.60 -16.26
N ILE B 795 -32.72 50.84 -16.26
CA ILE B 795 -33.61 50.18 -15.32
C ILE B 795 -34.14 48.89 -15.95
N HIS B 796 -34.36 47.88 -15.12
CA HIS B 796 -34.67 46.53 -15.60
C HIS B 796 -36.06 46.10 -15.18
N THR B 797 -36.77 45.50 -16.13
CA THR B 797 -38.00 44.79 -15.83
C THR B 797 -37.65 43.31 -15.91
N MET B 798 -37.42 42.70 -14.76
CA MET B 798 -36.92 41.34 -14.71
C MET B 798 -37.71 40.56 -13.67
N ALA B 799 -37.75 39.25 -13.84
CA ALA B 799 -38.56 38.41 -12.96
C ALA B 799 -37.98 37.01 -12.94
N THR B 800 -38.14 36.34 -11.81
CA THR B 800 -37.75 34.94 -11.68
C THR B 800 -38.80 34.01 -12.30
N ASP B 801 -38.44 32.73 -12.43
CA ASP B 801 -39.36 31.74 -12.98
C ASP B 801 -40.63 31.60 -12.14
N ASP B 802 -40.58 31.94 -10.86
CA ASP B 802 -41.84 31.87 -10.11
C ASP B 802 -42.74 33.07 -10.37
N GLY B 803 -42.23 34.13 -10.99
CA GLY B 803 -43.03 35.28 -11.32
C GLY B 803 -42.68 36.55 -10.58
N ARG B 804 -41.90 36.47 -9.49
CA ARG B 804 -41.59 37.65 -8.70
C ARG B 804 -40.60 38.57 -9.41
N ARG B 805 -40.87 39.87 -9.34
CA ARG B 805 -39.96 40.83 -9.96
C ARG B 805 -38.69 40.99 -9.13
N VAL B 806 -37.54 40.88 -9.78
CA VAL B 806 -36.24 40.96 -9.13
C VAL B 806 -35.33 41.91 -9.90
N ASN B 807 -34.18 42.19 -9.31
CA ASN B 807 -33.18 43.02 -9.95
C ASN B 807 -31.80 42.47 -9.62
N PHE B 808 -30.81 42.93 -10.38
CA PHE B 808 -29.43 42.53 -10.13
C PHE B 808 -28.91 43.25 -8.90
N HIS B 809 -28.31 42.52 -7.99
CA HIS B 809 -27.70 43.17 -6.86
C HIS B 809 -26.64 44.16 -7.35
N PRO B 810 -26.59 45.37 -6.80
CA PRO B 810 -25.61 46.34 -7.29
C PRO B 810 -24.18 45.86 -7.27
N SER B 811 -23.85 44.90 -6.41
CA SER B 811 -22.51 44.32 -6.42
C SER B 811 -22.28 43.40 -7.62
N SER B 812 -23.34 43.02 -8.35
CA SER B 812 -23.22 42.14 -9.51
C SER B 812 -22.81 42.95 -10.73
N VAL B 813 -21.99 42.33 -11.60
CA VAL B 813 -21.51 43.04 -12.78
C VAL B 813 -22.59 43.33 -13.80
N ASN B 814 -23.80 42.78 -13.63
CA ASN B 814 -24.88 43.00 -14.59
C ASN B 814 -25.78 44.16 -14.18
N SER B 815 -25.68 44.63 -12.94
CA SER B 815 -26.58 45.67 -12.46
C SER B 815 -26.41 46.94 -13.28
N GLY B 816 -27.53 47.45 -13.81
CA GLY B 816 -27.58 48.65 -14.62
C GLY B 816 -27.05 48.56 -16.04
N GLU B 817 -26.70 47.37 -16.53
CA GLU B 817 -26.21 47.21 -17.90
C GLU B 817 -27.37 47.18 -18.90
N SER B 818 -27.04 47.45 -20.17
CA SER B 818 -28.08 47.54 -21.19
C SER B 818 -27.95 46.51 -22.29
N GLY B 819 -26.76 46.35 -22.85
CA GLY B 819 -26.56 45.57 -24.07
C GLY B 819 -26.55 44.07 -23.95
N PHE B 820 -27.69 43.43 -23.63
CA PHE B 820 -27.70 41.99 -23.38
C PHE B 820 -28.07 41.24 -24.65
N ASP B 821 -27.19 40.34 -25.09
CA ASP B 821 -27.47 39.48 -26.24
C ASP B 821 -28.54 38.44 -25.92
N SER B 822 -28.82 38.19 -24.65
CA SER B 822 -29.90 37.31 -24.25
C SER B 822 -30.59 37.88 -23.02
N ALA B 823 -31.83 37.47 -22.82
CA ALA B 823 -32.68 37.99 -21.76
C ALA B 823 -32.81 37.04 -20.59
N TYR B 824 -32.14 35.90 -20.64
CA TYR B 824 -32.28 34.86 -19.64
C TYR B 824 -30.99 34.72 -18.86
N PHE B 825 -31.12 34.56 -17.55
CA PHE B 825 -29.99 34.49 -16.64
C PHE B 825 -30.21 33.38 -15.62
N VAL B 826 -29.12 32.80 -15.13
CA VAL B 826 -29.17 31.93 -13.97
C VAL B 826 -28.46 32.61 -12.82
N TYR B 827 -28.78 32.16 -11.60
CA TYR B 827 -28.27 32.77 -10.39
C TYR B 827 -28.06 31.69 -9.33
N PHE B 828 -27.16 31.97 -8.40
CA PHE B 828 -26.95 31.06 -7.29
C PHE B 828 -27.82 31.45 -6.10
N GLN B 829 -27.89 32.74 -5.78
CA GLN B 829 -28.53 33.21 -4.56
C GLN B 829 -29.44 34.39 -4.87
N ARG B 830 -30.70 34.26 -4.52
CA ARG B 830 -31.63 35.39 -4.49
C ARG B 830 -31.79 35.83 -3.04
N GLN B 831 -31.99 37.13 -2.84
CA GLN B 831 -32.04 37.66 -1.48
C GLN B 831 -32.80 38.98 -1.49
N LYS B 832 -33.69 39.17 -0.50
CA LYS B 832 -34.44 40.41 -0.33
C LYS B 832 -33.85 41.21 0.81
N SER B 833 -33.23 42.37 0.52
CA SER B 833 -33.14 43.38 1.57
C SER B 833 -33.87 44.69 1.30
N THR B 834 -33.56 45.39 0.20
CA THR B 834 -34.21 46.63 -0.22
C THR B 834 -35.21 46.37 -1.33
N ASP B 835 -35.07 45.20 -1.92
CA ASP B 835 -35.65 44.76 -3.16
C ASP B 835 -35.23 43.30 -3.22
N LEU B 836 -35.87 42.56 -4.11
CA LEU B 836 -35.51 41.17 -4.31
C LEU B 836 -34.40 41.13 -5.36
N PHE B 837 -33.19 40.78 -4.93
CA PHE B 837 -31.96 40.89 -5.72
C PHE B 837 -31.37 39.52 -6.04
N LEU B 838 -30.74 39.45 -7.20
CA LEU B 838 -29.88 38.33 -7.54
C LEU B 838 -28.43 38.71 -7.28
N LEU B 839 -27.78 37.99 -6.35
CA LEU B 839 -26.44 38.38 -5.90
C LEU B 839 -25.37 38.11 -6.93
N ASP B 840 -25.66 37.27 -7.91
CA ASP B 840 -24.66 36.74 -8.82
C ASP B 840 -25.42 36.16 -10.00
N SER B 841 -24.99 36.46 -11.22
CA SER B 841 -25.71 35.89 -12.35
C SER B 841 -24.78 35.66 -13.53
N THR B 842 -25.24 34.78 -14.40
CA THR B 842 -24.60 34.52 -15.68
C THR B 842 -25.69 34.55 -16.74
N MET B 843 -25.43 35.28 -17.84
CA MET B 843 -26.35 35.30 -18.95
C MET B 843 -26.28 34.00 -19.73
N VAL B 844 -27.42 33.36 -19.94
CA VAL B 844 -27.47 32.02 -20.52
C VAL B 844 -28.33 32.02 -21.79
N PHE B 845 -28.17 30.95 -22.56
CA PHE B 845 -28.98 30.92 -23.79
C PHE B 845 -30.07 29.84 -23.74
N PRO B 846 -31.27 30.14 -24.31
CA PRO B 846 -32.39 29.18 -24.26
C PRO B 846 -32.04 27.77 -24.70
N MET B 847 -31.26 27.63 -25.78
CA MET B 847 -30.88 26.30 -26.23
C MET B 847 -30.11 25.54 -25.16
N ALA B 848 -29.23 26.23 -24.42
CA ALA B 848 -28.48 25.57 -23.35
C ALA B 848 -29.40 25.17 -22.18
N LEU B 849 -30.37 26.03 -21.83
CA LEU B 849 -31.37 25.62 -20.84
C LEU B 849 -32.14 24.39 -21.29
N ILE B 850 -32.57 24.37 -22.55
CA ILE B 850 -33.39 23.25 -23.01
C ILE B 850 -32.62 21.94 -22.92
N ILE B 851 -31.32 21.97 -23.20
CA ILE B 851 -30.57 20.73 -23.31
C ILE B 851 -30.25 20.13 -21.95
N PHE B 852 -29.99 20.96 -20.94
CA PHE B 852 -29.56 20.44 -19.65
C PHE B 852 -30.62 20.49 -18.57
N GLY B 853 -31.68 21.26 -18.76
CA GLY B 853 -32.76 21.40 -17.82
C GLY B 853 -33.73 20.22 -17.90
N ASP B 854 -34.94 20.48 -17.45
CA ASP B 854 -36.01 19.50 -17.42
C ASP B 854 -37.30 20.23 -17.79
N GLY B 855 -38.42 19.50 -17.83
CA GLY B 855 -39.65 20.17 -18.19
C GLY B 855 -39.70 20.50 -19.66
N VAL B 856 -39.01 19.73 -20.49
CA VAL B 856 -38.90 20.02 -21.92
C VAL B 856 -39.99 19.27 -22.64
N GLU B 857 -40.84 19.98 -23.35
CA GLU B 857 -41.81 19.33 -24.23
C GLU B 857 -41.96 20.15 -25.50
N ALA B 858 -42.36 19.48 -26.58
CA ALA B 858 -42.66 20.13 -27.85
C ALA B 858 -44.16 20.02 -28.15
N GLY B 859 -44.72 21.09 -28.68
CA GLY B 859 -46.14 21.11 -28.99
C GLY B 859 -46.49 22.23 -29.94
N VAL B 860 -47.78 22.61 -29.92
CA VAL B 860 -48.25 23.73 -30.73
C VAL B 860 -49.32 24.50 -29.95
N THR B 861 -49.02 25.75 -29.67
CA THR B 861 -49.84 26.86 -29.18
C THR B 861 -49.81 27.87 -30.33
N GLN B 862 -50.36 29.07 -30.16
CA GLN B 862 -51.57 29.45 -30.81
C GLN B 862 -51.66 28.88 -32.23
N ASN B 863 -50.74 29.16 -33.14
CA ASN B 863 -50.62 28.17 -34.20
C ASN B 863 -49.17 27.90 -34.58
N THR B 864 -48.24 28.15 -33.65
CA THR B 864 -46.81 28.02 -33.83
C THR B 864 -46.26 26.81 -33.05
N PRO B 865 -45.34 26.04 -33.62
CA PRO B 865 -44.71 24.95 -32.85
C PRO B 865 -43.68 25.48 -31.87
N TYR B 866 -43.64 24.87 -30.69
CA TYR B 866 -42.77 25.39 -29.63
C TYR B 866 -41.93 24.29 -28.98
N LEU B 867 -40.94 24.75 -28.24
CA LEU B 867 -40.15 23.92 -27.34
C LEU B 867 -40.02 24.72 -26.05
N CYS B 868 -40.37 24.10 -24.92
CA CYS B 868 -40.31 24.78 -23.63
C CYS B 868 -39.28 24.12 -22.71
N VAL B 869 -38.91 24.87 -21.66
CA VAL B 869 -38.06 24.37 -20.59
C VAL B 869 -38.71 24.77 -19.27
N ALA B 870 -38.66 23.85 -18.28
CA ALA B 870 -39.27 23.99 -16.96
C ALA B 870 -40.80 24.06 -17.00
N LYS B 871 -41.40 23.76 -18.14
CA LYS B 871 -42.77 24.15 -18.46
C LYS B 871 -43.03 25.57 -17.98
N THR B 872 -42.05 26.46 -18.17
CA THR B 872 -42.24 27.88 -17.89
C THR B 872 -41.90 28.78 -19.07
N TYR B 873 -40.84 28.48 -19.82
CA TYR B 873 -40.34 29.35 -20.88
C TYR B 873 -40.54 28.66 -22.22
N TYR B 874 -41.38 29.23 -23.08
CA TYR B 874 -41.74 28.61 -24.34
C TYR B 874 -41.09 29.36 -25.49
N PHE B 875 -40.43 28.63 -26.37
CA PHE B 875 -39.68 29.21 -27.49
C PHE B 875 -40.22 28.67 -28.80
N LYS B 876 -40.32 29.55 -29.80
CA LYS B 876 -40.57 29.09 -31.17
C LYS B 876 -39.52 28.06 -31.56
N CYS B 877 -39.97 26.94 -32.11
CA CYS B 877 -39.02 25.93 -32.56
C CYS B 877 -39.72 25.00 -33.53
N ASN B 878 -39.18 24.89 -34.74
CA ASN B 878 -39.73 24.01 -35.75
C ASN B 878 -39.59 22.55 -35.34
N ARG B 879 -40.38 21.70 -36.00
CA ARG B 879 -40.43 20.28 -35.65
C ARG B 879 -39.08 19.61 -35.87
N GLU B 880 -38.34 20.02 -36.92
CA GLU B 880 -37.08 19.34 -37.21
C GLU B 880 -36.08 19.53 -36.08
N THR B 881 -36.03 20.74 -35.52
CA THR B 881 -35.11 20.99 -34.42
C THR B 881 -35.60 20.33 -33.13
N ALA B 882 -36.88 20.51 -32.80
CA ALA B 882 -37.42 19.93 -31.57
C ALA B 882 -37.17 18.42 -31.51
N ASP B 883 -37.49 17.69 -32.58
CA ASP B 883 -37.32 16.24 -32.56
C ASP B 883 -35.88 15.86 -32.24
N VAL B 884 -34.91 16.55 -32.84
CA VAL B 884 -33.52 16.17 -32.65
C VAL B 884 -33.04 16.54 -31.25
N VAL B 885 -33.38 17.74 -30.79
CA VAL B 885 -33.00 18.17 -29.43
C VAL B 885 -33.50 17.18 -28.39
N ILE B 886 -34.73 16.70 -28.56
CA ILE B 886 -35.30 15.77 -27.60
C ILE B 886 -34.58 14.43 -27.66
N GLN B 887 -34.35 13.90 -28.87
CA GLN B 887 -33.50 12.71 -29.00
C GLN B 887 -32.08 12.98 -28.49
N LEU B 888 -31.61 14.21 -28.60
CA LEU B 888 -30.31 14.58 -28.07
C LEU B 888 -30.33 14.53 -26.54
N ARG B 889 -31.38 15.11 -25.93
CA ARG B 889 -31.52 15.02 -24.48
C ARG B 889 -31.60 13.58 -24.03
N SER B 890 -32.36 12.77 -24.76
CA SER B 890 -32.50 11.37 -24.41
C SER B 890 -31.13 10.69 -24.38
N ASN B 891 -30.28 10.94 -25.38
CA ASN B 891 -28.97 10.29 -25.43
C ASN B 891 -28.03 10.84 -24.34
N LEU B 892 -28.10 12.14 -24.05
CA LEU B 892 -27.21 12.68 -23.03
C LEU B 892 -27.50 12.05 -21.67
N GLU B 893 -28.79 11.82 -21.35
CA GLU B 893 -29.11 11.16 -20.08
C GLU B 893 -28.54 9.74 -20.04
N LYS B 894 -28.69 9.01 -21.13
CA LYS B 894 -28.13 7.67 -21.25
C LYS B 894 -26.61 7.70 -21.02
N LEU B 895 -25.94 8.74 -21.51
CA LEU B 895 -24.50 8.83 -21.32
C LEU B 895 -24.12 9.15 -19.88
N LEU B 896 -24.81 10.13 -19.27
CA LEU B 896 -24.57 10.47 -17.86
C LEU B 896 -24.71 9.25 -16.95
N LEU B 897 -25.75 8.43 -17.15
CA LEU B 897 -25.91 7.24 -16.32
C LEU B 897 -24.71 6.30 -16.46
N LYS B 898 -24.15 6.18 -17.66
CA LYS B 898 -23.04 5.27 -17.84
C LYS B 898 -21.76 5.82 -17.25
N LYS B 899 -21.49 7.13 -17.44
CA LYS B 899 -20.26 7.71 -16.90
C LYS B 899 -20.25 7.71 -15.39
N ALA B 900 -21.42 7.87 -14.77
CA ALA B 900 -21.46 7.78 -13.31
C ALA B 900 -21.20 6.35 -12.87
N LEU B 901 -21.80 5.38 -13.56
CA LEU B 901 -21.67 3.99 -13.16
C LEU B 901 -20.29 3.41 -13.48
N TYR B 902 -19.66 3.86 -14.55
CA TYR B 902 -18.41 3.27 -15.03
C TYR B 902 -17.44 4.39 -15.35
N PRO B 903 -16.85 5.01 -14.34
CA PRO B 903 -16.10 6.24 -14.57
C PRO B 903 -14.86 5.96 -15.39
N ALA B 904 -14.61 6.84 -16.35
CA ALA B 904 -13.48 6.78 -17.26
C ALA B 904 -13.49 8.12 -17.99
N PRO B 905 -12.34 8.67 -18.34
CA PRO B 905 -12.36 9.91 -19.13
C PRO B 905 -12.91 9.62 -20.52
N ILE B 906 -13.55 10.64 -21.10
CA ILE B 906 -14.07 10.52 -22.45
C ILE B 906 -12.88 10.59 -23.40
N GLU B 907 -12.60 9.50 -24.11
CA GLU B 907 -11.49 9.47 -25.05
C GLU B 907 -11.77 10.35 -26.27
N GLU B 908 -10.70 10.95 -26.81
CA GLU B 908 -10.85 12.03 -27.80
C GLU B 908 -11.41 11.56 -29.13
N ASN B 909 -11.14 10.32 -29.54
CA ASN B 909 -11.58 9.84 -30.85
C ASN B 909 -12.44 8.61 -30.72
N GLY B 910 -13.33 8.63 -29.73
CA GLY B 910 -14.23 7.53 -29.42
C GLY B 910 -15.69 7.86 -29.66
N TYR B 911 -16.54 6.91 -29.28
CA TYR B 911 -17.98 7.04 -29.51
C TYR B 911 -18.60 8.13 -28.63
N GLU B 912 -18.22 8.20 -27.35
CA GLU B 912 -18.89 9.16 -26.47
C GLU B 912 -18.59 10.59 -26.89
N LYS B 913 -17.38 10.84 -27.36
CA LYS B 913 -17.01 12.18 -27.77
C LYS B 913 -17.91 12.70 -28.90
N GLN B 914 -18.47 11.81 -29.71
CA GLN B 914 -19.30 12.26 -30.84
C GLN B 914 -20.60 12.90 -30.33
N LEU B 915 -21.21 12.34 -29.30
CA LEU B 915 -22.34 13.02 -28.66
C LEU B 915 -21.88 14.32 -28.02
N ILE B 916 -20.68 14.34 -27.44
CA ILE B 916 -20.14 15.58 -26.89
C ILE B 916 -20.06 16.65 -27.99
N LYS B 917 -19.49 16.30 -29.15
CA LYS B 917 -19.42 17.26 -30.26
C LYS B 917 -20.81 17.71 -30.71
N ALA B 918 -21.79 16.79 -30.75
CA ALA B 918 -23.14 17.17 -31.17
C ALA B 918 -23.70 18.29 -30.29
N ILE B 919 -23.34 18.31 -29.01
CA ILE B 919 -23.83 19.36 -28.13
C ILE B 919 -23.03 20.63 -28.34
N GLU B 920 -21.72 20.51 -28.53
CA GLU B 920 -20.90 21.68 -28.81
C GLU B 920 -21.39 22.40 -30.06
N LEU B 921 -21.79 21.64 -31.08
CA LEU B 921 -22.20 22.25 -32.33
C LEU B 921 -23.51 23.02 -32.17
N LEU B 922 -24.48 22.45 -31.44
CA LEU B 922 -25.73 23.18 -31.21
C LEU B 922 -25.50 24.40 -30.32
N LEU B 923 -24.60 24.30 -29.35
CA LEU B 923 -24.45 25.41 -28.44
C LEU B 923 -23.68 26.54 -29.09
N SER B 924 -22.79 26.21 -30.02
CA SER B 924 -21.93 27.21 -30.64
C SER B 924 -22.73 28.18 -31.50
N LEU B 925 -23.98 27.84 -31.85
CA LEU B 925 -24.83 28.69 -32.67
C LEU B 925 -25.18 30.02 -32.02
N ASP B 926 -24.75 30.25 -30.79
CA ASP B 926 -25.10 31.45 -30.05
C ASP B 926 -23.88 32.36 -29.86
N GLU B 927 -22.76 32.04 -30.49
CA GLU B 927 -21.56 32.86 -30.38
C GLU B 927 -21.82 34.30 -30.86
N ARG B 928 -21.01 35.22 -30.30
CA ARG B 928 -21.26 36.66 -30.42
C ARG B 928 -21.20 37.14 -31.87
N LEU B 929 -20.06 36.99 -32.52
CA LEU B 929 -19.91 37.48 -33.89
C LEU B 929 -20.01 36.28 -34.84
#